data_2LRU
#
_entry.id   2LRU
#
_entity_poly.entity_id   1
_entity_poly.type   'polypeptide(L)'
_entity_poly.pdbx_seq_one_letter_code
;GAMDPQEETGVRVELAEEDDGEKIAIKLWLRIEDIKKLKGKYKDNEAIEFSFDLERDVPEDVAQEMVESGYVCEGDHKTM
AKAIKDRVSLIKRKREQR
;
_entity_poly.pdbx_strand_id   A
#
# COMPACT_ATOMS: atom_id res chain seq x y z
N GLY A 1 -9.71 7.90 11.29
CA GLY A 1 -8.30 8.19 10.91
C GLY A 1 -7.44 8.45 12.13
N ALA A 2 -6.13 8.26 11.99
CA ALA A 2 -5.21 8.47 13.09
C ALA A 2 -4.83 9.95 13.21
N MET A 3 -5.43 10.62 14.17
CA MET A 3 -5.13 12.03 14.43
C MET A 3 -3.90 12.14 15.30
N ASP A 4 -3.75 11.20 16.22
CA ASP A 4 -2.62 11.19 17.13
C ASP A 4 -1.38 10.63 16.45
N PRO A 5 -0.22 11.30 16.62
CA PRO A 5 1.07 10.87 16.08
C PRO A 5 1.56 9.52 16.64
N GLN A 6 0.75 8.48 16.47
CA GLN A 6 1.16 7.13 16.83
C GLN A 6 1.71 6.43 15.60
N GLU A 7 0.85 6.26 14.60
CA GLU A 7 1.22 5.61 13.35
C GLU A 7 1.90 4.26 13.61
N GLU A 8 1.13 3.33 14.15
CA GLU A 8 1.65 2.01 14.50
C GLU A 8 1.93 1.19 13.26
N THR A 9 1.21 1.47 12.20
CA THR A 9 1.39 0.77 10.94
C THR A 9 2.73 1.15 10.33
N GLY A 10 3.61 0.17 10.14
CA GLY A 10 4.93 0.45 9.59
C GLY A 10 4.93 0.55 8.08
N VAL A 11 3.79 0.90 7.52
CA VAL A 11 3.64 1.08 6.08
C VAL A 11 2.57 2.11 5.79
N ARG A 12 2.68 2.75 4.64
CA ARG A 12 1.73 3.74 4.21
C ARG A 12 1.81 3.91 2.71
N VAL A 13 0.67 3.97 2.06
CA VAL A 13 0.63 4.08 0.62
C VAL A 13 0.08 5.43 0.19
N GLU A 14 0.80 6.06 -0.72
CA GLU A 14 0.42 7.37 -1.23
C GLU A 14 0.25 7.32 -2.73
N LEU A 15 -0.40 8.33 -3.28
CA LEU A 15 -0.62 8.42 -4.71
C LEU A 15 0.59 9.04 -5.39
N ALA A 16 0.92 8.50 -6.56
CA ALA A 16 2.01 9.04 -7.37
C ALA A 16 1.57 10.32 -8.05
N GLU A 17 0.25 10.50 -8.10
CA GLU A 17 -0.37 11.68 -8.65
C GLU A 17 -1.45 12.15 -7.69
N GLU A 18 -2.33 13.01 -8.15
CA GLU A 18 -3.43 13.47 -7.33
C GLU A 18 -4.77 13.01 -7.90
N ASP A 19 -5.22 11.85 -7.43
CA ASP A 19 -6.49 11.28 -7.89
C ASP A 19 -7.67 12.18 -7.53
N ASP A 20 -8.45 12.52 -8.54
CA ASP A 20 -9.62 13.36 -8.34
C ASP A 20 -10.67 13.08 -9.42
N GLY A 21 -10.49 11.98 -10.15
CA GLY A 21 -11.37 11.69 -11.24
C GLY A 21 -12.13 10.40 -11.05
N GLU A 22 -12.02 9.52 -12.01
CA GLU A 22 -12.77 8.26 -12.01
C GLU A 22 -11.89 7.13 -12.54
N LYS A 23 -10.62 7.44 -12.74
CA LYS A 23 -9.64 6.49 -13.23
C LYS A 23 -9.68 5.20 -12.44
N ILE A 24 -9.88 4.09 -13.13
CA ILE A 24 -9.99 2.80 -12.49
C ILE A 24 -8.63 2.31 -12.06
N ALA A 25 -7.61 2.73 -12.80
CA ALA A 25 -6.26 2.31 -12.51
C ALA A 25 -5.41 3.50 -12.11
N ILE A 26 -4.82 3.40 -10.94
CA ILE A 26 -4.02 4.47 -10.37
C ILE A 26 -2.57 4.04 -10.20
N LYS A 27 -1.76 4.91 -9.64
CA LYS A 27 -0.37 4.58 -9.36
C LYS A 27 -0.02 4.96 -7.93
N LEU A 28 0.33 3.96 -7.15
CA LEU A 28 0.60 4.14 -5.73
C LEU A 28 2.07 3.89 -5.43
N TRP A 29 2.57 4.46 -4.34
CA TRP A 29 3.88 4.11 -3.84
C TRP A 29 3.76 3.56 -2.42
N LEU A 30 4.18 2.33 -2.24
CA LEU A 30 4.21 1.71 -0.92
C LEU A 30 5.41 2.24 -0.14
N ARG A 31 5.12 3.18 0.74
CA ARG A 31 6.15 3.76 1.58
C ARG A 31 6.30 2.96 2.85
N ILE A 32 7.53 2.54 3.13
CA ILE A 32 7.78 1.76 4.34
C ILE A 32 8.05 2.70 5.51
N GLU A 33 7.14 2.68 6.48
CA GLU A 33 7.22 3.57 7.61
C GLU A 33 8.22 3.09 8.64
N ASP A 34 8.18 1.82 8.97
CA ASP A 34 9.06 1.27 9.98
C ASP A 34 9.48 -0.14 9.62
N ILE A 35 10.72 -0.30 9.18
CA ILE A 35 11.22 -1.57 8.72
C ILE A 35 11.51 -2.53 9.87
N LYS A 36 11.49 -2.00 11.10
CA LYS A 36 11.72 -2.82 12.27
C LYS A 36 10.45 -3.58 12.64
N LYS A 37 9.31 -3.09 12.15
CA LYS A 37 8.05 -3.74 12.33
C LYS A 37 7.91 -4.91 11.35
N LEU A 38 8.78 -4.93 10.37
CA LEU A 38 8.73 -5.93 9.32
C LEU A 38 9.73 -7.04 9.59
N LYS A 39 9.69 -8.09 8.79
CA LYS A 39 10.56 -9.23 8.99
C LYS A 39 11.23 -9.63 7.67
N GLY A 40 12.07 -8.75 7.16
CA GLY A 40 12.77 -9.01 5.92
C GLY A 40 13.85 -8.01 5.65
N LYS A 41 14.19 -7.83 4.38
CA LYS A 41 15.20 -6.86 3.98
C LYS A 41 14.53 -5.62 3.41
N TYR A 42 14.48 -4.57 4.22
CA TYR A 42 13.86 -3.32 3.79
C TYR A 42 14.78 -2.15 4.14
N LYS A 43 14.37 -0.95 3.74
CA LYS A 43 15.14 0.26 4.02
C LYS A 43 14.21 1.37 4.50
N ASP A 44 14.65 2.12 5.49
CA ASP A 44 13.84 3.17 6.10
C ASP A 44 13.89 4.45 5.26
N ASN A 45 13.92 4.25 3.95
CA ASN A 45 14.01 5.34 2.99
C ASN A 45 13.62 4.85 1.60
N GLU A 46 12.66 3.94 1.56
CA GLU A 46 12.26 3.31 0.31
C GLU A 46 10.75 3.41 0.11
N ALA A 47 10.35 3.43 -1.15
CA ALA A 47 8.95 3.41 -1.53
C ALA A 47 8.78 2.64 -2.82
N ILE A 48 7.85 1.71 -2.81
CA ILE A 48 7.63 0.82 -3.93
C ILE A 48 6.44 1.27 -4.76
N GLU A 49 6.72 1.84 -5.92
CA GLU A 49 5.67 2.28 -6.84
C GLU A 49 4.98 1.08 -7.48
N PHE A 50 3.66 1.07 -7.44
CA PHE A 50 2.88 0.02 -8.08
C PHE A 50 1.55 0.61 -8.55
N SER A 51 1.10 0.20 -9.72
CA SER A 51 -0.16 0.67 -10.26
C SER A 51 -1.29 -0.22 -9.76
N PHE A 52 -2.43 0.38 -9.44
CA PHE A 52 -3.51 -0.37 -8.83
C PHE A 52 -4.81 -0.15 -9.59
N ASP A 53 -5.29 -1.21 -10.20
CA ASP A 53 -6.61 -1.19 -10.81
C ASP A 53 -7.64 -1.42 -9.71
N LEU A 54 -8.43 -0.41 -9.42
CA LEU A 54 -9.34 -0.41 -8.30
C LEU A 54 -10.47 -1.45 -8.47
N GLU A 55 -10.62 -1.97 -9.68
CA GLU A 55 -11.62 -3.00 -9.92
C GLU A 55 -10.97 -4.36 -10.15
N ARG A 56 -9.89 -4.37 -10.92
CA ARG A 56 -9.25 -5.62 -11.33
C ARG A 56 -8.16 -6.06 -10.35
N ASP A 57 -7.39 -5.11 -9.81
CA ASP A 57 -6.28 -5.45 -8.93
C ASP A 57 -6.76 -5.65 -7.50
N VAL A 58 -6.10 -6.55 -6.80
CA VAL A 58 -6.43 -6.85 -5.42
C VAL A 58 -5.24 -6.55 -4.50
N PRO A 59 -5.45 -5.87 -3.37
CA PRO A 59 -4.36 -5.45 -2.48
C PRO A 59 -3.43 -6.61 -2.12
N GLU A 60 -4.00 -7.71 -1.66
CA GLU A 60 -3.21 -8.87 -1.24
C GLU A 60 -2.57 -9.55 -2.45
N ASP A 61 -3.15 -9.40 -3.63
CA ASP A 61 -2.57 -9.94 -4.85
C ASP A 61 -1.28 -9.20 -5.16
N VAL A 62 -1.36 -7.88 -5.11
CA VAL A 62 -0.22 -7.01 -5.38
C VAL A 62 0.91 -7.27 -4.40
N ALA A 63 0.56 -7.49 -3.14
CA ALA A 63 1.57 -7.74 -2.11
C ALA A 63 2.28 -9.08 -2.35
N GLN A 64 1.59 -10.02 -3.01
CA GLN A 64 2.24 -11.28 -3.39
C GLN A 64 3.27 -11.01 -4.46
N GLU A 65 2.90 -10.17 -5.42
CA GLU A 65 3.81 -9.76 -6.48
C GLU A 65 5.02 -9.09 -5.85
N MET A 66 4.76 -8.25 -4.87
CA MET A 66 5.80 -7.57 -4.11
C MET A 66 6.79 -8.57 -3.53
N VAL A 67 6.27 -9.65 -2.98
CA VAL A 67 7.11 -10.70 -2.40
C VAL A 67 7.92 -11.40 -3.49
N GLU A 68 7.25 -11.83 -4.54
CA GLU A 68 7.89 -12.61 -5.59
C GLU A 68 8.90 -11.78 -6.38
N SER A 69 8.57 -10.51 -6.63
CA SER A 69 9.44 -9.65 -7.41
C SER A 69 10.64 -9.16 -6.59
N GLY A 70 10.70 -9.56 -5.32
CA GLY A 70 11.85 -9.25 -4.50
C GLY A 70 11.79 -7.88 -3.85
N TYR A 71 10.59 -7.41 -3.57
CA TYR A 71 10.41 -6.14 -2.89
C TYR A 71 10.05 -6.37 -1.42
N VAL A 72 9.16 -7.32 -1.19
CA VAL A 72 8.63 -7.58 0.14
C VAL A 72 8.92 -9.02 0.55
N CYS A 73 9.04 -9.25 1.85
CA CYS A 73 9.16 -10.59 2.40
C CYS A 73 7.76 -11.14 2.65
N GLU A 74 7.58 -12.42 2.36
CA GLU A 74 6.27 -13.08 2.46
C GLU A 74 5.73 -13.01 3.88
N GLY A 75 6.61 -12.80 4.84
CA GLY A 75 6.19 -12.66 6.22
C GLY A 75 5.46 -11.36 6.49
N ASP A 76 5.62 -10.39 5.59
CA ASP A 76 4.99 -9.08 5.76
C ASP A 76 3.92 -8.86 4.71
N HIS A 77 3.49 -9.93 4.05
CA HIS A 77 2.49 -9.85 2.99
C HIS A 77 1.23 -9.14 3.47
N LYS A 78 0.69 -9.58 4.60
CA LYS A 78 -0.55 -9.01 5.13
C LYS A 78 -0.36 -7.55 5.48
N THR A 79 0.81 -7.25 6.07
CA THR A 79 1.15 -5.89 6.44
C THR A 79 1.15 -4.96 5.23
N MET A 80 1.79 -5.40 4.15
CA MET A 80 1.88 -4.61 2.93
C MET A 80 0.53 -4.46 2.28
N ALA A 81 -0.19 -5.57 2.17
CA ALA A 81 -1.50 -5.58 1.55
C ALA A 81 -2.47 -4.71 2.33
N LYS A 82 -2.30 -4.71 3.65
CA LYS A 82 -3.12 -3.88 4.50
C LYS A 82 -2.83 -2.41 4.25
N ALA A 83 -1.57 -2.10 3.99
CA ALA A 83 -1.18 -0.75 3.62
C ALA A 83 -1.85 -0.36 2.31
N ILE A 84 -1.79 -1.27 1.35
CA ILE A 84 -2.39 -1.06 0.05
C ILE A 84 -3.91 -0.88 0.19
N LYS A 85 -4.54 -1.80 0.89
CA LYS A 85 -5.98 -1.80 1.07
C LYS A 85 -6.41 -0.57 1.87
N ASP A 86 -5.58 -0.17 2.83
CA ASP A 86 -5.86 1.00 3.64
C ASP A 86 -5.97 2.25 2.76
N ARG A 87 -5.06 2.38 1.81
CA ARG A 87 -5.07 3.52 0.92
C ARG A 87 -6.22 3.43 -0.06
N VAL A 88 -6.37 2.27 -0.69
CA VAL A 88 -7.42 2.07 -1.67
C VAL A 88 -8.79 2.31 -1.03
N SER A 89 -8.91 1.98 0.24
CA SER A 89 -10.14 2.20 0.98
C SER A 89 -10.46 3.70 1.04
N LEU A 90 -9.49 4.52 1.43
CA LEU A 90 -9.72 5.95 1.57
C LEU A 90 -9.90 6.59 0.20
N ILE A 91 -9.15 6.09 -0.77
CA ILE A 91 -9.28 6.49 -2.16
C ILE A 91 -10.72 6.34 -2.64
N LYS A 92 -11.25 5.13 -2.50
CA LYS A 92 -12.62 4.85 -2.91
C LYS A 92 -13.61 5.63 -2.04
N ARG A 93 -13.24 5.87 -0.79
CA ARG A 93 -14.06 6.62 0.15
C ARG A 93 -14.22 8.07 -0.30
N LYS A 94 -13.12 8.68 -0.73
CA LYS A 94 -13.16 10.06 -1.23
C LYS A 94 -14.03 10.15 -2.47
N ARG A 95 -14.02 9.07 -3.25
CA ARG A 95 -14.78 9.00 -4.48
C ARG A 95 -16.28 8.79 -4.22
N GLU A 96 -16.64 8.58 -2.96
CA GLU A 96 -18.04 8.39 -2.60
C GLU A 96 -18.73 9.75 -2.44
N GLN A 97 -17.95 10.81 -2.59
CA GLN A 97 -18.47 12.17 -2.52
C GLN A 97 -18.59 12.74 -3.92
N ARG A 98 -19.69 13.45 -4.18
CA ARG A 98 -19.91 14.06 -5.48
C ARG A 98 -19.33 15.46 -5.52
N GLY A 1 9.27 3.10 15.82
CA GLY A 1 7.87 3.52 15.96
C GLY A 1 6.98 2.37 16.37
N ALA A 2 6.24 1.83 15.42
CA ALA A 2 5.34 0.71 15.70
C ALA A 2 6.13 -0.57 15.97
N MET A 3 6.32 -0.88 17.25
CA MET A 3 7.04 -2.08 17.65
C MET A 3 6.14 -2.98 18.49
N ASP A 4 5.04 -2.43 18.96
CA ASP A 4 4.07 -3.18 19.76
C ASP A 4 2.68 -2.97 19.18
N PRO A 5 1.74 -3.89 19.44
CA PRO A 5 0.38 -3.81 18.90
C PRO A 5 -0.42 -2.65 19.52
N GLN A 6 -0.11 -1.45 19.07
CA GLN A 6 -0.85 -0.26 19.49
C GLN A 6 -0.99 0.69 18.31
N GLU A 7 0.14 1.05 17.72
CA GLU A 7 0.15 1.92 16.54
C GLU A 7 -0.41 1.17 15.34
N GLU A 8 -0.75 1.92 14.30
CA GLU A 8 -1.31 1.33 13.09
C GLU A 8 -0.21 0.59 12.32
N THR A 9 -0.58 -0.06 11.24
CA THR A 9 0.36 -0.81 10.40
C THR A 9 1.58 0.04 10.06
N GLY A 10 2.76 -0.58 10.13
CA GLY A 10 4.01 0.16 9.96
C GLY A 10 4.31 0.50 8.50
N VAL A 11 3.29 0.93 7.78
CA VAL A 11 3.42 1.31 6.38
C VAL A 11 2.34 2.30 5.98
N ARG A 12 2.47 2.85 4.80
CA ARG A 12 1.47 3.75 4.24
C ARG A 12 1.65 3.86 2.73
N VAL A 13 0.55 3.79 2.02
CA VAL A 13 0.59 3.90 0.57
C VAL A 13 0.08 5.27 0.12
N GLU A 14 0.82 5.88 -0.78
CA GLU A 14 0.51 7.22 -1.27
C GLU A 14 0.34 7.20 -2.77
N LEU A 15 -0.31 8.21 -3.31
CA LEU A 15 -0.51 8.33 -4.74
C LEU A 15 0.74 8.90 -5.39
N ALA A 16 1.04 8.43 -6.59
CA ALA A 16 2.12 8.99 -7.38
C ALA A 16 1.65 10.28 -8.03
N GLU A 17 0.36 10.32 -8.31
CA GLU A 17 -0.25 11.48 -8.92
C GLU A 17 -1.46 11.91 -8.11
N GLU A 18 -2.29 12.73 -8.71
CA GLU A 18 -3.51 13.19 -8.07
C GLU A 18 -4.67 12.29 -8.48
N ASP A 19 -5.50 11.92 -7.53
CA ASP A 19 -6.62 11.02 -7.82
C ASP A 19 -7.97 11.65 -7.51
N ASP A 20 -8.67 12.05 -8.55
CA ASP A 20 -10.05 12.52 -8.44
C ASP A 20 -10.72 12.46 -9.81
N GLY A 21 -10.18 11.62 -10.69
CA GLY A 21 -10.66 11.56 -12.05
C GLY A 21 -11.53 10.35 -12.33
N GLU A 22 -11.87 9.60 -11.27
CA GLU A 22 -12.69 8.39 -11.39
C GLU A 22 -11.99 7.31 -12.22
N LYS A 23 -10.69 7.53 -12.46
CA LYS A 23 -9.85 6.58 -13.15
C LYS A 23 -9.75 5.28 -12.36
N ILE A 24 -9.92 4.17 -13.04
CA ILE A 24 -9.96 2.87 -12.39
C ILE A 24 -8.57 2.41 -12.00
N ALA A 25 -7.60 2.86 -12.74
CA ALA A 25 -6.23 2.42 -12.51
C ALA A 25 -5.33 3.59 -12.20
N ILE A 26 -4.68 3.52 -11.04
CA ILE A 26 -3.86 4.59 -10.54
C ILE A 26 -2.43 4.11 -10.33
N LYS A 27 -1.59 4.99 -9.83
CA LYS A 27 -0.22 4.60 -9.50
C LYS A 27 0.10 4.99 -8.06
N LEU A 28 0.43 3.99 -7.26
CA LEU A 28 0.67 4.19 -5.84
C LEU A 28 2.13 3.94 -5.50
N TRP A 29 2.59 4.51 -4.40
CA TRP A 29 3.89 4.17 -3.85
C TRP A 29 3.72 3.60 -2.45
N LEU A 30 4.10 2.35 -2.28
CA LEU A 30 4.11 1.71 -0.98
C LEU A 30 5.29 2.23 -0.16
N ARG A 31 5.02 3.23 0.65
CA ARG A 31 6.06 3.82 1.47
C ARG A 31 6.18 3.07 2.78
N ILE A 32 7.35 2.52 3.02
CA ILE A 32 7.60 1.77 4.24
C ILE A 32 7.79 2.72 5.40
N GLU A 33 6.80 2.74 6.28
CA GLU A 33 6.78 3.64 7.40
C GLU A 33 7.75 3.17 8.49
N ASP A 34 7.58 1.93 8.93
CA ASP A 34 8.41 1.40 10.01
C ASP A 34 8.96 0.03 9.64
N ILE A 35 10.25 -0.01 9.34
CA ILE A 35 10.90 -1.25 8.93
C ILE A 35 11.15 -2.20 10.10
N LYS A 36 11.06 -1.69 11.32
CA LYS A 36 11.27 -2.51 12.50
C LYS A 36 9.99 -3.24 12.87
N LYS A 37 8.90 -2.84 12.24
CA LYS A 37 7.63 -3.49 12.37
C LYS A 37 7.60 -4.72 11.46
N LEU A 38 8.50 -4.71 10.49
CA LEU A 38 8.56 -5.74 9.47
C LEU A 38 9.69 -6.71 9.76
N LYS A 39 9.76 -7.78 8.98
CA LYS A 39 10.82 -8.76 9.14
C LYS A 39 11.33 -9.20 7.77
N GLY A 40 12.11 -8.33 7.15
CA GLY A 40 12.67 -8.62 5.84
C GLY A 40 13.75 -7.63 5.47
N LYS A 41 13.95 -7.45 4.17
CA LYS A 41 14.95 -6.50 3.68
C LYS A 41 14.28 -5.20 3.25
N TYR A 42 14.25 -4.24 4.16
CA TYR A 42 13.65 -2.94 3.88
C TYR A 42 14.57 -1.82 4.35
N LYS A 43 14.20 -0.59 4.06
CA LYS A 43 14.99 0.57 4.48
C LYS A 43 14.06 1.70 4.92
N ASP A 44 14.58 2.59 5.75
CA ASP A 44 13.81 3.73 6.27
C ASP A 44 13.74 4.85 5.24
N ASN A 45 13.64 4.44 3.99
CA ASN A 45 13.54 5.33 2.85
C ASN A 45 13.22 4.50 1.62
N GLU A 46 12.25 3.62 1.79
CA GLU A 46 11.88 2.69 0.75
C GLU A 46 10.43 2.89 0.35
N ALA A 47 10.20 3.16 -0.92
CA ALA A 47 8.86 3.30 -1.44
C ALA A 47 8.73 2.54 -2.73
N ILE A 48 7.78 1.64 -2.76
CA ILE A 48 7.58 0.77 -3.90
C ILE A 48 6.42 1.27 -4.76
N GLU A 49 6.76 1.88 -5.88
CA GLU A 49 5.76 2.37 -6.83
C GLU A 49 5.10 1.21 -7.55
N PHE A 50 3.77 1.20 -7.56
CA PHE A 50 3.00 0.15 -8.20
C PHE A 50 1.66 0.70 -8.66
N SER A 51 1.21 0.27 -9.83
CA SER A 51 -0.09 0.71 -10.35
C SER A 51 -1.20 -0.17 -9.79
N PHE A 52 -2.36 0.41 -9.51
CA PHE A 52 -3.44 -0.34 -8.91
C PHE A 52 -4.75 -0.11 -9.66
N ASP A 53 -5.32 -1.20 -10.14
CA ASP A 53 -6.64 -1.15 -10.72
C ASP A 53 -7.68 -1.37 -9.63
N LEU A 54 -8.45 -0.34 -9.35
CA LEU A 54 -9.37 -0.34 -8.22
C LEU A 54 -10.52 -1.33 -8.39
N GLU A 55 -10.59 -1.97 -9.56
CA GLU A 55 -11.58 -3.00 -9.80
C GLU A 55 -10.91 -4.37 -9.91
N ARG A 56 -9.88 -4.43 -10.73
CA ARG A 56 -9.22 -5.70 -11.05
C ARG A 56 -8.21 -6.12 -9.99
N ASP A 57 -7.39 -5.17 -9.53
CA ASP A 57 -6.29 -5.48 -8.63
C ASP A 57 -6.79 -5.77 -7.21
N VAL A 58 -6.14 -6.73 -6.57
CA VAL A 58 -6.42 -7.07 -5.19
C VAL A 58 -5.18 -6.83 -4.35
N PRO A 59 -5.32 -6.02 -3.29
CA PRO A 59 -4.19 -5.57 -2.46
C PRO A 59 -3.31 -6.71 -1.93
N GLU A 60 -3.93 -7.82 -1.55
CA GLU A 60 -3.16 -8.99 -1.14
C GLU A 60 -2.45 -9.61 -2.34
N ASP A 61 -3.14 -9.67 -3.47
CA ASP A 61 -2.58 -10.19 -4.71
C ASP A 61 -1.37 -9.38 -5.11
N VAL A 62 -1.49 -8.06 -4.97
CA VAL A 62 -0.42 -7.13 -5.33
C VAL A 62 0.78 -7.31 -4.41
N ALA A 63 0.51 -7.49 -3.12
CA ALA A 63 1.59 -7.71 -2.17
C ALA A 63 2.30 -9.02 -2.45
N GLN A 64 1.60 -9.97 -3.07
CA GLN A 64 2.25 -11.20 -3.52
C GLN A 64 3.25 -10.90 -4.61
N GLU A 65 2.86 -10.02 -5.54
CA GLU A 65 3.76 -9.58 -6.60
C GLU A 65 4.97 -8.92 -5.98
N MET A 66 4.72 -8.13 -4.95
CA MET A 66 5.76 -7.47 -4.18
C MET A 66 6.73 -8.49 -3.59
N VAL A 67 6.18 -9.57 -3.05
CA VAL A 67 6.99 -10.63 -2.48
C VAL A 67 7.78 -11.35 -3.57
N GLU A 68 7.09 -11.77 -4.62
CA GLU A 68 7.72 -12.50 -5.71
C GLU A 68 8.84 -11.70 -6.37
N SER A 69 8.58 -10.42 -6.59
CA SER A 69 9.54 -9.56 -7.26
C SER A 69 10.74 -9.25 -6.36
N GLY A 70 10.61 -9.56 -5.07
CA GLY A 70 11.74 -9.41 -4.17
C GLY A 70 11.70 -8.12 -3.38
N TYR A 71 10.60 -7.39 -3.49
CA TYR A 71 10.46 -6.12 -2.77
C TYR A 71 10.03 -6.38 -1.33
N VAL A 72 9.02 -7.22 -1.17
CA VAL A 72 8.45 -7.49 0.13
C VAL A 72 8.74 -8.92 0.55
N CYS A 73 8.91 -9.12 1.85
CA CYS A 73 9.06 -10.44 2.41
C CYS A 73 7.69 -11.05 2.64
N GLU A 74 7.55 -12.33 2.32
CA GLU A 74 6.27 -13.04 2.38
C GLU A 74 5.68 -13.00 3.79
N GLY A 75 6.54 -12.84 4.79
CA GLY A 75 6.09 -12.73 6.16
C GLY A 75 5.35 -11.42 6.42
N ASP A 76 5.62 -10.41 5.61
CA ASP A 76 5.00 -9.10 5.77
C ASP A 76 3.97 -8.87 4.69
N HIS A 77 3.55 -9.95 4.04
CA HIS A 77 2.59 -9.87 2.94
C HIS A 77 1.30 -9.14 3.35
N LYS A 78 0.67 -9.60 4.43
CA LYS A 78 -0.59 -9.01 4.87
C LYS A 78 -0.36 -7.61 5.42
N THR A 79 0.82 -7.38 5.95
CA THR A 79 1.19 -6.07 6.45
C THR A 79 1.21 -5.05 5.31
N MET A 80 1.81 -5.44 4.19
CA MET A 80 1.87 -4.59 3.01
C MET A 80 0.50 -4.45 2.36
N ALA A 81 -0.19 -5.57 2.26
CA ALA A 81 -1.53 -5.60 1.68
C ALA A 81 -2.47 -4.71 2.47
N LYS A 82 -2.26 -4.65 3.78
CA LYS A 82 -3.06 -3.77 4.62
C LYS A 82 -2.75 -2.32 4.31
N ALA A 83 -1.49 -2.02 4.05
CA ALA A 83 -1.08 -0.68 3.64
C ALA A 83 -1.76 -0.32 2.33
N ILE A 84 -1.75 -1.27 1.40
CA ILE A 84 -2.38 -1.10 0.11
C ILE A 84 -3.88 -0.90 0.28
N LYS A 85 -4.50 -1.82 1.02
CA LYS A 85 -5.94 -1.79 1.21
C LYS A 85 -6.37 -0.57 1.99
N ASP A 86 -5.53 -0.12 2.91
CA ASP A 86 -5.80 1.08 3.70
C ASP A 86 -5.94 2.28 2.77
N ARG A 87 -4.98 2.43 1.85
CA ARG A 87 -5.01 3.53 0.91
C ARG A 87 -6.17 3.39 -0.04
N VAL A 88 -6.32 2.21 -0.62
CA VAL A 88 -7.39 1.95 -1.56
C VAL A 88 -8.76 2.20 -0.91
N SER A 89 -8.85 1.90 0.38
CA SER A 89 -10.07 2.13 1.13
C SER A 89 -10.40 3.62 1.19
N LEU A 90 -9.42 4.44 1.56
CA LEU A 90 -9.65 5.87 1.67
C LEU A 90 -9.87 6.48 0.29
N ILE A 91 -9.14 5.96 -0.69
CA ILE A 91 -9.33 6.33 -2.09
C ILE A 91 -10.78 6.10 -2.51
N LYS A 92 -11.26 4.89 -2.29
CA LYS A 92 -12.63 4.54 -2.63
C LYS A 92 -13.62 5.35 -1.82
N ARG A 93 -13.28 5.63 -0.56
CA ARG A 93 -14.12 6.45 0.30
C ARG A 93 -14.28 7.86 -0.25
N LYS A 94 -13.21 8.40 -0.83
CA LYS A 94 -13.25 9.71 -1.46
C LYS A 94 -14.14 9.67 -2.71
N ARG A 95 -14.31 8.46 -3.24
CA ARG A 95 -15.11 8.26 -4.44
C ARG A 95 -16.56 7.93 -4.12
N GLU A 96 -16.90 7.89 -2.83
CA GLU A 96 -18.27 7.60 -2.43
C GLU A 96 -19.08 8.89 -2.35
N GLN A 97 -18.48 9.96 -2.84
CA GLN A 97 -19.12 11.27 -2.90
C GLN A 97 -18.46 12.11 -3.98
N ARG A 98 -19.23 12.98 -4.63
CA ARG A 98 -18.67 13.86 -5.64
C ARG A 98 -18.22 15.16 -5.00
N GLY A 1 -6.39 -7.51 13.48
CA GLY A 1 -7.00 -6.23 13.05
C GLY A 1 -7.04 -5.22 14.17
N ALA A 2 -7.95 -4.25 14.07
CA ALA A 2 -8.09 -3.22 15.08
C ALA A 2 -9.54 -2.85 15.29
N MET A 3 -9.94 -2.78 16.56
CA MET A 3 -11.29 -2.39 16.93
C MET A 3 -11.45 -0.88 16.81
N ASP A 4 -10.35 -0.18 16.99
CA ASP A 4 -10.31 1.25 16.85
C ASP A 4 -9.99 1.62 15.41
N PRO A 5 -10.57 2.75 14.93
CA PRO A 5 -10.28 3.32 13.60
C PRO A 5 -8.82 3.76 13.44
N GLN A 6 -7.89 2.86 13.71
CA GLN A 6 -6.47 3.15 13.54
C GLN A 6 -6.14 3.19 12.05
N GLU A 7 -6.31 2.05 11.39
CA GLU A 7 -6.05 1.93 9.96
C GLU A 7 -4.66 2.47 9.62
N GLU A 8 -3.72 2.13 10.48
CA GLU A 8 -2.34 2.53 10.31
C GLU A 8 -1.41 1.37 10.67
N THR A 9 -0.28 1.30 10.00
CA THR A 9 0.72 0.29 10.27
C THR A 9 2.11 0.87 9.99
N GLY A 10 3.15 0.05 10.06
CA GLY A 10 4.49 0.50 9.70
C GLY A 10 4.67 0.62 8.20
N VAL A 11 3.60 1.06 7.54
CA VAL A 11 3.56 1.24 6.10
C VAL A 11 2.51 2.27 5.77
N ARG A 12 2.62 2.87 4.61
CA ARG A 12 1.65 3.84 4.15
C ARG A 12 1.74 4.01 2.65
N VAL A 13 0.59 4.00 2.00
CA VAL A 13 0.55 4.11 0.57
C VAL A 13 -0.01 5.46 0.14
N GLU A 14 0.71 6.09 -0.76
CA GLU A 14 0.35 7.41 -1.25
C GLU A 14 0.28 7.39 -2.76
N LEU A 15 -0.46 8.33 -3.32
CA LEU A 15 -0.61 8.43 -4.76
C LEU A 15 0.61 9.09 -5.37
N ALA A 16 1.11 8.50 -6.43
CA ALA A 16 2.16 9.11 -7.23
C ALA A 16 1.59 10.30 -7.96
N GLU A 17 0.29 10.20 -8.23
CA GLU A 17 -0.47 11.25 -8.90
C GLU A 17 -1.52 11.79 -7.94
N GLU A 18 -2.56 12.37 -8.48
CA GLU A 18 -3.75 12.69 -7.72
C GLU A 18 -4.91 11.91 -8.29
N ASP A 19 -5.95 11.69 -7.50
CA ASP A 19 -7.05 10.84 -7.94
C ASP A 19 -8.40 11.47 -7.68
N ASP A 20 -8.97 12.08 -8.72
CA ASP A 20 -10.31 12.64 -8.63
C ASP A 20 -11.03 12.53 -9.98
N GLY A 21 -10.57 11.60 -10.81
CA GLY A 21 -11.17 11.42 -12.11
C GLY A 21 -11.94 10.12 -12.22
N GLU A 22 -11.56 9.32 -13.20
CA GLU A 22 -12.32 8.12 -13.52
C GLU A 22 -11.39 6.94 -13.80
N LYS A 23 -10.09 7.17 -13.68
CA LYS A 23 -9.09 6.14 -13.92
C LYS A 23 -9.24 4.99 -12.92
N ILE A 24 -9.42 3.80 -13.45
CA ILE A 24 -9.58 2.62 -12.62
C ILE A 24 -8.23 2.18 -12.08
N ALA A 25 -7.21 2.39 -12.88
CA ALA A 25 -5.86 2.05 -12.49
C ALA A 25 -5.09 3.29 -12.08
N ILE A 26 -4.51 3.25 -10.90
CA ILE A 26 -3.80 4.39 -10.34
C ILE A 26 -2.35 4.04 -10.08
N LYS A 27 -1.57 5.03 -9.72
CA LYS A 27 -0.17 4.81 -9.42
C LYS A 27 0.11 5.11 -7.95
N LEU A 28 0.46 4.07 -7.20
CA LEU A 28 0.69 4.20 -5.77
C LEU A 28 2.16 3.93 -5.43
N TRP A 29 2.60 4.46 -4.29
CA TRP A 29 3.90 4.11 -3.75
C TRP A 29 3.73 3.55 -2.34
N LEU A 30 4.21 2.34 -2.13
CA LEU A 30 4.19 1.71 -0.82
C LEU A 30 5.35 2.20 0.02
N ARG A 31 5.07 3.20 0.84
CA ARG A 31 6.09 3.77 1.71
C ARG A 31 6.26 2.90 2.94
N ILE A 32 7.47 2.39 3.14
CA ILE A 32 7.75 1.58 4.32
C ILE A 32 8.06 2.49 5.50
N GLU A 33 7.14 2.57 6.43
CA GLU A 33 7.24 3.48 7.55
C GLU A 33 8.15 2.96 8.64
N ASP A 34 7.96 1.71 9.02
CA ASP A 34 8.74 1.13 10.11
C ASP A 34 9.29 -0.22 9.71
N ILE A 35 10.56 -0.24 9.33
CA ILE A 35 11.20 -1.44 8.84
C ILE A 35 11.55 -2.41 9.98
N LYS A 36 11.56 -1.92 11.20
CA LYS A 36 11.85 -2.74 12.36
C LYS A 36 10.67 -3.64 12.68
N LYS A 37 9.47 -3.14 12.40
CA LYS A 37 8.25 -3.88 12.57
C LYS A 37 8.15 -5.02 11.57
N LEU A 38 8.96 -4.93 10.53
CA LEU A 38 8.97 -5.93 9.47
C LEU A 38 10.17 -6.86 9.65
N LYS A 39 10.20 -7.93 8.87
CA LYS A 39 11.32 -8.86 8.91
C LYS A 39 11.76 -9.21 7.50
N GLY A 40 12.38 -8.25 6.83
CA GLY A 40 12.87 -8.47 5.49
C GLY A 40 13.99 -7.52 5.13
N LYS A 41 13.93 -6.97 3.94
CA LYS A 41 14.93 -6.02 3.47
C LYS A 41 14.27 -4.74 3.01
N TYR A 42 14.17 -3.79 3.91
CA TYR A 42 13.51 -2.53 3.63
C TYR A 42 14.34 -1.39 4.22
N LYS A 43 14.16 -0.19 3.69
CA LYS A 43 14.84 0.99 4.21
C LYS A 43 13.83 1.94 4.86
N ASP A 44 14.29 2.69 5.86
CA ASP A 44 13.40 3.55 6.65
C ASP A 44 13.08 4.86 5.95
N ASN A 45 12.92 4.77 4.64
CA ASN A 45 12.53 5.89 3.80
C ASN A 45 12.41 5.40 2.37
N GLU A 46 11.87 4.20 2.24
CA GLU A 46 11.76 3.54 0.95
C GLU A 46 10.30 3.35 0.58
N ALA A 47 9.98 3.59 -0.68
CA ALA A 47 8.63 3.42 -1.17
C ALA A 47 8.63 2.65 -2.47
N ILE A 48 7.71 1.71 -2.55
CA ILE A 48 7.59 0.83 -3.70
C ILE A 48 6.43 1.25 -4.60
N GLU A 49 6.75 1.83 -5.73
CA GLU A 49 5.75 2.28 -6.69
C GLU A 49 5.08 1.09 -7.38
N PHE A 50 3.75 1.09 -7.41
CA PHE A 50 2.99 0.05 -8.08
C PHE A 50 1.68 0.63 -8.60
N SER A 51 1.23 0.16 -9.75
CA SER A 51 -0.06 0.57 -10.27
C SER A 51 -1.14 -0.29 -9.64
N PHE A 52 -2.30 0.29 -9.38
CA PHE A 52 -3.38 -0.47 -8.79
C PHE A 52 -4.65 -0.29 -9.59
N ASP A 53 -5.09 -1.35 -10.22
CA ASP A 53 -6.38 -1.35 -10.89
C ASP A 53 -7.45 -1.55 -9.83
N LEU A 54 -8.08 -0.45 -9.43
CA LEU A 54 -9.03 -0.45 -8.32
C LEU A 54 -10.14 -1.46 -8.51
N GLU A 55 -10.45 -1.77 -9.76
CA GLU A 55 -11.53 -2.65 -10.09
C GLU A 55 -11.05 -4.10 -10.25
N ARG A 56 -9.96 -4.29 -10.96
CA ARG A 56 -9.45 -5.63 -11.23
C ARG A 56 -8.51 -6.13 -10.13
N ASP A 57 -7.61 -5.28 -9.69
CA ASP A 57 -6.53 -5.69 -8.80
C ASP A 57 -7.00 -5.89 -7.36
N VAL A 58 -6.21 -6.67 -6.63
CA VAL A 58 -6.46 -6.95 -5.23
C VAL A 58 -5.20 -6.65 -4.43
N PRO A 59 -5.35 -5.91 -3.31
CA PRO A 59 -4.23 -5.48 -2.47
C PRO A 59 -3.41 -6.66 -1.94
N GLU A 60 -4.08 -7.74 -1.57
CA GLU A 60 -3.42 -8.94 -1.13
C GLU A 60 -2.66 -9.60 -2.28
N ASP A 61 -3.18 -9.43 -3.49
CA ASP A 61 -2.56 -10.02 -4.67
C ASP A 61 -1.29 -9.26 -5.03
N VAL A 62 -1.40 -7.93 -5.01
CA VAL A 62 -0.28 -7.06 -5.34
C VAL A 62 0.87 -7.27 -4.37
N ALA A 63 0.55 -7.46 -3.09
CA ALA A 63 1.59 -7.72 -2.10
C ALA A 63 2.25 -9.08 -2.33
N GLN A 64 1.56 -9.97 -3.05
CA GLN A 64 2.15 -11.23 -3.45
C GLN A 64 3.14 -11.01 -4.58
N GLU A 65 2.75 -10.14 -5.51
CA GLU A 65 3.64 -9.73 -6.58
C GLU A 65 4.88 -9.08 -5.98
N MET A 66 4.66 -8.28 -4.95
CA MET A 66 5.74 -7.63 -4.23
C MET A 66 6.74 -8.65 -3.69
N VAL A 67 6.23 -9.76 -3.19
CA VAL A 67 7.06 -10.84 -2.68
C VAL A 67 7.85 -11.50 -3.81
N GLU A 68 7.14 -11.83 -4.88
CA GLU A 68 7.75 -12.53 -6.00
C GLU A 68 8.74 -11.65 -6.73
N SER A 69 8.44 -10.36 -6.79
CA SER A 69 9.28 -9.40 -7.49
C SER A 69 10.53 -9.06 -6.66
N GLY A 70 10.53 -9.44 -5.40
CA GLY A 70 11.68 -9.22 -4.55
C GLY A 70 11.66 -7.87 -3.85
N TYR A 71 10.47 -7.35 -3.61
CA TYR A 71 10.32 -6.08 -2.91
C TYR A 71 9.90 -6.31 -1.46
N VAL A 72 9.04 -7.29 -1.25
CA VAL A 72 8.50 -7.57 0.07
C VAL A 72 8.74 -9.03 0.45
N CYS A 73 8.97 -9.25 1.73
CA CYS A 73 9.10 -10.59 2.27
C CYS A 73 7.71 -11.14 2.57
N GLU A 74 7.52 -12.42 2.28
CA GLU A 74 6.20 -13.06 2.39
C GLU A 74 5.69 -13.04 3.82
N GLY A 75 6.60 -12.91 4.78
CA GLY A 75 6.20 -12.84 6.18
C GLY A 75 5.61 -11.50 6.55
N ASP A 76 5.76 -10.51 5.68
CA ASP A 76 5.21 -9.19 5.91
C ASP A 76 4.18 -8.86 4.84
N HIS A 77 3.68 -9.90 4.19
CA HIS A 77 2.70 -9.76 3.13
C HIS A 77 1.43 -9.09 3.63
N LYS A 78 0.98 -9.49 4.82
CA LYS A 78 -0.25 -8.95 5.41
C LYS A 78 -0.08 -7.46 5.69
N THR A 79 1.08 -7.08 6.18
CA THR A 79 1.39 -5.70 6.49
C THR A 79 1.27 -4.81 5.25
N MET A 80 1.84 -5.28 4.16
CA MET A 80 1.87 -4.51 2.92
C MET A 80 0.48 -4.43 2.30
N ALA A 81 -0.19 -5.58 2.24
CA ALA A 81 -1.52 -5.64 1.65
C ALA A 81 -2.49 -4.75 2.40
N LYS A 82 -2.31 -4.67 3.70
CA LYS A 82 -3.12 -3.79 4.53
C LYS A 82 -2.86 -2.34 4.15
N ALA A 83 -1.59 -2.00 3.96
CA ALA A 83 -1.22 -0.66 3.53
C ALA A 83 -1.88 -0.34 2.20
N ILE A 84 -1.81 -1.30 1.29
CA ILE A 84 -2.40 -1.16 -0.03
C ILE A 84 -3.91 -0.98 0.09
N LYS A 85 -4.54 -1.90 0.82
CA LYS A 85 -5.98 -1.90 0.97
C LYS A 85 -6.45 -0.64 1.67
N ASP A 86 -5.68 -0.17 2.64
CA ASP A 86 -6.08 0.97 3.44
C ASP A 86 -6.15 2.23 2.58
N ARG A 87 -5.19 2.41 1.70
CA ARG A 87 -5.19 3.56 0.82
C ARG A 87 -6.30 3.43 -0.20
N VAL A 88 -6.45 2.24 -0.77
CA VAL A 88 -7.49 1.98 -1.73
C VAL A 88 -8.88 2.21 -1.11
N SER A 89 -9.00 1.85 0.16
CA SER A 89 -10.24 2.09 0.90
C SER A 89 -10.59 3.57 0.90
N LEU A 90 -9.59 4.41 1.20
CA LEU A 90 -9.78 5.86 1.19
C LEU A 90 -10.11 6.35 -0.21
N ILE A 91 -9.37 5.83 -1.18
CA ILE A 91 -9.54 6.18 -2.59
C ILE A 91 -10.94 5.85 -3.08
N LYS A 92 -11.38 4.63 -2.79
CA LYS A 92 -12.70 4.18 -3.21
C LYS A 92 -13.81 4.85 -2.40
N ARG A 93 -13.54 5.11 -1.13
CA ARG A 93 -14.52 5.74 -0.24
C ARG A 93 -15.04 7.05 -0.84
N LYS A 94 -14.15 7.77 -1.49
CA LYS A 94 -14.50 9.05 -2.12
C LYS A 94 -15.32 8.83 -3.39
N ARG A 95 -15.17 7.65 -3.97
CA ARG A 95 -15.82 7.32 -5.23
C ARG A 95 -17.18 6.67 -5.02
N GLU A 96 -17.37 6.03 -3.88
CA GLU A 96 -18.57 5.24 -3.63
C GLU A 96 -19.77 6.11 -3.29
N GLN A 97 -19.85 6.59 -2.06
CA GLN A 97 -21.03 7.33 -1.61
C GLN A 97 -20.69 8.75 -1.20
N ARG A 98 -20.10 9.52 -2.10
CA ARG A 98 -19.82 10.92 -1.85
C ARG A 98 -20.01 11.73 -3.13
N GLY A 1 6.28 7.10 17.66
CA GLY A 1 6.06 8.57 17.68
C GLY A 1 4.64 8.92 18.06
N ALA A 2 3.68 8.31 17.37
CA ALA A 2 2.27 8.52 17.61
C ALA A 2 1.86 9.97 17.42
N MET A 3 2.08 10.49 16.21
CA MET A 3 1.60 11.82 15.87
C MET A 3 0.12 11.75 15.57
N ASP A 4 -0.32 10.56 15.22
CA ASP A 4 -1.72 10.28 14.99
C ASP A 4 -2.13 9.08 15.85
N PRO A 5 -3.41 9.07 16.27
CA PRO A 5 -3.99 8.01 17.12
C PRO A 5 -3.76 6.57 16.67
N GLN A 6 -3.21 6.38 15.48
CA GLN A 6 -3.01 5.03 14.95
C GLN A 6 -1.53 4.75 14.74
N GLU A 7 -0.78 4.72 15.83
CA GLU A 7 0.65 4.39 15.76
C GLU A 7 0.82 2.88 15.65
N GLU A 8 0.68 2.38 14.43
CA GLU A 8 0.87 0.98 14.13
C GLU A 8 0.86 0.80 12.62
N THR A 9 1.18 -0.41 12.16
CA THR A 9 1.24 -0.72 10.75
C THR A 9 2.34 0.11 10.08
N GLY A 10 3.57 -0.41 10.09
CA GLY A 10 4.72 0.34 9.61
C GLY A 10 4.78 0.46 8.10
N VAL A 11 3.66 0.82 7.49
CA VAL A 11 3.56 0.98 6.05
C VAL A 11 2.48 1.98 5.72
N ARG A 12 2.61 2.61 4.57
CA ARG A 12 1.62 3.53 4.08
C ARG A 12 1.70 3.62 2.57
N VAL A 13 0.62 3.99 1.93
CA VAL A 13 0.58 4.05 0.48
C VAL A 13 0.10 5.41 0.02
N GLU A 14 0.80 5.97 -0.95
CA GLU A 14 0.51 7.32 -1.43
C GLU A 14 0.39 7.33 -2.95
N LEU A 15 -0.27 8.35 -3.48
CA LEU A 15 -0.49 8.48 -4.91
C LEU A 15 0.74 9.04 -5.59
N ALA A 16 1.12 8.43 -6.70
CA ALA A 16 2.22 8.94 -7.52
C ALA A 16 1.72 10.02 -8.45
N GLU A 17 0.41 10.05 -8.64
CA GLU A 17 -0.23 10.98 -9.53
C GLU A 17 -1.41 11.64 -8.84
N GLU A 18 -1.94 12.68 -9.45
CA GLU A 18 -3.07 13.39 -8.89
C GLU A 18 -4.36 12.66 -9.21
N ASP A 19 -4.83 11.85 -8.27
CA ASP A 19 -6.04 11.08 -8.46
C ASP A 19 -7.28 11.95 -8.31
N ASP A 20 -7.61 12.67 -9.36
CA ASP A 20 -8.82 13.48 -9.39
C ASP A 20 -9.47 13.39 -10.75
N GLY A 21 -9.58 12.17 -11.24
CA GLY A 21 -10.21 11.95 -12.53
C GLY A 21 -11.13 10.75 -12.51
N GLU A 22 -11.52 10.33 -11.31
CA GLU A 22 -12.35 9.14 -11.13
C GLU A 22 -11.68 7.96 -11.80
N LYS A 23 -10.37 7.89 -11.60
CA LYS A 23 -9.52 6.91 -12.24
C LYS A 23 -9.83 5.51 -11.75
N ILE A 24 -9.81 4.55 -12.67
CA ILE A 24 -9.99 3.16 -12.32
C ILE A 24 -8.65 2.55 -11.99
N ALA A 25 -7.61 3.04 -12.66
CA ALA A 25 -6.28 2.53 -12.45
C ALA A 25 -5.33 3.67 -12.13
N ILE A 26 -4.67 3.55 -10.98
CA ILE A 26 -3.82 4.60 -10.47
C ILE A 26 -2.40 4.10 -10.27
N LYS A 27 -1.54 4.99 -9.80
CA LYS A 27 -0.18 4.62 -9.47
C LYS A 27 0.12 5.01 -8.04
N LEU A 28 0.48 4.02 -7.23
CA LEU A 28 0.73 4.22 -5.82
C LEU A 28 2.19 3.90 -5.48
N TRP A 29 2.64 4.37 -4.33
CA TRP A 29 3.92 3.94 -3.79
C TRP A 29 3.72 3.36 -2.40
N LEU A 30 4.16 2.14 -2.21
CA LEU A 30 4.15 1.52 -0.90
C LEU A 30 5.31 2.07 -0.08
N ARG A 31 5.02 3.05 0.72
CA ARG A 31 6.03 3.72 1.52
C ARG A 31 6.14 3.05 2.87
N ILE A 32 7.32 2.53 3.16
CA ILE A 32 7.53 1.85 4.42
C ILE A 32 7.65 2.86 5.56
N GLU A 33 6.71 2.82 6.49
CA GLU A 33 6.68 3.75 7.59
C GLU A 33 7.73 3.41 8.63
N ASP A 34 7.90 2.11 8.88
CA ASP A 34 8.89 1.66 9.84
C ASP A 34 9.39 0.27 9.48
N ILE A 35 10.65 0.19 9.09
CA ILE A 35 11.23 -1.06 8.65
C ILE A 35 11.55 -2.00 9.81
N LYS A 36 11.54 -1.48 11.03
CA LYS A 36 11.87 -2.28 12.21
C LYS A 36 10.71 -3.20 12.57
N LYS A 37 9.50 -2.70 12.35
CA LYS A 37 8.28 -3.46 12.59
C LYS A 37 8.16 -4.63 11.62
N LEU A 38 8.84 -4.54 10.50
CA LEU A 38 8.77 -5.58 9.48
C LEU A 38 9.88 -6.62 9.70
N LYS A 39 9.92 -7.64 8.87
CA LYS A 39 10.96 -8.65 8.96
C LYS A 39 11.51 -8.98 7.58
N GLY A 40 12.30 -8.08 7.05
CA GLY A 40 12.89 -8.27 5.74
C GLY A 40 13.91 -7.20 5.43
N LYS A 41 14.28 -7.07 4.17
CA LYS A 41 15.23 -6.06 3.75
C LYS A 41 14.51 -4.83 3.22
N TYR A 42 14.20 -3.91 4.12
CA TYR A 42 13.55 -2.66 3.76
C TYR A 42 14.40 -1.49 4.25
N LYS A 43 14.40 -0.41 3.50
CA LYS A 43 15.17 0.77 3.90
C LYS A 43 14.25 1.88 4.38
N ASP A 44 14.74 2.67 5.33
CA ASP A 44 13.96 3.78 5.92
C ASP A 44 13.96 5.00 4.99
N ASN A 45 13.91 4.71 3.69
CA ASN A 45 13.90 5.72 2.66
C ASN A 45 13.44 5.09 1.35
N GLU A 46 12.68 4.02 1.48
CA GLU A 46 12.31 3.19 0.35
C GLU A 46 10.80 3.11 0.20
N ALA A 47 10.34 3.26 -1.03
CA ALA A 47 8.94 3.13 -1.36
C ALA A 47 8.78 2.33 -2.63
N ILE A 48 7.81 1.46 -2.64
CA ILE A 48 7.60 0.56 -3.75
C ILE A 48 6.44 1.04 -4.62
N GLU A 49 6.79 1.65 -5.74
CA GLU A 49 5.82 2.16 -6.70
C GLU A 49 5.09 0.99 -7.38
N PHE A 50 3.77 1.04 -7.35
CA PHE A 50 2.94 0.01 -7.96
C PHE A 50 1.63 0.60 -8.46
N SER A 51 1.16 0.15 -9.61
CA SER A 51 -0.08 0.62 -10.18
C SER A 51 -1.24 -0.20 -9.62
N PHE A 52 -2.41 0.41 -9.45
CA PHE A 52 -3.52 -0.31 -8.85
C PHE A 52 -4.81 -0.02 -9.60
N ASP A 53 -5.41 -1.07 -10.13
CA ASP A 53 -6.73 -0.98 -10.71
C ASP A 53 -7.76 -1.22 -9.61
N LEU A 54 -8.55 -0.20 -9.34
CA LEU A 54 -9.47 -0.22 -8.22
C LEU A 54 -10.63 -1.21 -8.43
N GLU A 55 -10.70 -1.79 -9.62
CA GLU A 55 -11.72 -2.78 -9.91
C GLU A 55 -11.10 -4.16 -10.11
N ARG A 56 -10.02 -4.22 -10.90
CA ARG A 56 -9.37 -5.47 -11.22
C ARG A 56 -8.41 -5.92 -10.11
N ASP A 57 -7.54 -5.01 -9.68
CA ASP A 57 -6.45 -5.36 -8.77
C ASP A 57 -6.94 -5.69 -7.37
N VAL A 58 -6.16 -6.49 -6.69
CA VAL A 58 -6.42 -6.89 -5.31
C VAL A 58 -5.18 -6.60 -4.47
N PRO A 59 -5.37 -5.88 -3.35
CA PRO A 59 -4.25 -5.44 -2.48
C PRO A 59 -3.43 -6.60 -1.95
N GLU A 60 -4.10 -7.69 -1.58
CA GLU A 60 -3.42 -8.88 -1.13
C GLU A 60 -2.64 -9.53 -2.27
N ASP A 61 -3.20 -9.49 -3.45
CA ASP A 61 -2.59 -10.08 -4.63
C ASP A 61 -1.37 -9.28 -5.06
N VAL A 62 -1.50 -7.96 -5.03
CA VAL A 62 -0.40 -7.06 -5.39
C VAL A 62 0.78 -7.25 -4.44
N ALA A 63 0.49 -7.45 -3.17
CA ALA A 63 1.54 -7.66 -2.18
C ALA A 63 2.26 -8.99 -2.42
N GLN A 64 1.63 -9.91 -3.13
CA GLN A 64 2.28 -11.16 -3.51
C GLN A 64 3.25 -10.90 -4.65
N GLU A 65 2.84 -10.05 -5.58
CA GLU A 65 3.72 -9.61 -6.66
C GLU A 65 4.96 -8.96 -6.05
N MET A 66 4.71 -8.17 -5.01
CA MET A 66 5.78 -7.51 -4.26
C MET A 66 6.79 -8.51 -3.73
N VAL A 67 6.30 -9.62 -3.21
CA VAL A 67 7.16 -10.66 -2.66
C VAL A 67 7.93 -11.37 -3.77
N GLU A 68 7.24 -11.70 -4.86
CA GLU A 68 7.86 -12.41 -5.97
C GLU A 68 8.93 -11.57 -6.65
N SER A 69 8.74 -10.26 -6.63
CA SER A 69 9.66 -9.36 -7.30
C SER A 69 10.83 -9.01 -6.39
N GLY A 70 10.80 -9.49 -5.16
CA GLY A 70 11.91 -9.28 -4.25
C GLY A 70 11.84 -7.94 -3.54
N TYR A 71 10.66 -7.32 -3.52
CA TYR A 71 10.48 -6.05 -2.82
C TYR A 71 10.07 -6.29 -1.37
N VAL A 72 9.17 -7.24 -1.17
CA VAL A 72 8.64 -7.53 0.15
C VAL A 72 8.92 -8.97 0.53
N CYS A 73 9.14 -9.21 1.82
CA CYS A 73 9.26 -10.55 2.34
C CYS A 73 7.86 -11.08 2.64
N GLU A 74 7.64 -12.35 2.29
CA GLU A 74 6.33 -12.97 2.33
C GLU A 74 5.70 -12.91 3.73
N GLY A 75 6.52 -12.72 4.74
CA GLY A 75 6.03 -12.66 6.11
C GLY A 75 5.38 -11.33 6.43
N ASP A 76 5.70 -10.31 5.66
CA ASP A 76 5.11 -8.98 5.87
C ASP A 76 4.04 -8.73 4.81
N HIS A 77 3.62 -9.80 4.15
CA HIS A 77 2.63 -9.72 3.07
C HIS A 77 1.33 -9.08 3.55
N LYS A 78 0.83 -9.52 4.71
CA LYS A 78 -0.42 -9.01 5.26
C LYS A 78 -0.27 -7.53 5.61
N THR A 79 0.88 -7.18 6.14
CA THR A 79 1.18 -5.80 6.49
C THR A 79 1.14 -4.90 5.26
N MET A 80 1.78 -5.36 4.19
CA MET A 80 1.85 -4.59 2.96
C MET A 80 0.47 -4.46 2.32
N ALA A 81 -0.23 -5.59 2.24
CA ALA A 81 -1.57 -5.61 1.64
C ALA A 81 -2.53 -4.74 2.44
N LYS A 82 -2.33 -4.69 3.75
CA LYS A 82 -3.14 -3.86 4.61
C LYS A 82 -2.89 -2.39 4.31
N ALA A 83 -1.63 -2.05 4.09
CA ALA A 83 -1.27 -0.69 3.70
C ALA A 83 -1.94 -0.32 2.39
N ILE A 84 -1.89 -1.25 1.44
CA ILE A 84 -2.52 -1.08 0.15
C ILE A 84 -4.03 -0.91 0.33
N LYS A 85 -4.62 -1.86 1.05
CA LYS A 85 -6.06 -1.89 1.25
C LYS A 85 -6.54 -0.64 1.96
N ASP A 86 -5.77 -0.17 2.95
CA ASP A 86 -6.15 1.00 3.73
C ASP A 86 -6.18 2.23 2.84
N ARG A 87 -5.20 2.35 1.96
CA ARG A 87 -5.15 3.48 1.03
C ARG A 87 -6.24 3.36 -0.01
N VAL A 88 -6.39 2.18 -0.58
CA VAL A 88 -7.40 1.93 -1.57
C VAL A 88 -8.80 2.19 -1.00
N SER A 89 -8.95 1.93 0.29
CA SER A 89 -10.21 2.19 0.98
C SER A 89 -10.58 3.67 0.88
N LEU A 90 -9.64 4.55 1.24
CA LEU A 90 -9.90 5.99 1.22
C LEU A 90 -10.01 6.49 -0.21
N ILE A 91 -9.23 5.90 -1.09
CA ILE A 91 -9.33 6.17 -2.52
C ILE A 91 -10.71 5.81 -3.05
N LYS A 92 -11.18 4.61 -2.70
CA LYS A 92 -12.50 4.15 -3.09
C LYS A 92 -13.58 4.96 -2.38
N ARG A 93 -13.25 5.53 -1.23
CA ARG A 93 -14.18 6.36 -0.49
C ARG A 93 -14.54 7.60 -1.32
N LYS A 94 -13.58 8.04 -2.14
CA LYS A 94 -13.83 9.11 -3.08
C LYS A 94 -14.85 8.65 -4.13
N ARG A 95 -14.77 7.38 -4.50
CA ARG A 95 -15.72 6.77 -5.43
C ARG A 95 -17.07 6.50 -4.77
N GLU A 96 -17.11 6.60 -3.45
CA GLU A 96 -18.36 6.38 -2.72
C GLU A 96 -19.26 7.61 -2.77
N GLN A 97 -19.57 8.03 -3.98
CA GLN A 97 -20.44 9.18 -4.19
C GLN A 97 -21.87 8.72 -4.40
N ARG A 98 -22.81 9.59 -4.11
CA ARG A 98 -24.21 9.28 -4.30
C ARG A 98 -24.70 9.86 -5.61
N GLY A 1 -9.83 2.73 15.35
CA GLY A 1 -8.80 3.58 15.98
C GLY A 1 -7.73 4.00 14.99
N ALA A 2 -6.62 4.50 15.51
CA ALA A 2 -5.48 4.93 14.70
C ALA A 2 -5.86 6.06 13.75
N MET A 3 -6.67 7.00 14.24
CA MET A 3 -7.07 8.16 13.47
C MET A 3 -5.87 9.08 13.26
N ASP A 4 -5.00 9.11 14.26
CA ASP A 4 -3.75 9.85 14.17
C ASP A 4 -2.60 8.86 14.02
N PRO A 5 -1.64 9.19 13.14
CA PRO A 5 -0.42 8.37 12.90
C PRO A 5 0.47 8.19 14.13
N GLN A 6 -0.09 7.68 15.22
CA GLN A 6 0.68 7.36 16.40
C GLN A 6 1.26 5.96 16.30
N GLU A 7 0.44 5.02 15.85
CA GLU A 7 0.83 3.63 15.72
C GLU A 7 -0.32 2.85 15.09
N GLU A 8 -0.07 2.22 13.96
CA GLU A 8 -1.09 1.47 13.27
C GLU A 8 -0.48 0.34 12.45
N THR A 9 0.42 0.69 11.55
CA THR A 9 1.08 -0.27 10.68
C THR A 9 2.32 0.40 10.10
N GLY A 10 3.44 -0.33 10.04
CA GLY A 10 4.69 0.26 9.61
C GLY A 10 4.81 0.43 8.11
N VAL A 11 3.70 0.82 7.48
CA VAL A 11 3.64 1.09 6.06
C VAL A 11 2.56 2.09 5.76
N ARG A 12 2.67 2.77 4.63
CA ARG A 12 1.69 3.75 4.22
C ARG A 12 1.76 3.93 2.71
N VAL A 13 0.60 3.95 2.09
CA VAL A 13 0.54 4.05 0.65
C VAL A 13 -0.07 5.38 0.21
N GLU A 14 0.57 5.99 -0.77
CA GLU A 14 0.16 7.30 -1.26
C GLU A 14 0.09 7.29 -2.78
N LEU A 15 -0.60 8.28 -3.33
CA LEU A 15 -0.79 8.39 -4.77
C LEU A 15 0.43 9.02 -5.43
N ALA A 16 0.84 8.43 -6.54
CA ALA A 16 1.88 9.02 -7.37
C ALA A 16 1.28 10.14 -8.19
N GLU A 17 -0.02 10.04 -8.41
CA GLU A 17 -0.76 11.02 -9.17
C GLU A 17 -2.08 11.30 -8.47
N GLU A 18 -2.63 12.46 -8.72
CA GLU A 18 -3.84 12.90 -8.04
C GLU A 18 -5.05 12.17 -8.59
N ASP A 19 -5.81 11.55 -7.70
CA ASP A 19 -7.00 10.83 -8.12
C ASP A 19 -8.22 11.73 -8.09
N ASP A 20 -8.86 11.88 -9.24
CA ASP A 20 -10.03 12.73 -9.35
C ASP A 20 -10.96 12.22 -10.46
N GLY A 21 -11.85 11.31 -10.11
CA GLY A 21 -12.83 10.85 -11.07
C GLY A 21 -13.19 9.40 -10.86
N GLU A 22 -12.61 8.55 -11.67
CA GLU A 22 -12.99 7.14 -11.72
C GLU A 22 -11.94 6.32 -12.46
N LYS A 23 -10.68 6.61 -12.19
CA LYS A 23 -9.59 5.85 -12.76
C LYS A 23 -9.65 4.41 -12.27
N ILE A 24 -9.58 3.48 -13.21
CA ILE A 24 -9.68 2.07 -12.89
C ILE A 24 -8.33 1.56 -12.42
N ALA A 25 -7.29 2.20 -12.91
CA ALA A 25 -5.94 1.81 -12.56
C ALA A 25 -5.12 3.04 -12.20
N ILE A 26 -4.62 3.03 -10.97
CA ILE A 26 -3.89 4.17 -10.44
C ILE A 26 -2.44 3.79 -10.16
N LYS A 27 -1.69 4.74 -9.64
CA LYS A 27 -0.29 4.50 -9.32
C LYS A 27 -0.02 4.91 -7.88
N LEU A 28 0.39 3.94 -7.08
CA LEU A 28 0.63 4.14 -5.66
C LEU A 28 2.09 3.87 -5.32
N TRP A 29 2.58 4.47 -4.26
CA TRP A 29 3.90 4.14 -3.74
C TRP A 29 3.79 3.61 -2.32
N LEU A 30 4.27 2.40 -2.12
CA LEU A 30 4.28 1.77 -0.81
C LEU A 30 5.44 2.32 0.01
N ARG A 31 5.14 3.32 0.80
CA ARG A 31 6.15 3.95 1.65
C ARG A 31 6.24 3.23 2.98
N ILE A 32 7.42 2.69 3.27
CA ILE A 32 7.64 1.97 4.51
C ILE A 32 7.75 2.95 5.68
N GLU A 33 6.87 2.80 6.65
CA GLU A 33 6.81 3.70 7.78
C GLU A 33 7.75 3.25 8.90
N ASP A 34 7.76 1.96 9.18
CA ASP A 34 8.52 1.43 10.31
C ASP A 34 9.00 0.02 10.01
N ILE A 35 10.28 -0.12 9.76
CA ILE A 35 10.86 -1.41 9.41
C ILE A 35 11.02 -2.34 10.60
N LYS A 36 10.84 -1.81 11.81
CA LYS A 36 10.92 -2.62 13.02
C LYS A 36 9.69 -3.51 13.13
N LYS A 37 8.61 -3.07 12.51
CA LYS A 37 7.38 -3.80 12.44
C LYS A 37 7.50 -4.93 11.42
N LEU A 38 8.35 -4.72 10.44
CA LEU A 38 8.50 -5.63 9.32
C LEU A 38 9.58 -6.67 9.62
N LYS A 39 9.47 -7.82 8.96
CA LYS A 39 10.40 -8.91 9.14
C LYS A 39 11.46 -8.87 8.04
N GLY A 40 11.03 -8.46 6.85
CA GLY A 40 11.94 -8.35 5.73
C GLY A 40 12.92 -7.20 5.88
N LYS A 41 13.78 -7.04 4.89
CA LYS A 41 14.81 -6.02 4.93
C LYS A 41 14.40 -4.83 4.08
N TYR A 42 14.20 -3.68 4.72
CA TYR A 42 13.75 -2.48 4.01
C TYR A 42 14.49 -1.26 4.53
N LYS A 43 14.43 -0.19 3.74
CA LYS A 43 14.96 1.09 4.15
C LYS A 43 13.90 1.87 4.92
N ASP A 44 14.33 2.71 5.87
CA ASP A 44 13.39 3.48 6.69
C ASP A 44 12.89 4.71 5.94
N ASN A 45 12.88 4.58 4.64
CA ASN A 45 12.40 5.61 3.74
C ASN A 45 12.25 4.98 2.35
N GLU A 46 11.73 3.76 2.34
CA GLU A 46 11.53 3.01 1.13
C GLU A 46 10.13 3.28 0.59
N ALA A 47 10.00 3.25 -0.72
CA ALA A 47 8.72 3.42 -1.37
C ALA A 47 8.66 2.63 -2.66
N ILE A 48 7.80 1.64 -2.66
CA ILE A 48 7.64 0.78 -3.80
C ILE A 48 6.47 1.24 -4.66
N GLU A 49 6.77 1.85 -5.79
CA GLU A 49 5.76 2.30 -6.73
C GLU A 49 5.09 1.12 -7.43
N PHE A 50 3.78 1.06 -7.35
CA PHE A 50 3.01 0.01 -8.00
C PHE A 50 1.71 0.57 -8.56
N SER A 51 1.24 0.00 -9.65
CA SER A 51 -0.02 0.39 -10.22
C SER A 51 -1.13 -0.44 -9.61
N PHE A 52 -2.27 0.18 -9.30
CA PHE A 52 -3.34 -0.55 -8.65
C PHE A 52 -4.60 -0.45 -9.47
N ASP A 53 -5.00 -1.56 -10.05
CA ASP A 53 -6.27 -1.65 -10.73
C ASP A 53 -7.35 -1.93 -9.70
N LEU A 54 -8.27 -1.00 -9.56
CA LEU A 54 -9.27 -1.05 -8.52
C LEU A 54 -10.33 -2.12 -8.80
N GLU A 55 -10.28 -2.69 -9.99
CA GLU A 55 -11.20 -3.74 -10.38
C GLU A 55 -10.48 -5.08 -10.55
N ARG A 56 -9.34 -5.03 -11.22
CA ARG A 56 -8.55 -6.21 -11.50
C ARG A 56 -7.66 -6.60 -10.32
N ASP A 57 -6.91 -5.64 -9.80
CA ASP A 57 -5.89 -5.93 -8.81
C ASP A 57 -6.47 -5.98 -7.41
N VAL A 58 -5.94 -6.89 -6.62
CA VAL A 58 -6.35 -7.04 -5.23
C VAL A 58 -5.19 -6.67 -4.32
N PRO A 59 -5.43 -5.94 -3.22
CA PRO A 59 -4.37 -5.48 -2.32
C PRO A 59 -3.38 -6.59 -1.98
N GLU A 60 -3.90 -7.73 -1.54
CA GLU A 60 -3.06 -8.87 -1.18
C GLU A 60 -2.36 -9.44 -2.41
N ASP A 61 -2.98 -9.31 -3.57
CA ASP A 61 -2.42 -9.83 -4.81
C ASP A 61 -1.20 -9.02 -5.21
N VAL A 62 -1.32 -7.69 -5.07
CA VAL A 62 -0.21 -6.80 -5.35
C VAL A 62 0.95 -7.08 -4.41
N ALA A 63 0.63 -7.31 -3.14
CA ALA A 63 1.66 -7.64 -2.18
C ALA A 63 2.32 -8.98 -2.51
N GLN A 64 1.56 -9.87 -3.15
CA GLN A 64 2.12 -11.13 -3.64
C GLN A 64 3.15 -10.86 -4.72
N GLU A 65 2.80 -9.97 -5.65
CA GLU A 65 3.73 -9.55 -6.69
C GLU A 65 4.97 -8.96 -6.04
N MET A 66 4.74 -8.12 -5.04
CA MET A 66 5.82 -7.52 -4.27
C MET A 66 6.75 -8.57 -3.70
N VAL A 67 6.17 -9.61 -3.13
CA VAL A 67 6.94 -10.71 -2.55
C VAL A 67 7.71 -11.45 -3.64
N GLU A 68 7.02 -11.83 -4.71
CA GLU A 68 7.62 -12.65 -5.76
C GLU A 68 8.72 -11.89 -6.51
N SER A 69 8.52 -10.60 -6.71
CA SER A 69 9.47 -9.79 -7.46
C SER A 69 10.74 -9.50 -6.63
N GLY A 70 10.70 -9.77 -5.34
CA GLY A 70 11.86 -9.59 -4.51
C GLY A 70 11.87 -8.27 -3.76
N TYR A 71 10.71 -7.63 -3.68
CA TYR A 71 10.58 -6.38 -2.94
C TYR A 71 10.18 -6.65 -1.49
N VAL A 72 9.11 -7.40 -1.33
CA VAL A 72 8.54 -7.67 -0.02
C VAL A 72 8.80 -9.10 0.41
N CYS A 73 8.87 -9.32 1.72
CA CYS A 73 9.04 -10.64 2.29
C CYS A 73 7.68 -11.24 2.57
N GLU A 74 7.57 -12.56 2.36
CA GLU A 74 6.30 -13.26 2.48
C GLU A 74 5.73 -13.18 3.90
N GLY A 75 6.57 -12.81 4.86
CA GLY A 75 6.12 -12.69 6.23
C GLY A 75 5.43 -11.36 6.51
N ASP A 76 5.60 -10.41 5.60
CA ASP A 76 5.02 -9.09 5.77
C ASP A 76 3.95 -8.84 4.71
N HIS A 77 3.51 -9.91 4.06
CA HIS A 77 2.51 -9.82 3.00
C HIS A 77 1.24 -9.13 3.48
N LYS A 78 0.73 -9.56 4.62
CA LYS A 78 -0.53 -9.00 5.16
C LYS A 78 -0.35 -7.53 5.50
N THR A 79 0.81 -7.20 6.04
CA THR A 79 1.15 -5.83 6.41
C THR A 79 1.15 -4.92 5.18
N MET A 80 1.84 -5.36 4.14
CA MET A 80 1.95 -4.58 2.91
C MET A 80 0.60 -4.42 2.26
N ALA A 81 -0.13 -5.51 2.16
CA ALA A 81 -1.44 -5.52 1.53
C ALA A 81 -2.41 -4.62 2.28
N LYS A 82 -2.30 -4.63 3.61
CA LYS A 82 -3.16 -3.79 4.44
C LYS A 82 -2.87 -2.33 4.15
N ALA A 83 -1.59 -2.01 3.98
CA ALA A 83 -1.18 -0.65 3.62
C ALA A 83 -1.83 -0.26 2.31
N ILE A 84 -1.77 -1.16 1.35
CA ILE A 84 -2.36 -0.96 0.04
C ILE A 84 -3.87 -0.75 0.18
N LYS A 85 -4.50 -1.68 0.88
CA LYS A 85 -5.93 -1.67 1.08
C LYS A 85 -6.37 -0.40 1.80
N ASP A 86 -5.67 -0.05 2.86
CA ASP A 86 -5.99 1.12 3.67
C ASP A 86 -6.09 2.38 2.82
N ARG A 87 -5.18 2.51 1.85
CA ARG A 87 -5.20 3.65 0.95
C ARG A 87 -6.35 3.53 -0.03
N VAL A 88 -6.48 2.36 -0.65
CA VAL A 88 -7.52 2.11 -1.63
C VAL A 88 -8.90 2.30 -1.03
N SER A 89 -9.04 1.95 0.25
CA SER A 89 -10.28 2.11 0.97
C SER A 89 -10.69 3.59 1.01
N LEU A 90 -9.74 4.45 1.37
CA LEU A 90 -10.03 5.88 1.47
C LEU A 90 -10.19 6.50 0.09
N ILE A 91 -9.38 6.01 -0.85
CA ILE A 91 -9.48 6.39 -2.26
C ILE A 91 -10.90 6.17 -2.79
N LYS A 92 -11.39 4.95 -2.63
CA LYS A 92 -12.74 4.60 -3.08
C LYS A 92 -13.79 5.30 -2.23
N ARG A 93 -13.49 5.51 -0.95
CA ARG A 93 -14.39 6.18 -0.02
C ARG A 93 -14.76 7.57 -0.54
N LYS A 94 -13.76 8.32 -0.97
CA LYS A 94 -13.98 9.66 -1.49
C LYS A 94 -14.74 9.61 -2.80
N ARG A 95 -14.51 8.55 -3.57
CA ARG A 95 -15.20 8.34 -4.83
C ARG A 95 -16.68 8.03 -4.62
N GLU A 96 -17.00 7.52 -3.44
CA GLU A 96 -18.38 7.19 -3.10
C GLU A 96 -19.16 8.45 -2.73
N GLN A 97 -18.49 9.60 -2.81
CA GLN A 97 -19.06 10.88 -2.39
C GLN A 97 -19.50 10.79 -0.94
N ARG A 98 -18.69 10.09 -0.15
CA ARG A 98 -19.05 9.76 1.20
C ARG A 98 -18.02 10.33 2.17
N GLY A 1 -0.08 -4.95 13.46
CA GLY A 1 0.78 -5.55 14.51
C GLY A 1 1.95 -4.67 14.87
N ALA A 2 1.66 -3.45 15.33
CA ALA A 2 2.71 -2.52 15.69
C ALA A 2 2.99 -2.55 17.19
N MET A 3 2.16 -3.30 17.91
CA MET A 3 2.25 -3.43 19.38
C MET A 3 1.83 -2.14 20.08
N ASP A 4 2.68 -1.12 19.98
CA ASP A 4 2.37 0.18 20.53
C ASP A 4 2.37 1.21 19.41
N PRO A 5 1.47 2.21 19.51
CA PRO A 5 1.27 3.27 18.50
C PRO A 5 2.56 3.84 17.89
N GLN A 6 3.04 3.18 16.83
CA GLN A 6 4.13 3.70 16.03
C GLN A 6 3.57 4.67 15.00
N GLU A 7 2.72 4.15 14.13
CA GLU A 7 2.02 4.93 13.13
C GLU A 7 0.81 4.12 12.66
N GLU A 8 0.17 3.45 13.61
CA GLU A 8 -0.86 2.45 13.34
C GLU A 8 -0.24 1.28 12.56
N THR A 9 -0.08 1.47 11.26
CA THR A 9 0.61 0.52 10.42
C THR A 9 2.04 0.95 10.17
N GLY A 10 2.95 -0.01 10.05
CA GLY A 10 4.32 0.31 9.70
C GLY A 10 4.49 0.43 8.21
N VAL A 11 3.41 0.79 7.55
CA VAL A 11 3.35 0.93 6.12
C VAL A 11 2.33 1.99 5.75
N ARG A 12 2.49 2.57 4.59
CA ARG A 12 1.53 3.53 4.09
C ARG A 12 1.73 3.74 2.60
N VAL A 13 0.64 3.70 1.88
CA VAL A 13 0.67 3.87 0.45
C VAL A 13 0.18 5.25 0.07
N GLU A 14 0.84 5.87 -0.88
CA GLU A 14 0.50 7.22 -1.31
C GLU A 14 0.36 7.29 -2.83
N LEU A 15 -0.38 8.29 -3.29
CA LEU A 15 -0.64 8.47 -4.70
C LEU A 15 0.55 9.13 -5.37
N ALA A 16 1.00 8.54 -6.47
CA ALA A 16 2.08 9.11 -7.26
C ALA A 16 1.59 10.35 -8.00
N GLU A 17 0.28 10.41 -8.17
CA GLU A 17 -0.36 11.53 -8.85
C GLU A 17 -1.69 11.84 -8.18
N GLU A 18 -2.30 12.94 -8.57
CA GLU A 18 -3.54 13.38 -7.95
C GLU A 18 -4.71 12.61 -8.51
N ASP A 19 -5.32 11.80 -7.65
CA ASP A 19 -6.41 10.92 -8.07
C ASP A 19 -7.76 11.59 -7.92
N ASP A 20 -8.43 11.83 -9.03
CA ASP A 20 -9.79 12.36 -9.02
C ASP A 20 -10.35 12.42 -10.44
N GLY A 21 -11.16 11.43 -10.80
CA GLY A 21 -11.86 11.48 -12.06
C GLY A 21 -12.20 10.10 -12.59
N GLU A 22 -11.45 9.67 -13.56
CA GLU A 22 -11.76 8.47 -14.32
C GLU A 22 -10.68 7.41 -14.12
N LYS A 23 -9.80 7.65 -13.17
CA LYS A 23 -8.72 6.75 -12.87
C LYS A 23 -9.23 5.45 -12.27
N ILE A 24 -9.32 4.44 -13.10
CA ILE A 24 -9.62 3.11 -12.62
C ILE A 24 -8.33 2.48 -12.16
N ALA A 25 -7.30 2.69 -12.94
CA ALA A 25 -5.98 2.24 -12.61
C ALA A 25 -5.12 3.42 -12.19
N ILE A 26 -4.65 3.35 -10.96
CA ILE A 26 -3.91 4.44 -10.36
C ILE A 26 -2.45 4.07 -10.19
N LYS A 27 -1.69 4.98 -9.60
CA LYS A 27 -0.27 4.76 -9.42
C LYS A 27 0.08 5.06 -7.96
N LEU A 28 0.47 4.02 -7.23
CA LEU A 28 0.73 4.13 -5.81
C LEU A 28 2.19 3.85 -5.49
N TRP A 29 2.67 4.42 -4.39
CA TRP A 29 3.96 4.06 -3.85
C TRP A 29 3.77 3.51 -2.44
N LEU A 30 4.17 2.26 -2.24
CA LEU A 30 4.13 1.64 -0.93
C LEU A 30 5.31 2.11 -0.09
N ARG A 31 5.04 2.96 0.87
CA ARG A 31 6.07 3.48 1.75
C ARG A 31 6.06 2.72 3.06
N ILE A 32 7.25 2.54 3.63
CA ILE A 32 7.38 1.79 4.87
C ILE A 32 7.55 2.72 6.05
N GLU A 33 6.49 2.85 6.85
CA GLU A 33 6.49 3.75 7.99
C GLU A 33 7.45 3.27 9.07
N ASP A 34 7.45 1.96 9.31
CA ASP A 34 8.29 1.40 10.36
C ASP A 34 8.84 0.06 9.93
N ILE A 35 10.11 0.06 9.53
CA ILE A 35 10.76 -1.15 9.04
C ILE A 35 11.09 -2.12 10.16
N LYS A 36 11.08 -1.64 11.40
CA LYS A 36 11.50 -2.45 12.53
C LYS A 36 10.49 -3.53 12.84
N LYS A 37 9.22 -3.28 12.52
CA LYS A 37 8.16 -4.23 12.75
C LYS A 37 8.09 -5.27 11.64
N LEU A 38 8.91 -5.10 10.61
CA LEU A 38 8.92 -6.02 9.49
C LEU A 38 10.11 -6.97 9.59
N LYS A 39 10.03 -8.09 8.90
CA LYS A 39 11.10 -9.08 8.93
C LYS A 39 11.67 -9.31 7.54
N GLY A 40 12.32 -8.29 7.00
CA GLY A 40 12.90 -8.39 5.68
C GLY A 40 14.00 -7.38 5.46
N LYS A 41 14.11 -6.88 4.23
CA LYS A 41 15.14 -5.90 3.90
C LYS A 41 14.50 -4.60 3.47
N TYR A 42 14.15 -3.78 4.45
CA TYR A 42 13.48 -2.52 4.19
C TYR A 42 14.27 -1.37 4.80
N LYS A 43 14.10 -0.17 4.27
CA LYS A 43 14.78 1.01 4.80
C LYS A 43 13.78 2.07 5.23
N ASP A 44 14.20 2.95 6.12
CA ASP A 44 13.35 4.04 6.61
C ASP A 44 13.26 5.17 5.59
N ASN A 45 13.22 4.77 4.34
CA ASN A 45 13.19 5.66 3.20
C ASN A 45 12.80 4.86 1.97
N GLU A 46 11.96 3.86 2.18
CA GLU A 46 11.65 2.88 1.15
C GLU A 46 10.27 3.13 0.58
N ALA A 47 10.17 3.06 -0.73
CA ALA A 47 8.90 3.19 -1.41
C ALA A 47 8.86 2.29 -2.64
N ILE A 48 7.72 1.66 -2.84
CA ILE A 48 7.53 0.73 -3.93
C ILE A 48 6.37 1.19 -4.81
N GLU A 49 6.71 1.73 -5.96
CA GLU A 49 5.72 2.24 -6.91
C GLU A 49 5.03 1.09 -7.65
N PHE A 50 3.72 1.03 -7.56
CA PHE A 50 2.93 0.02 -8.24
C PHE A 50 1.63 0.62 -8.76
N SER A 51 1.20 0.19 -9.93
CA SER A 51 -0.04 0.66 -10.52
C SER A 51 -1.19 -0.21 -10.04
N PHE A 52 -2.26 0.41 -9.56
CA PHE A 52 -3.34 -0.35 -8.94
C PHE A 52 -4.66 -0.10 -9.66
N ASP A 53 -5.18 -1.14 -10.28
CA ASP A 53 -6.49 -1.09 -10.88
C ASP A 53 -7.53 -1.29 -9.80
N LEU A 54 -8.31 -0.26 -9.53
CA LEU A 54 -9.26 -0.25 -8.43
C LEU A 54 -10.38 -1.28 -8.63
N GLU A 55 -10.51 -1.79 -9.84
CA GLU A 55 -11.54 -2.76 -10.14
C GLU A 55 -10.95 -4.16 -10.30
N ARG A 56 -9.79 -4.25 -10.93
CA ARG A 56 -9.14 -5.53 -11.18
C ARG A 56 -8.18 -5.91 -10.07
N ASP A 57 -7.27 -5.01 -9.72
CA ASP A 57 -6.20 -5.31 -8.78
C ASP A 57 -6.72 -5.51 -7.37
N VAL A 58 -6.01 -6.35 -6.63
CA VAL A 58 -6.36 -6.68 -5.26
C VAL A 58 -5.16 -6.48 -4.35
N PRO A 59 -5.33 -5.75 -3.25
CA PRO A 59 -4.21 -5.38 -2.36
C PRO A 59 -3.31 -6.57 -2.00
N GLU A 60 -3.93 -7.65 -1.52
CA GLU A 60 -3.19 -8.83 -1.12
C GLU A 60 -2.53 -9.51 -2.32
N ASP A 61 -3.14 -9.36 -3.50
CA ASP A 61 -2.58 -9.92 -4.72
C ASP A 61 -1.29 -9.19 -5.08
N VAL A 62 -1.36 -7.87 -5.03
CA VAL A 62 -0.21 -7.02 -5.34
C VAL A 62 0.93 -7.27 -4.38
N ALA A 63 0.61 -7.44 -3.10
CA ALA A 63 1.62 -7.70 -2.09
C ALA A 63 2.29 -9.06 -2.32
N GLN A 64 1.57 -9.98 -2.94
CA GLN A 64 2.16 -11.27 -3.33
C GLN A 64 3.14 -11.06 -4.47
N GLU A 65 2.75 -10.23 -5.42
CA GLU A 65 3.63 -9.84 -6.52
C GLU A 65 4.89 -9.21 -5.96
N MET A 66 4.70 -8.38 -4.94
CA MET A 66 5.80 -7.70 -4.25
C MET A 66 6.79 -8.71 -3.65
N VAL A 67 6.27 -9.81 -3.15
CA VAL A 67 7.10 -10.87 -2.58
C VAL A 67 7.89 -11.56 -3.68
N GLU A 68 7.26 -11.76 -4.82
CA GLU A 68 7.90 -12.44 -5.95
C GLU A 68 8.89 -11.52 -6.65
N SER A 69 8.58 -10.23 -6.67
CA SER A 69 9.41 -9.26 -7.36
C SER A 69 10.69 -8.96 -6.57
N GLY A 70 10.65 -9.24 -5.27
CA GLY A 70 11.80 -9.02 -4.42
C GLY A 70 11.72 -7.71 -3.67
N TYR A 71 10.53 -7.16 -3.59
CA TYR A 71 10.31 -5.93 -2.84
C TYR A 71 9.94 -6.23 -1.40
N VAL A 72 9.06 -7.21 -1.23
CA VAL A 72 8.53 -7.54 0.09
C VAL A 72 8.85 -8.99 0.43
N CYS A 73 9.06 -9.25 1.71
CA CYS A 73 9.26 -10.60 2.18
C CYS A 73 7.91 -11.20 2.58
N GLU A 74 7.74 -12.49 2.29
CA GLU A 74 6.46 -13.17 2.40
C GLU A 74 5.82 -13.05 3.79
N GLY A 75 6.64 -12.83 4.81
CA GLY A 75 6.11 -12.74 6.16
C GLY A 75 5.41 -11.42 6.42
N ASP A 76 5.72 -10.41 5.62
CA ASP A 76 5.15 -9.08 5.81
C ASP A 76 4.04 -8.82 4.80
N HIS A 77 3.58 -9.90 4.16
CA HIS A 77 2.55 -9.79 3.12
C HIS A 77 1.28 -9.11 3.65
N LYS A 78 0.82 -9.52 4.83
CA LYS A 78 -0.41 -8.98 5.39
C LYS A 78 -0.25 -7.50 5.70
N THR A 79 0.91 -7.15 6.23
CA THR A 79 1.22 -5.77 6.57
C THR A 79 1.19 -4.88 5.32
N MET A 80 1.84 -5.34 4.26
CA MET A 80 1.92 -4.56 3.03
C MET A 80 0.56 -4.41 2.39
N ALA A 81 -0.16 -5.53 2.30
CA ALA A 81 -1.48 -5.55 1.69
C ALA A 81 -2.44 -4.65 2.43
N LYS A 82 -2.27 -4.55 3.74
CA LYS A 82 -3.13 -3.71 4.56
C LYS A 82 -2.90 -2.25 4.21
N ALA A 83 -1.64 -1.89 3.99
CA ALA A 83 -1.31 -0.53 3.58
C ALA A 83 -1.97 -0.20 2.26
N ILE A 84 -1.88 -1.15 1.34
CA ILE A 84 -2.49 -1.03 0.03
C ILE A 84 -4.00 -0.89 0.18
N LYS A 85 -4.59 -1.80 0.93
CA LYS A 85 -6.03 -1.84 1.11
C LYS A 85 -6.54 -0.61 1.86
N ASP A 86 -5.80 -0.17 2.86
CA ASP A 86 -6.20 0.99 3.66
C ASP A 86 -6.23 2.24 2.78
N ARG A 87 -5.21 2.38 1.93
CA ARG A 87 -5.15 3.48 0.99
C ARG A 87 -6.27 3.39 -0.03
N VAL A 88 -6.38 2.24 -0.68
CA VAL A 88 -7.43 2.01 -1.65
C VAL A 88 -8.81 2.27 -1.03
N SER A 89 -8.96 1.89 0.22
CA SER A 89 -10.19 2.14 0.97
C SER A 89 -10.53 3.63 0.95
N LEU A 90 -9.60 4.47 1.42
CA LEU A 90 -9.85 5.90 1.53
C LEU A 90 -10.01 6.52 0.15
N ILE A 91 -9.22 6.03 -0.80
CA ILE A 91 -9.35 6.41 -2.19
C ILE A 91 -10.78 6.22 -2.69
N LYS A 92 -11.30 5.02 -2.46
CA LYS A 92 -12.66 4.70 -2.88
C LYS A 92 -13.69 5.44 -2.03
N ARG A 93 -13.37 5.72 -0.77
CA ARG A 93 -14.25 6.45 0.11
C ARG A 93 -14.46 7.89 -0.37
N LYS A 94 -13.40 8.48 -0.93
CA LYS A 94 -13.50 9.81 -1.54
C LYS A 94 -14.48 9.75 -2.72
N ARG A 95 -14.58 8.57 -3.32
CA ARG A 95 -15.41 8.35 -4.49
C ARG A 95 -16.82 7.93 -4.10
N GLU A 96 -17.01 7.63 -2.82
CA GLU A 96 -18.31 7.16 -2.31
C GLU A 96 -19.28 8.31 -2.14
N GLN A 97 -18.87 9.50 -2.53
CA GLN A 97 -19.75 10.66 -2.52
C GLN A 97 -20.74 10.55 -3.68
N ARG A 98 -20.40 9.68 -4.62
CA ARG A 98 -21.23 9.44 -5.79
C ARG A 98 -21.64 7.97 -5.83
N GLY A 1 9.04 5.12 21.59
CA GLY A 1 9.57 5.19 20.21
C GLY A 1 8.82 6.22 19.38
N ALA A 2 7.66 5.83 18.87
CA ALA A 2 6.85 6.73 18.08
C ALA A 2 6.02 7.65 18.97
N MET A 3 5.94 8.92 18.61
CA MET A 3 5.14 9.86 19.37
C MET A 3 3.67 9.64 19.08
N ASP A 4 3.41 8.92 18.00
CA ASP A 4 2.06 8.53 17.61
C ASP A 4 1.79 7.11 18.08
N PRO A 5 0.50 6.80 18.33
CA PRO A 5 0.06 5.46 18.72
C PRO A 5 0.78 4.34 17.97
N GLN A 6 1.40 3.44 18.72
CA GLN A 6 2.22 2.37 18.18
C GLN A 6 1.47 1.59 17.10
N GLU A 7 1.94 1.71 15.88
CA GLU A 7 1.39 0.96 14.77
C GLU A 7 2.41 -0.06 14.28
N GLU A 8 2.07 -1.33 14.45
CA GLU A 8 2.93 -2.43 13.99
C GLU A 8 2.95 -2.48 12.47
N THR A 9 1.92 -1.91 11.86
CA THR A 9 1.83 -1.83 10.42
C THR A 9 2.63 -0.64 9.91
N GLY A 10 3.97 -0.79 9.94
CA GLY A 10 4.87 0.27 9.52
C GLY A 10 4.91 0.44 8.02
N VAL A 11 3.78 0.81 7.45
CA VAL A 11 3.67 1.08 6.02
C VAL A 11 2.62 2.14 5.76
N ARG A 12 2.68 2.74 4.58
CA ARG A 12 1.69 3.71 4.16
C ARG A 12 1.76 3.91 2.65
N VAL A 13 0.61 3.96 2.01
CA VAL A 13 0.54 4.04 0.57
C VAL A 13 -0.02 5.39 0.13
N GLU A 14 0.59 5.95 -0.90
CA GLU A 14 0.23 7.27 -1.40
C GLU A 14 0.15 7.25 -2.92
N LEU A 15 -0.55 8.24 -3.47
CA LEU A 15 -0.72 8.35 -4.91
C LEU A 15 0.52 8.97 -5.54
N ALA A 16 0.90 8.45 -6.70
CA ALA A 16 1.97 9.03 -7.49
C ALA A 16 1.40 10.11 -8.37
N GLU A 17 0.10 10.30 -8.26
CA GLU A 17 -0.65 11.21 -9.11
C GLU A 17 -1.74 11.90 -8.29
N GLU A 18 -2.48 12.77 -8.94
CA GLU A 18 -3.50 13.56 -8.27
C GLU A 18 -4.88 12.97 -8.54
N ASP A 19 -5.20 11.87 -7.87
CA ASP A 19 -6.47 11.20 -8.11
C ASP A 19 -7.50 11.65 -7.08
N ASP A 20 -8.57 12.27 -7.58
CA ASP A 20 -9.68 12.70 -6.73
C ASP A 20 -11.00 12.50 -7.45
N GLY A 21 -11.00 11.67 -8.48
CA GLY A 21 -12.17 11.51 -9.30
C GLY A 21 -12.73 10.12 -9.28
N GLU A 22 -12.84 9.53 -10.46
CA GLU A 22 -13.45 8.24 -10.63
C GLU A 22 -12.60 7.36 -11.53
N LYS A 23 -11.30 7.42 -11.33
CA LYS A 23 -10.36 6.63 -12.09
C LYS A 23 -10.36 5.19 -11.63
N ILE A 24 -10.22 4.29 -12.59
CA ILE A 24 -10.24 2.86 -12.32
C ILE A 24 -8.85 2.38 -12.00
N ALA A 25 -7.86 3.01 -12.58
CA ALA A 25 -6.49 2.59 -12.40
C ALA A 25 -5.61 3.77 -11.97
N ILE A 26 -4.79 3.52 -10.97
CA ILE A 26 -3.97 4.56 -10.38
C ILE A 26 -2.53 4.10 -10.25
N LYS A 27 -1.70 4.96 -9.67
CA LYS A 27 -0.33 4.60 -9.39
C LYS A 27 -0.01 4.96 -7.94
N LEU A 28 0.39 3.97 -7.16
CA LEU A 28 0.64 4.14 -5.75
C LEU A 28 2.10 3.89 -5.40
N TRP A 29 2.53 4.46 -4.28
CA TRP A 29 3.83 4.14 -3.71
C TRP A 29 3.66 3.58 -2.30
N LEU A 30 4.13 2.37 -2.10
CA LEU A 30 4.12 1.74 -0.79
C LEU A 30 5.32 2.22 0.00
N ARG A 31 5.11 3.22 0.82
CA ARG A 31 6.18 3.74 1.67
C ARG A 31 6.27 2.93 2.95
N ILE A 32 7.48 2.61 3.35
CA ILE A 32 7.71 1.85 4.56
C ILE A 32 7.92 2.79 5.74
N GLU A 33 7.03 2.70 6.72
CA GLU A 33 7.06 3.57 7.88
C GLU A 33 8.05 3.09 8.92
N ASP A 34 8.07 1.78 9.17
CA ASP A 34 8.90 1.23 10.21
C ASP A 34 9.47 -0.12 9.81
N ILE A 35 10.73 -0.11 9.42
CA ILE A 35 11.40 -1.31 8.96
C ILE A 35 11.83 -2.24 10.10
N LYS A 36 11.66 -1.80 11.35
CA LYS A 36 12.01 -2.64 12.48
C LYS A 36 10.93 -3.69 12.68
N LYS A 37 9.70 -3.29 12.45
CA LYS A 37 8.54 -4.16 12.53
C LYS A 37 8.60 -5.24 11.45
N LEU A 38 9.11 -4.86 10.29
CA LEU A 38 9.15 -5.76 9.14
C LEU A 38 10.34 -6.69 9.23
N LYS A 39 10.15 -7.92 8.78
CA LYS A 39 11.21 -8.92 8.81
C LYS A 39 11.64 -9.27 7.40
N GLY A 40 12.41 -8.38 6.79
CA GLY A 40 12.88 -8.61 5.44
C GLY A 40 13.97 -7.61 5.07
N LYS A 41 14.06 -7.27 3.79
CA LYS A 41 15.04 -6.30 3.33
C LYS A 41 14.37 -4.99 3.00
N TYR A 42 14.47 -4.04 3.91
CA TYR A 42 13.84 -2.74 3.75
C TYR A 42 14.74 -1.63 4.29
N LYS A 43 14.37 -0.40 4.00
CA LYS A 43 15.09 0.76 4.50
C LYS A 43 14.09 1.78 5.04
N ASP A 44 14.53 2.61 5.97
CA ASP A 44 13.66 3.61 6.62
C ASP A 44 13.41 4.80 5.69
N ASN A 45 13.30 4.49 4.41
CA ASN A 45 13.13 5.48 3.37
C ASN A 45 12.70 4.78 2.09
N GLU A 46 12.03 3.65 2.26
CA GLU A 46 11.70 2.79 1.14
C GLU A 46 10.28 3.04 0.67
N ALA A 47 10.10 3.03 -0.63
CA ALA A 47 8.79 3.18 -1.24
C ALA A 47 8.71 2.41 -2.54
N ILE A 48 7.71 1.55 -2.62
CA ILE A 48 7.52 0.71 -3.78
C ILE A 48 6.37 1.20 -4.64
N GLU A 49 6.70 1.75 -5.79
CA GLU A 49 5.71 2.25 -6.74
C GLU A 49 5.02 1.09 -7.46
N PHE A 50 3.69 1.08 -7.44
CA PHE A 50 2.92 0.06 -8.13
C PHE A 50 1.61 0.66 -8.64
N SER A 51 1.20 0.25 -9.83
CA SER A 51 -0.05 0.74 -10.40
C SER A 51 -1.20 -0.14 -9.95
N PHE A 52 -2.34 0.47 -9.63
CA PHE A 52 -3.42 -0.28 -9.03
C PHE A 52 -4.73 -0.04 -9.75
N ASP A 53 -5.25 -1.09 -10.35
CA ASP A 53 -6.59 -1.04 -10.91
C ASP A 53 -7.58 -1.36 -9.80
N LEU A 54 -8.35 -0.37 -9.42
CA LEU A 54 -9.22 -0.47 -8.27
C LEU A 54 -10.31 -1.53 -8.47
N GLU A 55 -10.50 -1.97 -9.71
CA GLU A 55 -11.50 -2.98 -10.00
C GLU A 55 -10.85 -4.35 -10.18
N ARG A 56 -9.75 -4.40 -10.91
CA ARG A 56 -9.09 -5.66 -11.21
C ARG A 56 -8.06 -6.04 -10.16
N ASP A 57 -7.29 -5.07 -9.70
CA ASP A 57 -6.18 -5.34 -8.78
C ASP A 57 -6.68 -5.64 -7.38
N VAL A 58 -6.04 -6.61 -6.76
CA VAL A 58 -6.29 -6.97 -5.38
C VAL A 58 -5.03 -6.68 -4.59
N PRO A 59 -5.14 -5.91 -3.50
CA PRO A 59 -3.99 -5.45 -2.72
C PRO A 59 -3.17 -6.59 -2.15
N GLU A 60 -3.86 -7.65 -1.73
CA GLU A 60 -3.20 -8.86 -1.28
C GLU A 60 -2.41 -9.50 -2.41
N ASP A 61 -2.95 -9.42 -3.63
CA ASP A 61 -2.27 -9.97 -4.80
C ASP A 61 -1.05 -9.12 -5.13
N VAL A 62 -1.23 -7.80 -5.06
CA VAL A 62 -0.13 -6.86 -5.29
C VAL A 62 1.00 -7.15 -4.32
N ALA A 63 0.66 -7.26 -3.04
CA ALA A 63 1.65 -7.53 -2.01
C ALA A 63 2.28 -8.91 -2.21
N GLN A 64 1.61 -9.75 -2.98
CA GLN A 64 2.14 -11.05 -3.31
C GLN A 64 3.12 -10.92 -4.46
N GLU A 65 2.78 -10.08 -5.45
CA GLU A 65 3.69 -9.75 -6.53
C GLU A 65 4.95 -9.15 -5.94
N MET A 66 4.74 -8.30 -4.93
CA MET A 66 5.81 -7.66 -4.20
C MET A 66 6.80 -8.68 -3.65
N VAL A 67 6.28 -9.77 -3.12
CA VAL A 67 7.10 -10.82 -2.58
C VAL A 67 7.84 -11.56 -3.70
N GLU A 68 7.11 -11.91 -4.74
CA GLU A 68 7.65 -12.70 -5.84
C GLU A 68 8.76 -11.95 -6.58
N SER A 69 8.61 -10.63 -6.67
CA SER A 69 9.57 -9.82 -7.41
C SER A 69 10.72 -9.35 -6.51
N GLY A 70 10.75 -9.83 -5.28
CA GLY A 70 11.89 -9.57 -4.41
C GLY A 70 11.78 -8.27 -3.63
N TYR A 71 10.61 -7.63 -3.68
CA TYR A 71 10.41 -6.38 -2.97
C TYR A 71 10.08 -6.64 -1.49
N VAL A 72 9.05 -7.44 -1.28
CA VAL A 72 8.52 -7.67 0.06
C VAL A 72 8.78 -9.11 0.50
N CYS A 73 8.94 -9.30 1.80
CA CYS A 73 9.09 -10.62 2.37
C CYS A 73 7.72 -11.22 2.65
N GLU A 74 7.59 -12.51 2.41
CA GLU A 74 6.31 -13.21 2.48
C GLU A 74 5.71 -13.16 3.89
N GLY A 75 6.55 -12.91 4.89
CA GLY A 75 6.07 -12.85 6.25
C GLY A 75 5.37 -11.54 6.57
N ASP A 76 5.60 -10.54 5.73
CA ASP A 76 4.96 -9.24 5.90
C ASP A 76 4.06 -8.93 4.72
N HIS A 77 3.59 -10.00 4.08
CA HIS A 77 2.64 -9.91 2.97
C HIS A 77 1.37 -9.18 3.41
N LYS A 78 0.88 -9.55 4.60
CA LYS A 78 -0.34 -8.95 5.14
C LYS A 78 -0.12 -7.48 5.46
N THR A 79 1.04 -7.18 6.03
CA THR A 79 1.38 -5.81 6.42
C THR A 79 1.30 -4.87 5.22
N MET A 80 1.88 -5.32 4.11
CA MET A 80 1.92 -4.51 2.90
C MET A 80 0.54 -4.35 2.31
N ALA A 81 -0.17 -5.47 2.17
CA ALA A 81 -1.50 -5.48 1.60
C ALA A 81 -2.46 -4.62 2.42
N LYS A 82 -2.22 -4.57 3.72
CA LYS A 82 -3.04 -3.77 4.60
C LYS A 82 -2.84 -2.29 4.30
N ALA A 83 -1.58 -1.90 4.11
CA ALA A 83 -1.25 -0.54 3.75
C ALA A 83 -1.94 -0.17 2.45
N ILE A 84 -1.85 -1.08 1.49
CA ILE A 84 -2.49 -0.89 0.19
C ILE A 84 -4.00 -0.78 0.37
N LYS A 85 -4.56 -1.71 1.13
CA LYS A 85 -6.00 -1.77 1.34
C LYS A 85 -6.52 -0.53 2.04
N ASP A 86 -5.74 -0.02 2.99
CA ASP A 86 -6.13 1.15 3.75
C ASP A 86 -6.24 2.37 2.84
N ARG A 87 -5.30 2.48 1.92
CA ARG A 87 -5.30 3.58 0.96
C ARG A 87 -6.39 3.38 -0.07
N VAL A 88 -6.49 2.17 -0.61
CA VAL A 88 -7.50 1.87 -1.61
C VAL A 88 -8.91 2.11 -1.07
N SER A 89 -9.10 1.81 0.21
CA SER A 89 -10.38 2.02 0.86
C SER A 89 -10.82 3.48 0.74
N LEU A 90 -9.91 4.40 1.07
CA LEU A 90 -10.22 5.82 1.02
C LEU A 90 -10.31 6.28 -0.42
N ILE A 91 -9.42 5.76 -1.26
CA ILE A 91 -9.43 6.04 -2.70
C ILE A 91 -10.79 5.73 -3.32
N LYS A 92 -11.24 4.50 -3.11
CA LYS A 92 -12.54 4.06 -3.62
C LYS A 92 -13.66 4.92 -3.04
N ARG A 93 -13.52 5.33 -1.79
CA ARG A 93 -14.52 6.15 -1.14
C ARG A 93 -14.49 7.56 -1.72
N LYS A 94 -13.30 8.03 -2.08
CA LYS A 94 -13.13 9.32 -2.73
C LYS A 94 -13.77 9.32 -4.12
N ARG A 95 -13.80 8.13 -4.72
CA ARG A 95 -14.46 7.95 -6.01
C ARG A 95 -15.96 8.16 -5.88
N GLU A 96 -16.46 7.96 -4.66
CA GLU A 96 -17.87 8.14 -4.36
C GLU A 96 -18.14 9.60 -4.02
N GLN A 97 -17.07 10.36 -3.83
CA GLN A 97 -17.15 11.75 -3.43
C GLN A 97 -16.95 12.66 -4.63
N ARG A 98 -18.04 12.98 -5.30
CA ARG A 98 -17.99 13.87 -6.44
C ARG A 98 -19.14 14.86 -6.37
N GLY A 1 3.22 9.71 12.77
CA GLY A 1 2.37 8.71 13.45
C GLY A 1 0.90 8.94 13.17
N ALA A 2 0.03 8.15 13.81
CA ALA A 2 -1.40 8.24 13.60
C ALA A 2 -2.04 9.20 14.60
N MET A 3 -1.46 9.26 15.79
CA MET A 3 -1.96 10.10 16.89
C MET A 3 -3.30 9.59 17.43
N ASP A 4 -4.36 9.77 16.66
CA ASP A 4 -5.68 9.26 17.06
C ASP A 4 -5.78 7.78 16.72
N PRO A 5 -6.31 6.99 17.67
CA PRO A 5 -6.41 5.52 17.58
C PRO A 5 -6.99 4.99 16.26
N GLN A 6 -6.14 4.89 15.25
CA GLN A 6 -6.52 4.30 13.98
C GLN A 6 -5.62 3.09 13.68
N GLU A 7 -4.58 2.95 14.49
CA GLU A 7 -3.59 1.89 14.34
C GLU A 7 -2.95 1.94 12.96
N GLU A 8 -2.03 2.87 12.76
CA GLU A 8 -1.35 2.99 11.49
C GLU A 8 -0.16 2.04 11.44
N THR A 9 -0.26 1.07 10.56
CA THR A 9 0.77 0.06 10.35
C THR A 9 2.08 0.73 9.92
N GLY A 10 3.20 -0.01 10.02
CA GLY A 10 4.50 0.53 9.60
C GLY A 10 4.64 0.60 8.10
N VAL A 11 3.54 0.88 7.43
CA VAL A 11 3.47 1.04 6.00
C VAL A 11 2.29 1.91 5.65
N ARG A 12 2.36 2.59 4.53
CA ARG A 12 1.28 3.42 4.07
C ARG A 12 1.49 3.77 2.61
N VAL A 13 0.40 3.82 1.86
CA VAL A 13 0.49 4.01 0.43
C VAL A 13 0.00 5.40 0.03
N GLU A 14 0.75 6.02 -0.88
CA GLU A 14 0.44 7.35 -1.37
C GLU A 14 0.25 7.32 -2.88
N LEU A 15 -0.43 8.31 -3.42
CA LEU A 15 -0.63 8.42 -4.86
C LEU A 15 0.59 9.02 -5.52
N ALA A 16 0.97 8.49 -6.66
CA ALA A 16 2.06 9.04 -7.44
C ALA A 16 1.56 10.21 -8.28
N GLU A 17 0.25 10.23 -8.48
CA GLU A 17 -0.40 11.31 -9.19
C GLU A 17 -1.54 11.83 -8.34
N GLU A 18 -2.38 12.67 -8.91
CA GLU A 18 -3.51 13.21 -8.18
C GLU A 18 -4.80 12.57 -8.63
N ASP A 19 -5.16 11.47 -7.97
CA ASP A 19 -6.39 10.75 -8.28
C ASP A 19 -7.62 11.57 -7.91
N ASP A 20 -8.27 12.10 -8.92
CA ASP A 20 -9.52 12.83 -8.73
C ASP A 20 -10.59 12.36 -9.69
N GLY A 21 -10.17 11.62 -10.71
CA GLY A 21 -11.07 11.24 -11.79
C GLY A 21 -11.78 9.92 -11.55
N GLU A 22 -11.56 9.33 -10.37
CA GLU A 22 -12.15 8.05 -10.03
C GLU A 22 -11.71 7.00 -11.03
N LYS A 23 -10.41 6.98 -11.24
CA LYS A 23 -9.76 6.13 -12.20
C LYS A 23 -9.82 4.67 -11.75
N ILE A 24 -9.90 3.76 -12.72
CA ILE A 24 -9.98 2.34 -12.44
C ILE A 24 -8.60 1.81 -12.12
N ALA A 25 -7.60 2.51 -12.62
CA ALA A 25 -6.23 2.11 -12.41
C ALA A 25 -5.36 3.32 -12.08
N ILE A 26 -4.63 3.23 -11.00
CA ILE A 26 -3.85 4.35 -10.49
C ILE A 26 -2.40 3.97 -10.28
N LYS A 27 -1.62 4.92 -9.79
CA LYS A 27 -0.22 4.68 -9.49
C LYS A 27 0.05 5.02 -8.03
N LEU A 28 0.40 4.02 -7.25
CA LEU A 28 0.62 4.17 -5.82
C LEU A 28 2.08 3.92 -5.45
N TRP A 29 2.49 4.42 -4.30
CA TRP A 29 3.78 4.06 -3.72
C TRP A 29 3.59 3.46 -2.32
N LEU A 30 4.12 2.27 -2.12
CA LEU A 30 4.09 1.62 -0.82
C LEU A 30 5.22 2.15 0.06
N ARG A 31 4.89 3.08 0.93
CA ARG A 31 5.89 3.66 1.81
C ARG A 31 6.09 2.79 3.04
N ILE A 32 7.32 2.60 3.41
CA ILE A 32 7.64 1.91 4.65
C ILE A 32 7.73 2.92 5.79
N GLU A 33 6.76 2.91 6.67
CA GLU A 33 6.70 3.85 7.77
C GLU A 33 7.63 3.43 8.90
N ASP A 34 7.70 2.13 9.14
CA ASP A 34 8.54 1.59 10.20
C ASP A 34 9.00 0.19 9.85
N ILE A 35 10.28 0.04 9.60
CA ILE A 35 10.84 -1.25 9.18
C ILE A 35 10.93 -2.24 10.33
N LYS A 36 10.76 -1.78 11.55
CA LYS A 36 10.84 -2.64 12.72
C LYS A 36 9.58 -3.48 12.84
N LYS A 37 8.51 -2.99 12.23
CA LYS A 37 7.26 -3.71 12.16
C LYS A 37 7.36 -4.87 11.17
N LEU A 38 8.36 -4.79 10.29
CA LEU A 38 8.48 -5.71 9.18
C LEU A 38 9.54 -6.78 9.46
N LYS A 39 9.35 -7.94 8.84
CA LYS A 39 10.21 -9.10 9.06
C LYS A 39 11.36 -9.08 8.08
N GLY A 40 11.12 -8.47 6.93
CA GLY A 40 12.13 -8.41 5.90
C GLY A 40 13.11 -7.26 6.12
N LYS A 41 13.89 -6.95 5.09
CA LYS A 41 14.85 -5.87 5.15
C LYS A 41 14.42 -4.73 4.23
N TYR A 42 14.03 -3.61 4.83
CA TYR A 42 13.58 -2.46 4.06
C TYR A 42 14.27 -1.21 4.61
N LYS A 43 14.15 -0.11 3.89
CA LYS A 43 14.68 1.16 4.37
C LYS A 43 13.56 1.97 5.00
N ASP A 44 13.86 2.64 6.11
CA ASP A 44 12.85 3.33 6.90
C ASP A 44 12.55 4.71 6.32
N ASN A 45 12.56 4.76 5.00
CA ASN A 45 12.29 5.96 4.22
C ASN A 45 12.07 5.56 2.77
N GLU A 46 11.64 4.33 2.57
CA GLU A 46 11.57 3.74 1.25
C GLU A 46 10.12 3.52 0.83
N ALA A 47 9.84 3.71 -0.44
CA ALA A 47 8.52 3.49 -0.98
C ALA A 47 8.60 2.73 -2.29
N ILE A 48 7.68 1.81 -2.46
CA ILE A 48 7.63 0.97 -3.63
C ILE A 48 6.46 1.34 -4.53
N GLU A 49 6.76 1.96 -5.66
CA GLU A 49 5.74 2.38 -6.62
C GLU A 49 5.09 1.15 -7.28
N PHE A 50 3.77 1.11 -7.27
CA PHE A 50 3.01 0.05 -7.92
C PHE A 50 1.70 0.61 -8.47
N SER A 51 1.29 0.12 -9.63
CA SER A 51 0.04 0.52 -10.23
C SER A 51 -1.08 -0.32 -9.64
N PHE A 52 -2.26 0.26 -9.43
CA PHE A 52 -3.34 -0.49 -8.82
C PHE A 52 -4.62 -0.31 -9.59
N ASP A 53 -5.10 -1.40 -10.15
CA ASP A 53 -6.41 -1.43 -10.76
C ASP A 53 -7.44 -1.69 -9.69
N LEU A 54 -8.13 -0.65 -9.26
CA LEU A 54 -9.06 -0.72 -8.14
C LEU A 54 -10.20 -1.68 -8.44
N GLU A 55 -10.38 -1.96 -9.71
CA GLU A 55 -11.45 -2.78 -10.18
C GLU A 55 -11.01 -4.25 -10.29
N ARG A 56 -9.82 -4.48 -10.82
CA ARG A 56 -9.30 -5.83 -11.00
C ARG A 56 -8.36 -6.25 -9.87
N ASP A 57 -7.43 -5.38 -9.51
CA ASP A 57 -6.36 -5.72 -8.58
C ASP A 57 -6.85 -5.86 -7.15
N VAL A 58 -6.21 -6.76 -6.45
CA VAL A 58 -6.45 -6.98 -5.03
C VAL A 58 -5.18 -6.66 -4.26
N PRO A 59 -5.31 -5.93 -3.14
CA PRO A 59 -4.18 -5.51 -2.31
C PRO A 59 -3.30 -6.67 -1.89
N GLU A 60 -3.90 -7.82 -1.62
CA GLU A 60 -3.15 -9.02 -1.29
C GLU A 60 -2.43 -9.58 -2.53
N ASP A 61 -3.03 -9.41 -3.69
CA ASP A 61 -2.46 -9.91 -4.94
C ASP A 61 -1.22 -9.11 -5.30
N VAL A 62 -1.32 -7.80 -5.16
CA VAL A 62 -0.20 -6.91 -5.42
C VAL A 62 0.95 -7.17 -4.44
N ALA A 63 0.60 -7.37 -3.17
CA ALA A 63 1.60 -7.69 -2.17
C ALA A 63 2.25 -9.03 -2.46
N GLN A 64 1.52 -9.91 -3.14
CA GLN A 64 2.07 -11.18 -3.60
C GLN A 64 3.14 -10.94 -4.66
N GLU A 65 2.82 -10.06 -5.61
CA GLU A 65 3.77 -9.68 -6.63
C GLU A 65 5.00 -9.06 -5.98
N MET A 66 4.75 -8.26 -4.96
CA MET A 66 5.81 -7.63 -4.17
C MET A 66 6.76 -8.69 -3.62
N VAL A 67 6.20 -9.75 -3.06
CA VAL A 67 6.98 -10.84 -2.51
C VAL A 67 7.76 -11.57 -3.60
N GLU A 68 7.07 -11.94 -4.67
CA GLU A 68 7.68 -12.73 -5.73
C GLU A 68 8.80 -11.99 -6.43
N SER A 69 8.65 -10.69 -6.61
CA SER A 69 9.66 -9.90 -7.31
C SER A 69 10.82 -9.52 -6.39
N GLY A 70 10.66 -9.78 -5.10
CA GLY A 70 11.75 -9.56 -4.16
C GLY A 70 11.71 -8.20 -3.48
N TYR A 71 10.62 -7.49 -3.64
CA TYR A 71 10.45 -6.19 -2.99
C TYR A 71 10.07 -6.38 -1.53
N VAL A 72 9.17 -7.32 -1.30
CA VAL A 72 8.62 -7.57 0.02
C VAL A 72 8.84 -9.02 0.42
N CYS A 73 9.03 -9.25 1.69
CA CYS A 73 9.13 -10.60 2.24
C CYS A 73 7.74 -11.15 2.47
N GLU A 74 7.59 -12.46 2.25
CA GLU A 74 6.30 -13.13 2.43
C GLU A 74 5.76 -12.92 3.84
N GLY A 75 6.66 -12.71 4.79
CA GLY A 75 6.26 -12.50 6.16
C GLY A 75 5.59 -11.17 6.38
N ASP A 76 5.74 -10.27 5.41
CA ASP A 76 5.15 -8.94 5.51
C ASP A 76 4.00 -8.77 4.53
N HIS A 77 3.55 -9.88 3.95
CA HIS A 77 2.50 -9.85 2.94
C HIS A 77 1.22 -9.20 3.48
N LYS A 78 0.77 -9.66 4.64
CA LYS A 78 -0.47 -9.14 5.24
C LYS A 78 -0.30 -7.67 5.61
N THR A 79 0.92 -7.32 6.01
CA THR A 79 1.25 -5.97 6.39
C THR A 79 1.19 -5.02 5.19
N MET A 80 1.80 -5.45 4.09
CA MET A 80 1.84 -4.65 2.87
C MET A 80 0.46 -4.52 2.26
N ALA A 81 -0.27 -5.63 2.25
CA ALA A 81 -1.64 -5.66 1.75
C ALA A 81 -2.52 -4.68 2.51
N LYS A 82 -2.23 -4.52 3.79
CA LYS A 82 -2.97 -3.61 4.64
C LYS A 82 -2.69 -2.17 4.25
N ALA A 83 -1.43 -1.85 4.02
CA ALA A 83 -1.04 -0.52 3.61
C ALA A 83 -1.74 -0.16 2.31
N ILE A 84 -1.72 -1.09 1.37
CA ILE A 84 -2.40 -0.92 0.11
C ILE A 84 -3.90 -0.76 0.33
N LYS A 85 -4.48 -1.68 1.11
CA LYS A 85 -5.91 -1.68 1.37
C LYS A 85 -6.34 -0.36 2.01
N ASP A 86 -5.57 0.12 2.98
CA ASP A 86 -5.91 1.37 3.67
C ASP A 86 -6.06 2.51 2.70
N ARG A 87 -5.09 2.64 1.80
CA ARG A 87 -5.11 3.73 0.84
C ARG A 87 -6.25 3.51 -0.15
N VAL A 88 -6.40 2.28 -0.62
CA VAL A 88 -7.43 1.94 -1.56
C VAL A 88 -8.82 2.21 -0.98
N SER A 89 -8.97 2.00 0.33
CA SER A 89 -10.23 2.25 0.99
C SER A 89 -10.63 3.72 0.91
N LEU A 90 -9.68 4.62 1.16
CA LEU A 90 -9.97 6.05 1.11
C LEU A 90 -10.10 6.51 -0.34
N ILE A 91 -9.36 5.87 -1.22
CA ILE A 91 -9.48 6.08 -2.65
C ILE A 91 -10.86 5.68 -3.15
N LYS A 92 -11.27 4.46 -2.82
CA LYS A 92 -12.59 3.94 -3.20
C LYS A 92 -13.71 4.75 -2.57
N ARG A 93 -13.40 5.42 -1.46
CA ARG A 93 -14.34 6.31 -0.81
C ARG A 93 -14.86 7.37 -1.77
N LYS A 94 -14.04 7.73 -2.76
CA LYS A 94 -14.44 8.69 -3.77
C LYS A 94 -15.33 8.02 -4.81
N ARG A 95 -15.12 6.72 -5.01
CA ARG A 95 -15.91 5.95 -5.96
C ARG A 95 -17.33 5.74 -5.46
N GLU A 96 -17.50 5.86 -4.14
CA GLU A 96 -18.80 5.68 -3.51
C GLU A 96 -19.74 6.84 -3.80
N GLN A 97 -20.02 7.06 -5.08
CA GLN A 97 -20.91 8.14 -5.50
C GLN A 97 -22.36 7.67 -5.47
N ARG A 98 -23.25 8.59 -5.13
CA ARG A 98 -24.67 8.29 -5.08
C ARG A 98 -25.39 9.09 -6.15
N GLY A 1 -12.37 6.07 12.34
CA GLY A 1 -11.18 5.42 12.94
C GLY A 1 -9.91 6.19 12.66
N ALA A 2 -8.90 5.98 13.49
CA ALA A 2 -7.61 6.65 13.35
C ALA A 2 -7.78 8.18 13.35
N MET A 3 -8.37 8.69 14.42
CA MET A 3 -8.58 10.13 14.57
C MET A 3 -7.23 10.85 14.66
N ASP A 4 -6.37 10.38 15.55
CA ASP A 4 -5.06 10.98 15.72
C ASP A 4 -4.07 10.32 14.77
N PRO A 5 -3.25 11.14 14.09
CA PRO A 5 -2.19 10.67 13.20
C PRO A 5 -1.14 9.82 13.94
N GLN A 6 -1.35 8.51 13.94
CA GLN A 6 -0.41 7.58 14.55
C GLN A 6 -0.11 6.47 13.57
N GLU A 7 -1.15 5.69 13.25
CA GLU A 7 -1.04 4.53 12.37
C GLU A 7 -0.10 3.50 12.98
N GLU A 8 -0.68 2.52 13.67
CA GLU A 8 0.08 1.45 14.30
C GLU A 8 0.82 0.65 13.23
N THR A 9 0.18 0.52 12.09
CA THR A 9 0.77 -0.19 10.95
C THR A 9 1.97 0.58 10.42
N GLY A 10 3.12 -0.07 10.32
CA GLY A 10 4.33 0.61 9.90
C GLY A 10 4.45 0.74 8.39
N VAL A 11 3.33 0.98 7.74
CA VAL A 11 3.27 1.16 6.30
C VAL A 11 2.16 2.13 5.94
N ARG A 12 2.31 2.75 4.79
CA ARG A 12 1.34 3.70 4.30
C ARG A 12 1.61 3.95 2.83
N VAL A 13 0.54 3.97 2.05
CA VAL A 13 0.67 4.14 0.62
C VAL A 13 0.16 5.50 0.18
N GLU A 14 0.93 6.12 -0.71
CA GLU A 14 0.60 7.44 -1.24
C GLU A 14 0.44 7.37 -2.74
N LEU A 15 -0.17 8.40 -3.30
CA LEU A 15 -0.39 8.47 -4.74
C LEU A 15 0.83 9.01 -5.44
N ALA A 16 1.02 8.55 -6.68
CA ALA A 16 2.09 9.06 -7.52
C ALA A 16 1.57 10.21 -8.38
N GLU A 17 0.29 10.48 -8.23
CA GLU A 17 -0.40 11.45 -9.06
C GLU A 17 -1.57 12.05 -8.29
N GLU A 18 -2.32 12.91 -8.95
CA GLU A 18 -3.46 13.55 -8.31
C GLU A 18 -4.74 12.77 -8.58
N ASP A 19 -4.95 11.72 -7.81
CA ASP A 19 -6.15 10.91 -7.94
C ASP A 19 -7.35 11.64 -7.37
N ASP A 20 -8.26 12.03 -8.23
CA ASP A 20 -9.48 12.72 -7.80
C ASP A 20 -10.47 12.79 -8.95
N GLY A 21 -10.35 11.86 -9.88
CA GLY A 21 -11.23 11.87 -11.03
C GLY A 21 -11.93 10.55 -11.21
N GLU A 22 -11.77 9.98 -12.40
CA GLU A 22 -12.50 8.78 -12.78
C GLU A 22 -11.56 7.69 -13.25
N LYS A 23 -10.34 7.68 -12.74
CA LYS A 23 -9.39 6.65 -13.06
C LYS A 23 -9.65 5.40 -12.23
N ILE A 24 -9.76 4.29 -12.91
CA ILE A 24 -9.97 3.00 -12.26
C ILE A 24 -8.64 2.41 -11.85
N ALA A 25 -7.63 2.69 -12.64
CA ALA A 25 -6.29 2.20 -12.37
C ALA A 25 -5.39 3.36 -12.00
N ILE A 26 -4.79 3.27 -10.83
CA ILE A 26 -4.00 4.37 -10.30
C ILE A 26 -2.57 3.96 -10.11
N LYS A 27 -1.74 4.92 -9.71
CA LYS A 27 -0.34 4.66 -9.42
C LYS A 27 -0.04 5.01 -7.97
N LEU A 28 0.39 4.01 -7.22
CA LEU A 28 0.68 4.17 -5.81
C LEU A 28 2.14 3.90 -5.51
N TRP A 29 2.64 4.43 -4.40
CA TRP A 29 3.96 4.08 -3.91
C TRP A 29 3.85 3.59 -2.47
N LEU A 30 4.22 2.33 -2.25
CA LEU A 30 4.20 1.75 -0.91
C LEU A 30 5.33 2.29 -0.07
N ARG A 31 5.00 3.13 0.88
CA ARG A 31 5.98 3.71 1.76
C ARG A 31 6.03 2.96 3.07
N ILE A 32 7.23 2.56 3.48
CA ILE A 32 7.39 1.92 4.77
C ILE A 32 7.50 3.01 5.84
N GLU A 33 6.52 3.04 6.71
CA GLU A 33 6.46 4.04 7.76
C GLU A 33 7.44 3.70 8.86
N ASP A 34 7.56 2.42 9.14
CA ASP A 34 8.45 1.94 10.19
C ASP A 34 8.93 0.55 9.83
N ILE A 35 10.21 0.44 9.49
CA ILE A 35 10.76 -0.82 9.03
C ILE A 35 10.93 -1.80 10.20
N LYS A 36 10.91 -1.26 11.42
CA LYS A 36 11.06 -2.06 12.62
C LYS A 36 9.81 -2.92 12.84
N LYS A 37 8.68 -2.40 12.37
CA LYS A 37 7.42 -3.11 12.43
C LYS A 37 7.43 -4.35 11.56
N LEU A 38 8.36 -4.39 10.62
CA LEU A 38 8.44 -5.47 9.65
C LEU A 38 9.56 -6.44 10.01
N LYS A 39 9.50 -7.62 9.41
CA LYS A 39 10.53 -8.63 9.64
C LYS A 39 11.44 -8.73 8.42
N GLY A 40 11.25 -7.81 7.49
CA GLY A 40 12.09 -7.76 6.30
C GLY A 40 13.11 -6.65 6.41
N LYS A 41 13.86 -6.44 5.33
CA LYS A 41 14.90 -5.42 5.31
C LYS A 41 14.49 -4.30 4.37
N TYR A 42 14.17 -3.13 4.94
CA TYR A 42 13.68 -2.02 4.14
C TYR A 42 14.33 -0.71 4.59
N LYS A 43 14.43 0.23 3.65
CA LYS A 43 14.92 1.56 3.96
C LYS A 43 13.85 2.33 4.71
N ASP A 44 14.26 3.19 5.64
CA ASP A 44 13.32 4.01 6.40
C ASP A 44 12.88 5.21 5.58
N ASN A 45 12.72 4.96 4.29
CA ASN A 45 12.29 5.94 3.31
C ASN A 45 11.98 5.22 2.01
N GLU A 46 11.59 3.96 2.15
CA GLU A 46 11.36 3.11 0.99
C GLU A 46 9.96 3.32 0.45
N ALA A 47 9.88 3.49 -0.86
CA ALA A 47 8.61 3.63 -1.53
C ALA A 47 8.59 2.80 -2.79
N ILE A 48 7.76 1.78 -2.76
CA ILE A 48 7.62 0.86 -3.86
C ILE A 48 6.42 1.23 -4.73
N GLU A 49 6.71 1.76 -5.91
CA GLU A 49 5.66 2.15 -6.85
C GLU A 49 4.95 0.92 -7.41
N PHE A 50 3.62 0.97 -7.41
CA PHE A 50 2.80 -0.08 -7.99
C PHE A 50 1.48 0.50 -8.50
N SER A 51 0.97 -0.05 -9.58
CA SER A 51 -0.30 0.38 -10.14
C SER A 51 -1.44 -0.44 -9.54
N PHE A 52 -2.57 0.20 -9.28
CA PHE A 52 -3.69 -0.50 -8.66
C PHE A 52 -4.97 -0.23 -9.42
N ASP A 53 -5.52 -1.26 -10.01
CA ASP A 53 -6.83 -1.17 -10.61
C ASP A 53 -7.87 -1.40 -9.52
N LEU A 54 -8.64 -0.36 -9.24
CA LEU A 54 -9.56 -0.37 -8.11
C LEU A 54 -10.64 -1.44 -8.26
N GLU A 55 -10.90 -1.85 -9.49
CA GLU A 55 -11.96 -2.81 -9.75
C GLU A 55 -11.40 -4.21 -10.00
N ARG A 56 -10.19 -4.28 -10.53
CA ARG A 56 -9.60 -5.55 -10.93
C ARG A 56 -8.49 -6.01 -9.97
N ASP A 57 -7.61 -5.10 -9.58
CA ASP A 57 -6.46 -5.45 -8.76
C ASP A 57 -6.86 -5.73 -7.32
N VAL A 58 -6.10 -6.61 -6.68
CA VAL A 58 -6.33 -6.98 -5.29
C VAL A 58 -5.10 -6.63 -4.45
N PRO A 59 -5.34 -5.99 -3.29
CA PRO A 59 -4.27 -5.55 -2.38
C PRO A 59 -3.34 -6.69 -1.96
N GLU A 60 -3.93 -7.85 -1.68
CA GLU A 60 -3.16 -9.01 -1.29
C GLU A 60 -2.38 -9.57 -2.48
N ASP A 61 -2.96 -9.45 -3.66
CA ASP A 61 -2.32 -9.95 -4.87
C ASP A 61 -1.09 -9.13 -5.19
N VAL A 62 -1.26 -7.82 -5.16
CA VAL A 62 -0.16 -6.89 -5.43
C VAL A 62 0.98 -7.11 -4.43
N ALA A 63 0.63 -7.30 -3.17
CA ALA A 63 1.63 -7.54 -2.14
C ALA A 63 2.35 -8.87 -2.36
N GLN A 64 1.68 -9.80 -3.04
CA GLN A 64 2.31 -11.06 -3.41
C GLN A 64 3.26 -10.85 -4.58
N GLU A 65 2.83 -10.02 -5.53
CA GLU A 65 3.70 -9.60 -6.61
C GLU A 65 4.94 -8.93 -6.04
N MET A 66 4.73 -8.13 -5.01
CA MET A 66 5.80 -7.50 -4.27
C MET A 66 6.80 -8.54 -3.75
N VAL A 67 6.27 -9.61 -3.19
CA VAL A 67 7.09 -10.69 -2.67
C VAL A 67 7.86 -11.39 -3.78
N GLU A 68 7.14 -11.79 -4.82
CA GLU A 68 7.73 -12.56 -5.91
C GLU A 68 8.77 -11.76 -6.67
N SER A 69 8.58 -10.46 -6.77
CA SER A 69 9.49 -9.62 -7.51
C SER A 69 10.70 -9.22 -6.66
N GLY A 70 10.72 -9.65 -5.41
CA GLY A 70 11.86 -9.40 -4.54
C GLY A 70 11.79 -8.04 -3.86
N TYR A 71 10.59 -7.54 -3.63
CA TYR A 71 10.41 -6.29 -2.93
C TYR A 71 10.08 -6.53 -1.46
N VAL A 72 9.10 -7.39 -1.23
CA VAL A 72 8.56 -7.63 0.10
C VAL A 72 8.82 -9.07 0.54
N CYS A 73 8.96 -9.26 1.85
CA CYS A 73 9.13 -10.58 2.41
C CYS A 73 7.77 -11.23 2.60
N GLU A 74 7.68 -12.53 2.32
CA GLU A 74 6.42 -13.26 2.33
C GLU A 74 5.75 -13.28 3.71
N GLY A 75 6.50 -12.92 4.74
CA GLY A 75 5.96 -12.92 6.08
C GLY A 75 5.35 -11.59 6.45
N ASP A 76 5.65 -10.56 5.66
CA ASP A 76 5.13 -9.22 5.91
C ASP A 76 4.07 -8.86 4.87
N HIS A 77 3.54 -9.89 4.23
CA HIS A 77 2.53 -9.73 3.20
C HIS A 77 1.28 -9.06 3.76
N LYS A 78 0.83 -9.54 4.92
CA LYS A 78 -0.35 -9.02 5.58
C LYS A 78 -0.21 -7.51 5.83
N THR A 79 0.98 -7.10 6.26
CA THR A 79 1.26 -5.71 6.54
C THR A 79 1.20 -4.86 5.26
N MET A 80 1.79 -5.36 4.19
CA MET A 80 1.85 -4.64 2.93
C MET A 80 0.48 -4.53 2.29
N ALA A 81 -0.23 -5.65 2.25
CA ALA A 81 -1.57 -5.70 1.68
C ALA A 81 -2.49 -4.72 2.40
N LYS A 82 -2.29 -4.61 3.71
CA LYS A 82 -3.07 -3.71 4.53
C LYS A 82 -2.81 -2.27 4.15
N ALA A 83 -1.55 -1.95 3.91
CA ALA A 83 -1.17 -0.61 3.50
C ALA A 83 -1.81 -0.26 2.17
N ILE A 84 -1.73 -1.20 1.24
CA ILE A 84 -2.33 -1.04 -0.07
C ILE A 84 -3.84 -0.89 0.06
N LYS A 85 -4.46 -1.77 0.82
CA LYS A 85 -5.90 -1.80 0.98
C LYS A 85 -6.37 -0.52 1.68
N ASP A 86 -5.65 -0.14 2.73
CA ASP A 86 -6.00 1.07 3.49
C ASP A 86 -6.12 2.28 2.59
N ARG A 87 -5.10 2.50 1.77
CA ARG A 87 -5.10 3.63 0.85
C ARG A 87 -6.23 3.51 -0.16
N VAL A 88 -6.35 2.34 -0.75
CA VAL A 88 -7.39 2.07 -1.72
C VAL A 88 -8.78 2.34 -1.15
N SER A 89 -8.95 2.10 0.14
CA SER A 89 -10.20 2.33 0.81
C SER A 89 -10.58 3.81 0.83
N LEU A 90 -9.63 4.70 1.11
CA LEU A 90 -9.90 6.12 1.13
C LEU A 90 -10.04 6.64 -0.29
N ILE A 91 -9.29 6.04 -1.19
CA ILE A 91 -9.40 6.30 -2.61
C ILE A 91 -10.78 5.97 -3.13
N LYS A 92 -11.27 4.80 -2.76
CA LYS A 92 -12.61 4.37 -3.15
C LYS A 92 -13.68 5.17 -2.41
N ARG A 93 -13.33 5.67 -1.23
CA ARG A 93 -14.23 6.51 -0.45
C ARG A 93 -14.70 7.70 -1.28
N LYS A 94 -13.82 8.16 -2.16
CA LYS A 94 -14.18 9.20 -3.12
C LYS A 94 -15.28 8.68 -4.04
N ARG A 95 -14.98 7.60 -4.74
CA ARG A 95 -15.90 6.95 -5.67
C ARG A 95 -17.25 6.66 -5.03
N GLU A 96 -17.21 6.19 -3.78
CA GLU A 96 -18.41 5.79 -3.04
C GLU A 96 -19.46 6.91 -2.98
N GLN A 97 -19.02 8.16 -2.99
CA GLN A 97 -19.94 9.26 -2.83
C GLN A 97 -19.86 10.25 -3.99
N ARG A 98 -19.51 9.74 -5.17
CA ARG A 98 -19.46 10.57 -6.35
C ARG A 98 -20.30 9.96 -7.46
N GLY A 1 0.58 -1.15 22.96
CA GLY A 1 1.46 -0.29 22.15
C GLY A 1 0.76 0.96 21.68
N ALA A 2 1.18 1.48 20.53
CA ALA A 2 0.61 2.68 19.94
C ALA A 2 0.76 3.89 20.86
N MET A 3 2.01 4.20 21.20
CA MET A 3 2.30 5.36 22.03
C MET A 3 2.12 6.64 21.23
N ASP A 4 2.34 6.55 19.93
CA ASP A 4 2.07 7.65 19.02
C ASP A 4 0.80 7.36 18.22
N PRO A 5 -0.01 8.40 18.00
CA PRO A 5 -1.35 8.31 17.39
C PRO A 5 -1.46 7.32 16.23
N GLN A 6 -0.67 7.54 15.19
CA GLN A 6 -0.81 6.77 13.96
C GLN A 6 0.11 5.56 13.93
N GLU A 7 0.50 5.08 15.09
CA GLU A 7 1.27 3.85 15.18
C GLU A 7 0.31 2.66 15.09
N GLU A 8 -0.11 2.39 13.87
CA GLU A 8 -1.04 1.32 13.59
C GLU A 8 -0.35 0.27 12.72
N THR A 9 0.07 0.70 11.55
CA THR A 9 0.75 -0.16 10.61
C THR A 9 2.01 0.55 10.10
N GLY A 10 3.14 -0.16 10.08
CA GLY A 10 4.41 0.46 9.74
C GLY A 10 4.60 0.64 8.24
N VAL A 11 3.54 1.04 7.56
CA VAL A 11 3.57 1.30 6.13
C VAL A 11 2.49 2.31 5.78
N ARG A 12 2.65 2.94 4.64
CA ARG A 12 1.66 3.89 4.16
C ARG A 12 1.82 4.09 2.66
N VAL A 13 0.70 4.01 1.96
CA VAL A 13 0.70 4.12 0.52
C VAL A 13 0.18 5.47 0.08
N GLU A 14 0.85 6.06 -0.89
CA GLU A 14 0.49 7.38 -1.39
C GLU A 14 0.37 7.35 -2.91
N LEU A 15 -0.36 8.33 -3.44
CA LEU A 15 -0.59 8.43 -4.88
C LEU A 15 0.64 9.00 -5.58
N ALA A 16 0.98 8.42 -6.72
CA ALA A 16 2.06 8.93 -7.53
C ALA A 16 1.59 10.10 -8.38
N GLU A 17 0.28 10.20 -8.52
CA GLU A 17 -0.35 11.23 -9.33
C GLU A 17 -1.61 11.73 -8.64
N GLU A 18 -2.16 12.82 -9.14
CA GLU A 18 -3.34 13.42 -8.57
C GLU A 18 -4.57 12.60 -8.96
N ASP A 19 -5.22 12.00 -7.96
CA ASP A 19 -6.38 11.16 -8.20
C ASP A 19 -7.67 11.84 -7.77
N ASP A 20 -8.33 12.48 -8.73
CA ASP A 20 -9.64 13.06 -8.50
C ASP A 20 -10.53 12.85 -9.73
N GLY A 21 -9.99 12.18 -10.74
CA GLY A 21 -10.70 11.98 -11.99
C GLY A 21 -11.49 10.69 -12.01
N GLU A 22 -11.74 10.14 -10.83
CA GLU A 22 -12.50 8.90 -10.69
C GLU A 22 -11.86 7.79 -11.52
N LYS A 23 -10.55 7.71 -11.40
CA LYS A 23 -9.74 6.80 -12.17
C LYS A 23 -9.95 5.36 -11.70
N ILE A 24 -10.04 4.45 -12.65
CA ILE A 24 -10.21 3.04 -12.33
C ILE A 24 -8.86 2.43 -11.99
N ALA A 25 -7.84 2.95 -12.63
CA ALA A 25 -6.50 2.46 -12.42
C ALA A 25 -5.57 3.59 -12.04
N ILE A 26 -4.95 3.46 -10.88
CA ILE A 26 -4.12 4.50 -10.33
C ILE A 26 -2.68 4.03 -10.18
N LYS A 27 -1.86 4.87 -9.58
CA LYS A 27 -0.47 4.52 -9.33
C LYS A 27 -0.08 4.95 -7.94
N LEU A 28 0.38 3.99 -7.15
CA LEU A 28 0.66 4.19 -5.74
C LEU A 28 2.13 3.90 -5.43
N TRP A 29 2.61 4.44 -4.33
CA TRP A 29 3.93 4.07 -3.80
C TRP A 29 3.78 3.53 -2.39
N LEU A 30 4.22 2.30 -2.19
CA LEU A 30 4.22 1.71 -0.87
C LEU A 30 5.40 2.21 -0.06
N ARG A 31 5.16 3.21 0.74
CA ARG A 31 6.20 3.80 1.57
C ARG A 31 6.24 3.11 2.92
N ILE A 32 7.41 2.58 3.27
CA ILE A 32 7.59 1.90 4.53
C ILE A 32 7.76 2.90 5.66
N GLU A 33 6.89 2.83 6.65
CA GLU A 33 6.92 3.72 7.77
C GLU A 33 7.87 3.21 8.85
N ASP A 34 7.75 1.93 9.18
CA ASP A 34 8.61 1.33 10.19
C ASP A 34 9.13 -0.01 9.70
N ILE A 35 10.41 -0.04 9.32
CA ILE A 35 11.02 -1.24 8.77
C ILE A 35 11.32 -2.28 9.86
N LYS A 36 11.15 -1.88 11.12
CA LYS A 36 11.40 -2.78 12.24
C LYS A 36 10.20 -3.68 12.49
N LYS A 37 9.02 -3.16 12.16
CA LYS A 37 7.78 -3.90 12.26
C LYS A 37 7.74 -5.03 11.22
N LEU A 38 8.67 -5.00 10.29
CA LEU A 38 8.70 -5.93 9.19
C LEU A 38 9.87 -6.88 9.32
N LYS A 39 9.75 -8.05 8.69
CA LYS A 39 10.76 -9.10 8.82
C LYS A 39 11.66 -9.14 7.57
N GLY A 40 11.20 -8.52 6.49
CA GLY A 40 11.97 -8.49 5.27
C GLY A 40 13.11 -7.48 5.30
N LYS A 41 13.51 -7.04 4.13
CA LYS A 41 14.62 -6.10 3.98
C LYS A 41 14.12 -4.79 3.40
N TYR A 42 14.02 -3.77 4.24
CA TYR A 42 13.48 -2.49 3.81
C TYR A 42 14.32 -1.35 4.36
N LYS A 43 14.37 -0.26 3.61
CA LYS A 43 15.10 0.94 4.04
C LYS A 43 14.12 1.97 4.57
N ASP A 44 14.62 2.88 5.42
CA ASP A 44 13.76 3.85 6.11
C ASP A 44 13.40 5.03 5.21
N ASN A 45 13.58 4.81 3.93
CA ASN A 45 13.27 5.80 2.90
C ASN A 45 12.84 5.09 1.64
N GLU A 46 12.40 3.85 1.79
CA GLU A 46 12.09 3.01 0.65
C GLU A 46 10.60 3.04 0.34
N ALA A 47 10.29 3.09 -0.94
CA ALA A 47 8.92 3.10 -1.41
C ALA A 47 8.78 2.30 -2.69
N ILE A 48 7.78 1.45 -2.70
CA ILE A 48 7.56 0.57 -3.83
C ILE A 48 6.39 1.07 -4.67
N GLU A 49 6.71 1.65 -5.82
CA GLU A 49 5.72 2.15 -6.75
C GLU A 49 5.00 1.00 -7.44
N PHE A 50 3.67 1.03 -7.40
CA PHE A 50 2.86 0.02 -8.05
C PHE A 50 1.54 0.63 -8.52
N SER A 51 1.08 0.22 -9.69
CA SER A 51 -0.20 0.67 -10.20
C SER A 51 -1.32 -0.17 -9.60
N PHE A 52 -2.50 0.41 -9.44
CA PHE A 52 -3.59 -0.33 -8.84
C PHE A 52 -4.89 -0.09 -9.60
N ASP A 53 -5.40 -1.14 -10.20
CA ASP A 53 -6.72 -1.11 -10.79
C ASP A 53 -7.74 -1.40 -9.72
N LEU A 54 -8.51 -0.38 -9.35
CA LEU A 54 -9.43 -0.46 -8.24
C LEU A 54 -10.52 -1.50 -8.46
N GLU A 55 -10.74 -1.86 -9.71
CA GLU A 55 -11.76 -2.85 -10.05
C GLU A 55 -11.15 -4.24 -10.21
N ARG A 56 -10.05 -4.32 -10.95
CA ARG A 56 -9.45 -5.61 -11.28
C ARG A 56 -8.42 -6.07 -10.25
N ASP A 57 -7.64 -5.14 -9.72
CA ASP A 57 -6.51 -5.51 -8.85
C ASP A 57 -6.95 -5.73 -7.41
N VAL A 58 -6.20 -6.57 -6.71
CA VAL A 58 -6.47 -6.90 -5.33
C VAL A 58 -5.22 -6.67 -4.48
N PRO A 59 -5.38 -5.98 -3.34
CA PRO A 59 -4.27 -5.61 -2.45
C PRO A 59 -3.42 -6.80 -2.01
N GLU A 60 -4.06 -7.93 -1.73
CA GLU A 60 -3.33 -9.13 -1.35
C GLU A 60 -2.64 -9.76 -2.56
N ASP A 61 -3.16 -9.50 -3.74
CA ASP A 61 -2.56 -10.01 -4.97
C ASP A 61 -1.27 -9.25 -5.27
N VAL A 62 -1.37 -7.93 -5.19
CA VAL A 62 -0.26 -7.05 -5.49
C VAL A 62 0.90 -7.27 -4.53
N ALA A 63 0.59 -7.48 -3.25
CA ALA A 63 1.61 -7.70 -2.25
C ALA A 63 2.33 -9.03 -2.48
N GLN A 64 1.73 -9.92 -3.27
CA GLN A 64 2.38 -11.17 -3.63
C GLN A 64 3.40 -10.93 -4.72
N GLU A 65 3.04 -10.07 -5.68
CA GLU A 65 3.99 -9.63 -6.70
C GLU A 65 5.18 -8.99 -6.02
N MET A 66 4.88 -8.20 -4.99
CA MET A 66 5.89 -7.54 -4.18
C MET A 66 6.89 -8.54 -3.61
N VAL A 67 6.37 -9.67 -3.15
CA VAL A 67 7.22 -10.72 -2.58
C VAL A 67 8.05 -11.39 -3.65
N GLU A 68 7.40 -11.74 -4.76
CA GLU A 68 8.05 -12.48 -5.83
C GLU A 68 9.13 -11.65 -6.52
N SER A 69 8.89 -10.35 -6.62
CA SER A 69 9.84 -9.46 -7.28
C SER A 69 11.05 -9.18 -6.39
N GLY A 70 10.97 -9.60 -5.13
CA GLY A 70 12.09 -9.43 -4.22
C GLY A 70 12.02 -8.13 -3.43
N TYR A 71 10.86 -7.51 -3.41
CA TYR A 71 10.66 -6.25 -2.69
C TYR A 71 10.21 -6.50 -1.26
N VAL A 72 9.16 -7.29 -1.13
CA VAL A 72 8.54 -7.53 0.16
C VAL A 72 8.75 -8.99 0.58
N CYS A 73 8.85 -9.20 1.88
CA CYS A 73 8.93 -10.53 2.43
C CYS A 73 7.53 -11.12 2.54
N GLU A 74 7.41 -12.40 2.22
CA GLU A 74 6.13 -13.10 2.26
C GLU A 74 5.49 -12.98 3.64
N GLY A 75 6.31 -12.93 4.68
CA GLY A 75 5.81 -12.78 6.03
C GLY A 75 5.13 -11.44 6.23
N ASP A 76 5.61 -10.42 5.55
CA ASP A 76 5.10 -9.06 5.68
C ASP A 76 3.94 -8.81 4.73
N HIS A 77 3.49 -9.86 4.06
CA HIS A 77 2.40 -9.77 3.08
C HIS A 77 1.16 -9.14 3.69
N LYS A 78 0.87 -9.51 4.94
CA LYS A 78 -0.34 -9.02 5.61
C LYS A 78 -0.24 -7.52 5.85
N THR A 79 0.93 -7.08 6.29
CA THR A 79 1.19 -5.68 6.58
C THR A 79 1.12 -4.84 5.31
N MET A 80 1.73 -5.33 4.25
CA MET A 80 1.79 -4.61 2.98
C MET A 80 0.42 -4.51 2.35
N ALA A 81 -0.29 -5.64 2.31
CA ALA A 81 -1.61 -5.68 1.74
C ALA A 81 -2.57 -4.79 2.51
N LYS A 82 -2.33 -4.64 3.80
CA LYS A 82 -3.14 -3.78 4.64
C LYS A 82 -2.82 -2.33 4.32
N ALA A 83 -1.56 -2.05 4.06
CA ALA A 83 -1.14 -0.72 3.63
C ALA A 83 -1.83 -0.36 2.32
N ILE A 84 -1.80 -1.31 1.40
CA ILE A 84 -2.45 -1.15 0.11
C ILE A 84 -3.94 -0.93 0.31
N LYS A 85 -4.57 -1.84 1.04
CA LYS A 85 -6.01 -1.79 1.27
C LYS A 85 -6.41 -0.51 1.98
N ASP A 86 -5.60 -0.10 2.95
CA ASP A 86 -5.87 1.12 3.73
C ASP A 86 -6.04 2.30 2.80
N ARG A 87 -5.05 2.49 1.93
CA ARG A 87 -5.06 3.60 1.00
C ARG A 87 -6.17 3.46 -0.02
N VAL A 88 -6.28 2.27 -0.60
CA VAL A 88 -7.27 1.98 -1.61
C VAL A 88 -8.68 2.23 -1.10
N SER A 89 -8.92 1.86 0.15
CA SER A 89 -10.23 2.04 0.76
C SER A 89 -10.57 3.54 0.82
N LEU A 90 -9.59 4.36 1.16
CA LEU A 90 -9.78 5.81 1.22
C LEU A 90 -10.00 6.38 -0.18
N ILE A 91 -9.25 5.83 -1.13
CA ILE A 91 -9.36 6.19 -2.53
C ILE A 91 -10.78 5.90 -3.06
N LYS A 92 -11.29 4.74 -2.70
CA LYS A 92 -12.65 4.36 -3.04
C LYS A 92 -13.66 5.17 -2.24
N ARG A 93 -13.31 5.51 -1.00
CA ARG A 93 -14.16 6.32 -0.15
C ARG A 93 -14.35 7.70 -0.76
N LYS A 94 -13.30 8.19 -1.42
CA LYS A 94 -13.36 9.44 -2.15
C LYS A 94 -14.41 9.33 -3.26
N ARG A 95 -14.45 8.18 -3.92
CA ARG A 95 -15.43 7.90 -4.96
C ARG A 95 -16.84 7.73 -4.40
N GLU A 96 -16.93 7.37 -3.12
CA GLU A 96 -18.23 7.21 -2.47
C GLU A 96 -18.82 8.58 -2.14
N GLN A 97 -18.00 9.60 -2.26
CA GLN A 97 -18.44 10.99 -2.12
C GLN A 97 -17.94 11.77 -3.33
N ARG A 98 -17.89 13.09 -3.22
CA ARG A 98 -17.35 13.90 -4.31
C ARG A 98 -16.33 14.89 -3.77
N GLY A 1 5.44 0.29 14.69
CA GLY A 1 4.40 0.52 13.65
C GLY A 1 4.48 1.91 13.04
N ALA A 2 5.52 2.65 13.42
CA ALA A 2 5.77 3.98 12.88
C ALA A 2 7.07 4.52 13.47
N MET A 3 7.46 5.72 13.09
CA MET A 3 8.61 6.35 13.73
C MET A 3 8.22 6.74 15.15
N ASP A 4 7.20 7.58 15.22
CA ASP A 4 6.57 7.93 16.49
C ASP A 4 5.76 6.75 17.00
N PRO A 5 5.75 6.56 18.33
CA PRO A 5 4.98 5.50 19.02
C PRO A 5 3.46 5.59 18.81
N GLN A 6 3.03 5.64 17.56
CA GLN A 6 1.62 5.64 17.20
C GLN A 6 1.38 4.59 16.14
N GLU A 7 1.73 3.37 16.49
CA GLU A 7 1.64 2.20 15.61
C GLU A 7 0.35 2.20 14.78
N GLU A 8 0.46 2.63 13.53
CA GLU A 8 -0.68 2.60 12.63
C GLU A 8 -0.66 1.33 11.78
N THR A 9 0.50 1.02 11.22
CA THR A 9 0.65 -0.14 10.37
C THR A 9 2.12 -0.52 10.20
N GLY A 10 2.95 0.50 10.09
CA GLY A 10 4.34 0.31 9.74
C GLY A 10 4.55 0.46 8.26
N VAL A 11 3.45 0.81 7.59
CA VAL A 11 3.42 0.99 6.16
C VAL A 11 2.40 2.05 5.80
N ARG A 12 2.60 2.69 4.67
CA ARG A 12 1.66 3.66 4.18
C ARG A 12 1.79 3.83 2.68
N VAL A 13 0.66 3.87 2.01
CA VAL A 13 0.63 3.99 0.57
C VAL A 13 0.13 5.35 0.15
N GLU A 14 0.79 5.92 -0.83
CA GLU A 14 0.48 7.26 -1.29
C GLU A 14 0.40 7.29 -2.81
N LEU A 15 -0.23 8.32 -3.34
CA LEU A 15 -0.49 8.41 -4.77
C LEU A 15 0.70 8.97 -5.52
N ALA A 16 0.94 8.42 -6.70
CA ALA A 16 1.93 8.98 -7.62
C ALA A 16 1.27 10.02 -8.50
N GLU A 17 -0.06 10.04 -8.45
CA GLU A 17 -0.86 10.92 -9.28
C GLU A 17 -2.19 11.19 -8.60
N GLU A 18 -2.93 12.17 -9.10
CA GLU A 18 -4.19 12.56 -8.50
C GLU A 18 -5.27 11.53 -8.83
N ASP A 19 -5.88 10.98 -7.79
CA ASP A 19 -6.90 9.98 -7.94
C ASP A 19 -8.22 10.60 -8.41
N ASP A 20 -8.34 10.74 -9.72
CA ASP A 20 -9.55 11.28 -10.35
C ASP A 20 -10.79 10.49 -9.95
N GLY A 21 -10.75 9.19 -10.15
CA GLY A 21 -11.83 8.33 -9.73
C GLY A 21 -12.43 7.53 -10.87
N GLU A 22 -12.45 8.08 -12.07
CA GLU A 22 -12.92 7.33 -13.23
C GLU A 22 -11.88 6.31 -13.63
N LYS A 23 -10.66 6.55 -13.18
CA LYS A 23 -9.55 5.67 -13.40
C LYS A 23 -9.79 4.32 -12.76
N ILE A 24 -9.47 3.27 -13.50
CA ILE A 24 -9.55 1.92 -12.97
C ILE A 24 -8.22 1.54 -12.38
N ALA A 25 -7.16 1.95 -13.04
CA ALA A 25 -5.83 1.61 -12.60
C ALA A 25 -5.01 2.87 -12.33
N ILE A 26 -4.55 2.97 -11.09
CA ILE A 26 -3.81 4.14 -10.64
C ILE A 26 -2.37 3.76 -10.33
N LYS A 27 -1.60 4.74 -9.86
CA LYS A 27 -0.22 4.49 -9.48
C LYS A 27 0.00 4.90 -8.02
N LEU A 28 0.44 3.95 -7.22
CA LEU A 28 0.68 4.17 -5.80
C LEU A 28 2.14 3.90 -5.46
N TRP A 29 2.61 4.46 -4.36
CA TRP A 29 3.92 4.12 -3.82
C TRP A 29 3.78 3.61 -2.39
N LEU A 30 4.37 2.46 -2.13
CA LEU A 30 4.35 1.87 -0.79
C LEU A 30 5.55 2.35 0.03
N ARG A 31 5.27 3.17 1.01
CA ARG A 31 6.32 3.67 1.90
C ARG A 31 6.27 2.95 3.23
N ILE A 32 7.43 2.63 3.78
CA ILE A 32 7.51 1.91 5.04
C ILE A 32 7.62 2.89 6.21
N GLU A 33 6.74 2.75 7.18
CA GLU A 33 6.70 3.60 8.35
C GLU A 33 7.64 3.09 9.44
N ASP A 34 7.82 1.78 9.46
CA ASP A 34 8.64 1.15 10.49
C ASP A 34 9.34 -0.07 9.90
N ILE A 35 10.54 0.13 9.37
CA ILE A 35 11.29 -0.95 8.74
C ILE A 35 11.85 -1.91 9.78
N LYS A 36 11.77 -1.51 11.04
CA LYS A 36 12.33 -2.30 12.13
C LYS A 36 11.39 -3.41 12.53
N LYS A 37 10.10 -3.23 12.28
CA LYS A 37 9.09 -4.20 12.66
C LYS A 37 8.97 -5.29 11.61
N LEU A 38 9.36 -4.98 10.39
CA LEU A 38 9.25 -5.91 9.28
C LEU A 38 10.42 -6.87 9.28
N LYS A 39 10.26 -8.01 8.62
CA LYS A 39 11.33 -8.97 8.50
C LYS A 39 11.78 -9.05 7.04
N GLY A 40 12.36 -7.95 6.58
CA GLY A 40 12.84 -7.86 5.23
C GLY A 40 13.85 -6.74 5.10
N LYS A 41 14.23 -6.43 3.87
CA LYS A 41 15.22 -5.38 3.64
C LYS A 41 14.55 -4.13 3.08
N TYR A 42 14.35 -3.15 3.95
CA TYR A 42 13.71 -1.90 3.57
C TYR A 42 14.48 -0.74 4.19
N LYS A 43 14.54 0.38 3.47
CA LYS A 43 15.17 1.58 4.00
C LYS A 43 14.12 2.42 4.71
N ASP A 44 14.55 3.27 5.62
CA ASP A 44 13.64 4.18 6.33
C ASP A 44 13.28 5.38 5.45
N ASN A 45 13.15 5.09 4.17
CA ASN A 45 12.84 6.09 3.16
C ASN A 45 12.65 5.35 1.83
N GLU A 46 12.05 4.17 1.91
CA GLU A 46 11.86 3.34 0.74
C GLU A 46 10.40 3.38 0.31
N ALA A 47 10.19 3.52 -0.99
CA ALA A 47 8.86 3.59 -1.54
C ALA A 47 8.75 2.73 -2.79
N ILE A 48 7.88 1.75 -2.72
CA ILE A 48 7.67 0.83 -3.82
C ILE A 48 6.50 1.29 -4.67
N GLU A 49 6.82 1.83 -5.84
CA GLU A 49 5.80 2.26 -6.78
C GLU A 49 5.10 1.05 -7.43
N PHE A 50 3.78 1.03 -7.35
CA PHE A 50 3.00 -0.04 -7.95
C PHE A 50 1.67 0.52 -8.46
N SER A 51 1.17 -0.03 -9.56
CA SER A 51 -0.12 0.38 -10.08
C SER A 51 -1.21 -0.48 -9.46
N PHE A 52 -2.41 0.07 -9.31
CA PHE A 52 -3.49 -0.68 -8.70
C PHE A 52 -4.73 -0.60 -9.55
N ASP A 53 -5.17 -1.74 -10.06
CA ASP A 53 -6.43 -1.83 -10.76
C ASP A 53 -7.55 -2.02 -9.75
N LEU A 54 -8.35 -0.99 -9.59
CA LEU A 54 -9.37 -0.94 -8.55
C LEU A 54 -10.50 -1.95 -8.80
N GLU A 55 -10.49 -2.57 -9.97
CA GLU A 55 -11.48 -3.60 -10.27
C GLU A 55 -10.85 -4.99 -10.24
N ARG A 56 -9.73 -5.14 -10.94
CA ARG A 56 -9.07 -6.42 -11.09
C ARG A 56 -8.12 -6.73 -9.94
N ASP A 57 -7.24 -5.78 -9.64
CA ASP A 57 -6.18 -6.03 -8.66
C ASP A 57 -6.73 -6.08 -7.25
N VAL A 58 -6.09 -6.89 -6.43
CA VAL A 58 -6.45 -7.01 -5.03
C VAL A 58 -5.24 -6.64 -4.18
N PRO A 59 -5.43 -5.92 -3.05
CA PRO A 59 -4.32 -5.49 -2.21
C PRO A 59 -3.40 -6.65 -1.82
N GLU A 60 -3.99 -7.75 -1.35
CA GLU A 60 -3.25 -8.96 -1.02
C GLU A 60 -2.55 -9.53 -2.24
N ASP A 61 -3.14 -9.33 -3.41
CA ASP A 61 -2.58 -9.85 -4.66
C ASP A 61 -1.33 -9.08 -5.02
N VAL A 62 -1.41 -7.75 -4.93
CA VAL A 62 -0.28 -6.89 -5.22
C VAL A 62 0.84 -7.13 -4.23
N ALA A 63 0.49 -7.37 -2.99
CA ALA A 63 1.49 -7.65 -1.97
C ALA A 63 2.19 -8.98 -2.25
N GLN A 64 1.61 -9.79 -3.12
CA GLN A 64 2.24 -11.04 -3.54
C GLN A 64 3.23 -10.79 -4.68
N GLU A 65 2.84 -9.96 -5.64
CA GLU A 65 3.74 -9.60 -6.74
C GLU A 65 4.90 -8.78 -6.19
N MET A 66 4.64 -8.06 -5.11
CA MET A 66 5.68 -7.39 -4.35
C MET A 66 6.71 -8.39 -3.85
N VAL A 67 6.21 -9.49 -3.30
CA VAL A 67 7.05 -10.55 -2.78
C VAL A 67 7.85 -11.22 -3.90
N GLU A 68 7.16 -11.60 -4.97
CA GLU A 68 7.78 -12.30 -6.08
C GLU A 68 8.89 -11.46 -6.71
N SER A 69 8.68 -10.15 -6.76
CA SER A 69 9.67 -9.26 -7.35
C SER A 69 10.81 -8.95 -6.38
N GLY A 70 10.73 -9.50 -5.18
CA GLY A 70 11.82 -9.36 -4.23
C GLY A 70 11.72 -8.12 -3.37
N TYR A 71 10.67 -7.34 -3.57
CA TYR A 71 10.48 -6.12 -2.79
C TYR A 71 10.10 -6.46 -1.36
N VAL A 72 8.97 -7.13 -1.21
CA VAL A 72 8.46 -7.48 0.10
C VAL A 72 8.76 -8.95 0.41
N CYS A 73 8.96 -9.24 1.68
CA CYS A 73 9.13 -10.61 2.12
C CYS A 73 7.76 -11.17 2.47
N GLU A 74 7.50 -12.42 2.10
CA GLU A 74 6.16 -12.99 2.16
C GLU A 74 5.67 -13.15 3.60
N GLY A 75 6.56 -12.98 4.57
CA GLY A 75 6.17 -13.03 5.96
C GLY A 75 5.54 -11.73 6.41
N ASP A 76 5.76 -10.67 5.64
CA ASP A 76 5.19 -9.36 5.93
C ASP A 76 4.18 -8.99 4.85
N HIS A 77 3.65 -10.03 4.21
CA HIS A 77 2.72 -9.88 3.09
C HIS A 77 1.44 -9.16 3.51
N LYS A 78 0.90 -9.56 4.66
CA LYS A 78 -0.38 -9.01 5.12
C LYS A 78 -0.24 -7.53 5.49
N THR A 79 0.88 -7.21 6.13
CA THR A 79 1.18 -5.83 6.52
C THR A 79 1.13 -4.90 5.31
N MET A 80 1.76 -5.33 4.22
CA MET A 80 1.81 -4.52 3.01
C MET A 80 0.44 -4.39 2.38
N ALA A 81 -0.24 -5.51 2.26
CA ALA A 81 -1.57 -5.55 1.64
C ALA A 81 -2.55 -4.67 2.39
N LYS A 82 -2.42 -4.64 3.71
CA LYS A 82 -3.28 -3.81 4.54
C LYS A 82 -3.03 -2.34 4.26
N ALA A 83 -1.75 -2.00 4.07
CA ALA A 83 -1.37 -0.65 3.68
C ALA A 83 -2.01 -0.28 2.36
N ILE A 84 -1.92 -1.20 1.42
CA ILE A 84 -2.49 -1.03 0.10
C ILE A 84 -3.99 -0.83 0.20
N LYS A 85 -4.65 -1.75 0.90
CA LYS A 85 -6.10 -1.72 1.04
C LYS A 85 -6.56 -0.45 1.73
N ASP A 86 -5.80 -0.01 2.73
CA ASP A 86 -6.18 1.15 3.52
C ASP A 86 -6.16 2.41 2.66
N ARG A 87 -5.22 2.49 1.72
CA ARG A 87 -5.16 3.62 0.82
C ARG A 87 -6.24 3.51 -0.25
N VAL A 88 -6.38 2.32 -0.81
CA VAL A 88 -7.36 2.07 -1.83
C VAL A 88 -8.77 2.35 -1.31
N SER A 89 -8.93 2.20 0.00
CA SER A 89 -10.18 2.54 0.66
C SER A 89 -10.53 4.02 0.39
N LEU A 90 -9.58 4.92 0.63
CA LEU A 90 -9.78 6.35 0.42
C LEU A 90 -10.06 6.64 -1.05
N ILE A 91 -9.36 5.92 -1.91
CA ILE A 91 -9.48 6.07 -3.35
C ILE A 91 -10.84 5.57 -3.85
N LYS A 92 -11.25 4.40 -3.36
CA LYS A 92 -12.52 3.83 -3.74
C LYS A 92 -13.70 4.63 -3.20
N ARG A 93 -13.46 5.38 -2.12
CA ARG A 93 -14.49 6.24 -1.56
C ARG A 93 -14.96 7.27 -2.59
N LYS A 94 -14.04 7.71 -3.44
CA LYS A 94 -14.37 8.65 -4.49
C LYS A 94 -15.05 7.94 -5.65
N ARG A 95 -14.66 6.69 -5.86
CA ARG A 95 -15.28 5.85 -6.88
C ARG A 95 -16.70 5.48 -6.49
N GLU A 96 -16.92 5.29 -5.19
CA GLU A 96 -18.25 5.02 -4.65
C GLU A 96 -19.17 6.22 -4.86
N GLN A 97 -18.55 7.40 -4.96
CA GLN A 97 -19.25 8.68 -5.18
C GLN A 97 -19.94 9.14 -3.90
N ARG A 98 -20.75 8.27 -3.35
CA ARG A 98 -21.44 8.53 -2.11
C ARG A 98 -20.85 7.69 -1.00
N GLY A 1 3.97 8.41 6.13
CA GLY A 1 4.91 9.27 6.88
C GLY A 1 4.35 9.68 8.23
N ALA A 2 4.58 8.85 9.24
CA ALA A 2 4.13 9.15 10.59
C ALA A 2 5.30 9.62 11.44
N MET A 3 5.64 10.90 11.31
CA MET A 3 6.75 11.49 12.04
C MET A 3 6.53 11.37 13.54
N ASP A 4 5.34 11.69 13.99
CA ASP A 4 4.98 11.52 15.38
C ASP A 4 4.84 10.05 15.71
N PRO A 5 5.53 9.58 16.77
CA PRO A 5 5.51 8.18 17.21
C PRO A 5 4.11 7.67 17.54
N GLN A 6 3.39 7.23 16.53
CA GLN A 6 2.08 6.62 16.71
C GLN A 6 2.05 5.24 16.05
N GLU A 7 3.10 4.94 15.28
CA GLU A 7 3.19 3.71 14.50
C GLU A 7 1.97 3.54 13.60
N GLU A 8 2.05 4.12 12.41
CA GLU A 8 0.96 4.03 11.44
C GLU A 8 1.00 2.67 10.75
N THR A 9 0.84 1.60 11.53
CA THR A 9 0.89 0.22 11.05
C THR A 9 2.31 -0.18 10.62
N GLY A 10 3.14 0.79 10.31
CA GLY A 10 4.48 0.52 9.86
C GLY A 10 4.59 0.57 8.37
N VAL A 11 3.45 0.84 7.73
CA VAL A 11 3.38 0.97 6.28
C VAL A 11 2.42 2.06 5.88
N ARG A 12 2.65 2.62 4.70
CA ARG A 12 1.76 3.64 4.17
C ARG A 12 1.89 3.77 2.66
N VAL A 13 0.76 3.83 2.01
CA VAL A 13 0.72 3.96 0.57
C VAL A 13 0.23 5.34 0.18
N GLU A 14 0.90 5.94 -0.77
CA GLU A 14 0.59 7.30 -1.18
C GLU A 14 0.48 7.39 -2.71
N LEU A 15 -0.26 8.39 -3.17
CA LEU A 15 -0.49 8.57 -4.59
C LEU A 15 0.71 9.21 -5.27
N ALA A 16 1.10 8.65 -6.40
CA ALA A 16 2.16 9.24 -7.20
C ALA A 16 1.59 10.35 -8.06
N GLU A 17 0.29 10.33 -8.20
CA GLU A 17 -0.43 11.28 -9.01
C GLU A 17 -1.68 11.72 -8.28
N GLU A 18 -2.18 12.88 -8.64
CA GLU A 18 -3.38 13.43 -8.03
C GLU A 18 -4.60 12.61 -8.44
N ASP A 19 -5.23 11.97 -7.47
CA ASP A 19 -6.41 11.16 -7.75
C ASP A 19 -7.57 12.03 -8.23
N ASP A 20 -8.24 11.55 -9.26
CA ASP A 20 -9.27 12.31 -9.94
C ASP A 20 -10.64 11.81 -9.54
N GLY A 21 -10.68 10.62 -8.95
CA GLY A 21 -11.94 10.05 -8.55
C GLY A 21 -12.37 8.87 -9.40
N GLU A 22 -12.72 9.13 -10.65
CA GLU A 22 -13.25 8.11 -11.53
C GLU A 22 -12.12 7.32 -12.18
N LYS A 23 -10.98 7.27 -11.51
CA LYS A 23 -9.83 6.53 -11.97
C LYS A 23 -10.04 5.04 -11.72
N ILE A 24 -9.67 4.22 -12.68
CA ILE A 24 -9.76 2.78 -12.54
C ILE A 24 -8.42 2.22 -12.14
N ALA A 25 -7.37 2.81 -12.68
CA ALA A 25 -6.03 2.37 -12.39
C ALA A 25 -5.14 3.54 -12.05
N ILE A 26 -4.57 3.50 -10.87
CA ILE A 26 -3.79 4.60 -10.36
C ILE A 26 -2.35 4.19 -10.16
N LYS A 27 -1.54 5.11 -9.67
CA LYS A 27 -0.14 4.84 -9.40
C LYS A 27 0.19 5.19 -7.96
N LEU A 28 0.51 4.16 -7.19
CA LEU A 28 0.77 4.31 -5.77
C LEU A 28 2.23 3.98 -5.45
N TRP A 29 2.74 4.48 -4.34
CA TRP A 29 4.03 4.06 -3.83
C TRP A 29 3.88 3.47 -2.44
N LEU A 30 4.24 2.20 -2.30
CA LEU A 30 4.23 1.54 -1.01
C LEU A 30 5.42 2.01 -0.20
N ARG A 31 5.15 2.81 0.81
CA ARG A 31 6.20 3.35 1.65
C ARG A 31 6.12 2.75 3.04
N ILE A 32 7.26 2.68 3.70
CA ILE A 32 7.33 2.05 5.01
C ILE A 32 7.39 3.09 6.12
N GLU A 33 6.48 2.97 7.08
CA GLU A 33 6.44 3.86 8.22
C GLU A 33 7.48 3.45 9.25
N ASP A 34 7.60 2.15 9.44
CA ASP A 34 8.49 1.62 10.46
C ASP A 34 9.14 0.33 9.95
N ILE A 35 10.36 0.46 9.45
CA ILE A 35 11.06 -0.66 8.85
C ILE A 35 11.55 -1.65 9.89
N LYS A 36 11.40 -1.31 11.17
CA LYS A 36 11.86 -2.16 12.26
C LYS A 36 10.76 -3.11 12.71
N LYS A 37 9.52 -2.80 12.35
CA LYS A 37 8.39 -3.63 12.71
C LYS A 37 8.19 -4.75 11.70
N LEU A 38 8.92 -4.65 10.59
CA LEU A 38 8.86 -5.62 9.53
C LEU A 38 9.99 -6.64 9.69
N LYS A 39 9.88 -7.76 9.01
CA LYS A 39 10.90 -8.79 9.04
C LYS A 39 11.81 -8.65 7.83
N GLY A 40 11.23 -8.21 6.73
CA GLY A 40 11.99 -7.99 5.51
C GLY A 40 12.99 -6.86 5.61
N LYS A 41 13.85 -6.75 4.61
CA LYS A 41 14.86 -5.71 4.55
C LYS A 41 14.32 -4.47 3.83
N TYR A 42 14.26 -3.35 4.52
CA TYR A 42 13.76 -2.12 3.94
C TYR A 42 14.60 -0.94 4.39
N LYS A 43 14.28 0.23 3.87
CA LYS A 43 15.01 1.45 4.19
C LYS A 43 14.08 2.45 4.84
N ASP A 44 14.66 3.34 5.64
CA ASP A 44 13.88 4.38 6.33
C ASP A 44 13.55 5.53 5.38
N ASN A 45 13.27 5.14 4.15
CA ASN A 45 12.94 6.05 3.06
C ASN A 45 12.70 5.20 1.82
N GLU A 46 12.00 4.10 2.02
CA GLU A 46 11.81 3.10 0.98
C GLU A 46 10.41 3.21 0.40
N ALA A 47 10.33 3.10 -0.91
CA ALA A 47 9.05 3.21 -1.59
C ALA A 47 9.00 2.29 -2.80
N ILE A 48 7.87 1.64 -2.96
CA ILE A 48 7.64 0.74 -4.06
C ILE A 48 6.47 1.23 -4.90
N GLU A 49 6.77 1.84 -6.03
CA GLU A 49 5.75 2.34 -6.94
C GLU A 49 5.03 1.18 -7.64
N PHE A 50 3.71 1.21 -7.62
CA PHE A 50 2.91 0.18 -8.26
C PHE A 50 1.57 0.75 -8.70
N SER A 51 1.09 0.31 -9.86
CA SER A 51 -0.21 0.72 -10.35
C SER A 51 -1.28 -0.15 -9.71
N PHE A 52 -2.45 0.41 -9.44
CA PHE A 52 -3.52 -0.35 -8.85
C PHE A 52 -4.81 -0.16 -9.62
N ASP A 53 -5.32 -1.25 -10.17
CA ASP A 53 -6.62 -1.24 -10.81
C ASP A 53 -7.68 -1.51 -9.75
N LEU A 54 -8.43 -0.48 -9.42
CA LEU A 54 -9.37 -0.52 -8.32
C LEU A 54 -10.49 -1.53 -8.55
N GLU A 55 -10.70 -1.91 -9.80
CA GLU A 55 -11.77 -2.82 -10.17
C GLU A 55 -11.25 -4.26 -10.30
N ARG A 56 -10.04 -4.41 -10.82
CA ARG A 56 -9.47 -5.73 -11.08
C ARG A 56 -8.50 -6.17 -9.99
N ASP A 57 -7.58 -5.29 -9.62
CA ASP A 57 -6.47 -5.67 -8.76
C ASP A 57 -6.89 -5.90 -7.31
N VAL A 58 -6.21 -6.83 -6.68
CA VAL A 58 -6.44 -7.17 -5.29
C VAL A 58 -5.18 -6.87 -4.48
N PRO A 59 -5.32 -6.08 -3.40
CA PRO A 59 -4.18 -5.62 -2.58
C PRO A 59 -3.32 -6.76 -2.05
N GLU A 60 -3.97 -7.84 -1.65
CA GLU A 60 -3.26 -9.02 -1.18
C GLU A 60 -2.49 -9.67 -2.31
N ASP A 61 -3.08 -9.66 -3.50
CA ASP A 61 -2.47 -10.26 -4.68
C ASP A 61 -1.29 -9.42 -5.16
N VAL A 62 -1.42 -8.11 -5.02
CA VAL A 62 -0.35 -7.20 -5.36
C VAL A 62 0.82 -7.36 -4.40
N ALA A 63 0.51 -7.47 -3.12
CA ALA A 63 1.55 -7.69 -2.12
C ALA A 63 2.25 -9.02 -2.37
N GLN A 64 1.54 -9.94 -3.03
CA GLN A 64 2.13 -11.22 -3.42
C GLN A 64 3.18 -11.02 -4.50
N GLU A 65 2.83 -10.27 -5.55
CA GLU A 65 3.76 -10.02 -6.63
C GLU A 65 4.91 -9.16 -6.13
N MET A 66 4.63 -8.37 -5.10
CA MET A 66 5.66 -7.62 -4.39
C MET A 66 6.70 -8.57 -3.80
N VAL A 67 6.21 -9.61 -3.12
CA VAL A 67 7.07 -10.62 -2.52
C VAL A 67 7.85 -11.38 -3.59
N GLU A 68 7.13 -11.83 -4.62
CA GLU A 68 7.72 -12.63 -5.69
C GLU A 68 8.81 -11.87 -6.43
N SER A 69 8.65 -10.55 -6.53
CA SER A 69 9.61 -9.73 -7.26
C SER A 69 10.77 -9.28 -6.36
N GLY A 70 10.77 -9.75 -5.12
CA GLY A 70 11.85 -9.45 -4.21
C GLY A 70 11.73 -8.09 -3.55
N TYR A 71 10.55 -7.49 -3.63
CA TYR A 71 10.32 -6.19 -3.00
C TYR A 71 9.94 -6.37 -1.54
N VAL A 72 8.93 -7.19 -1.32
CA VAL A 72 8.37 -7.39 0.02
C VAL A 72 8.68 -8.81 0.52
N CYS A 73 8.79 -8.95 1.83
CA CYS A 73 8.98 -10.24 2.45
C CYS A 73 7.62 -10.91 2.67
N GLU A 74 7.57 -12.21 2.41
CA GLU A 74 6.33 -12.98 2.51
C GLU A 74 5.76 -12.94 3.93
N GLY A 75 6.63 -12.75 4.90
CA GLY A 75 6.17 -12.65 6.29
C GLY A 75 5.53 -11.31 6.58
N ASP A 76 5.76 -10.34 5.71
CA ASP A 76 5.20 -9.00 5.88
C ASP A 76 4.18 -8.72 4.78
N HIS A 77 3.75 -9.78 4.11
CA HIS A 77 2.78 -9.68 3.02
C HIS A 77 1.47 -9.04 3.51
N LYS A 78 0.99 -9.51 4.65
CA LYS A 78 -0.24 -8.96 5.24
C LYS A 78 -0.10 -7.47 5.48
N THR A 79 1.02 -7.08 6.05
CA THR A 79 1.28 -5.70 6.41
C THR A 79 1.21 -4.79 5.18
N MET A 80 1.79 -5.24 4.07
CA MET A 80 1.81 -4.46 2.85
C MET A 80 0.42 -4.38 2.24
N ALA A 81 -0.24 -5.53 2.15
CA ALA A 81 -1.57 -5.60 1.57
C ALA A 81 -2.56 -4.75 2.36
N LYS A 82 -2.38 -4.72 3.68
CA LYS A 82 -3.20 -3.90 4.54
C LYS A 82 -2.95 -2.43 4.22
N ALA A 83 -1.68 -2.08 4.05
CA ALA A 83 -1.30 -0.72 3.67
C ALA A 83 -1.98 -0.34 2.36
N ILE A 84 -1.92 -1.25 1.39
CA ILE A 84 -2.56 -1.06 0.11
C ILE A 84 -4.06 -0.88 0.29
N LYS A 85 -4.66 -1.79 1.06
CA LYS A 85 -6.10 -1.79 1.25
C LYS A 85 -6.56 -0.52 1.96
N ASP A 86 -5.77 -0.06 2.93
CA ASP A 86 -6.12 1.14 3.67
C ASP A 86 -6.22 2.33 2.73
N ARG A 87 -5.25 2.45 1.83
CA ARG A 87 -5.23 3.55 0.87
C ARG A 87 -6.37 3.38 -0.14
N VAL A 88 -6.51 2.18 -0.67
CA VAL A 88 -7.50 1.90 -1.68
C VAL A 88 -8.91 2.14 -1.15
N SER A 89 -9.15 1.80 0.11
CA SER A 89 -10.45 2.02 0.73
C SER A 89 -10.77 3.52 0.75
N LEU A 90 -9.76 4.32 1.05
CA LEU A 90 -9.88 5.78 1.06
C LEU A 90 -10.10 6.30 -0.35
N ILE A 91 -9.35 5.72 -1.28
CA ILE A 91 -9.47 6.06 -2.70
C ILE A 91 -10.85 5.70 -3.24
N LYS A 92 -11.31 4.51 -2.90
CA LYS A 92 -12.61 4.03 -3.35
C LYS A 92 -13.75 4.82 -2.72
N ARG A 93 -13.49 5.42 -1.57
CA ARG A 93 -14.47 6.30 -0.92
C ARG A 93 -14.79 7.48 -1.84
N LYS A 94 -13.78 7.92 -2.57
CA LYS A 94 -13.95 8.97 -3.56
C LYS A 94 -14.80 8.46 -4.72
N ARG A 95 -14.59 7.20 -5.07
CA ARG A 95 -15.35 6.55 -6.14
C ARG A 95 -16.80 6.31 -5.73
N GLU A 96 -17.00 6.09 -4.44
CA GLU A 96 -18.32 5.84 -3.89
C GLU A 96 -19.25 7.01 -4.13
N GLN A 97 -18.75 8.23 -3.87
CA GLN A 97 -19.53 9.46 -4.01
C GLN A 97 -20.63 9.53 -2.95
N ARG A 98 -20.83 10.74 -2.40
CA ARG A 98 -21.80 10.98 -1.34
C ARG A 98 -21.32 10.39 -0.02
N GLY A 1 -1.39 6.41 11.35
CA GLY A 1 -0.57 5.17 11.36
C GLY A 1 -0.95 4.25 12.51
N ALA A 2 -0.05 3.35 12.87
CA ALA A 2 -0.29 2.43 13.96
C ALA A 2 0.33 2.96 15.25
N MET A 3 -0.51 3.35 16.19
CA MET A 3 -0.03 3.86 17.47
C MET A 3 0.33 2.71 18.39
N ASP A 4 -0.30 1.56 18.16
CA ASP A 4 -0.04 0.37 18.96
C ASP A 4 0.72 -0.67 18.15
N PRO A 5 1.69 -1.32 18.81
CA PRO A 5 2.48 -2.42 18.22
C PRO A 5 1.61 -3.64 17.93
N GLN A 6 0.34 -3.56 18.29
CA GLN A 6 -0.61 -4.64 18.07
C GLN A 6 -0.91 -4.80 16.58
N GLU A 7 -0.99 -3.68 15.87
CA GLU A 7 -1.29 -3.71 14.45
C GLU A 7 0.00 -3.81 13.64
N GLU A 8 -0.06 -4.56 12.55
CA GLU A 8 1.08 -4.72 11.68
C GLU A 8 1.04 -3.70 10.57
N THR A 9 1.58 -2.52 10.85
CA THR A 9 1.63 -1.47 9.85
C THR A 9 3.08 -1.07 9.57
N GLY A 10 3.49 0.12 9.98
CA GLY A 10 4.81 0.60 9.62
C GLY A 10 4.95 0.78 8.13
N VAL A 11 3.84 1.16 7.50
CA VAL A 11 3.75 1.29 6.06
C VAL A 11 2.72 2.34 5.69
N ARG A 12 2.87 2.92 4.52
CA ARG A 12 1.90 3.89 4.05
C ARG A 12 1.93 3.97 2.53
N VAL A 13 0.74 4.05 1.96
CA VAL A 13 0.59 4.04 0.52
C VAL A 13 0.04 5.37 0.03
N GLU A 14 0.74 5.94 -0.92
CA GLU A 14 0.42 7.28 -1.42
C GLU A 14 0.30 7.30 -2.92
N LEU A 15 -0.51 8.22 -3.42
CA LEU A 15 -0.71 8.36 -4.86
C LEU A 15 0.51 8.98 -5.51
N ALA A 16 0.87 8.48 -6.67
CA ALA A 16 1.96 9.05 -7.45
C ALA A 16 1.45 10.26 -8.22
N GLU A 17 0.14 10.26 -8.47
CA GLU A 17 -0.49 11.33 -9.21
C GLU A 17 -1.70 11.85 -8.45
N GLU A 18 -2.48 12.69 -9.12
CA GLU A 18 -3.66 13.28 -8.51
C GLU A 18 -4.89 12.40 -8.72
N ASP A 19 -5.36 11.78 -7.66
CA ASP A 19 -6.53 10.92 -7.77
C ASP A 19 -7.62 11.35 -6.80
N ASP A 20 -8.79 11.62 -7.35
CA ASP A 20 -9.98 11.91 -6.55
C ASP A 20 -11.23 11.71 -7.41
N GLY A 21 -11.07 10.96 -8.49
CA GLY A 21 -12.16 10.81 -9.43
C GLY A 21 -12.63 9.37 -9.55
N GLU A 22 -12.54 8.84 -10.77
CA GLU A 22 -13.10 7.54 -11.08
C GLU A 22 -12.10 6.67 -11.84
N LYS A 23 -10.82 6.93 -11.65
CA LYS A 23 -9.78 6.12 -12.27
C LYS A 23 -9.94 4.67 -11.85
N ILE A 24 -9.77 3.76 -12.81
CA ILE A 24 -9.86 2.35 -12.53
C ILE A 24 -8.50 1.80 -12.20
N ALA A 25 -7.48 2.42 -12.77
CA ALA A 25 -6.12 1.99 -12.52
C ALA A 25 -5.24 3.18 -12.18
N ILE A 26 -4.69 3.15 -10.99
CA ILE A 26 -3.90 4.24 -10.46
C ILE A 26 -2.48 3.79 -10.19
N LYS A 27 -1.69 4.63 -9.55
CA LYS A 27 -0.32 4.27 -9.23
C LYS A 27 0.09 4.80 -7.86
N LEU A 28 0.22 3.89 -6.90
CA LEU A 28 0.66 4.25 -5.56
C LEU A 28 2.16 4.04 -5.39
N TRP A 29 2.67 4.59 -4.29
CA TRP A 29 4.00 4.26 -3.80
C TRP A 29 3.89 3.75 -2.37
N LEU A 30 4.33 2.53 -2.14
CA LEU A 30 4.33 1.95 -0.81
C LEU A 30 5.55 2.40 -0.02
N ARG A 31 5.35 3.31 0.90
CA ARG A 31 6.43 3.78 1.75
C ARG A 31 6.52 2.94 3.01
N ILE A 32 7.72 2.51 3.34
CA ILE A 32 7.95 1.78 4.57
C ILE A 32 8.22 2.76 5.71
N GLU A 33 7.30 2.81 6.67
CA GLU A 33 7.39 3.75 7.76
C GLU A 33 8.32 3.23 8.85
N ASP A 34 8.04 2.03 9.32
CA ASP A 34 8.80 1.46 10.42
C ASP A 34 9.29 0.07 10.06
N ILE A 35 10.54 -0.02 9.68
CA ILE A 35 11.13 -1.26 9.23
C ILE A 35 11.43 -2.20 10.40
N LYS A 36 11.32 -1.68 11.61
CA LYS A 36 11.54 -2.47 12.81
C LYS A 36 10.29 -3.28 13.16
N LYS A 37 9.17 -2.92 12.55
CA LYS A 37 7.94 -3.62 12.74
C LYS A 37 7.89 -4.81 11.79
N LEU A 38 8.58 -4.68 10.68
CA LEU A 38 8.60 -5.72 9.66
C LEU A 38 9.70 -6.73 9.96
N LYS A 39 9.55 -7.93 9.44
CA LYS A 39 10.51 -9.00 9.70
C LYS A 39 11.49 -9.14 8.55
N GLY A 40 11.20 -8.47 7.44
CA GLY A 40 12.10 -8.48 6.30
C GLY A 40 13.25 -7.50 6.47
N LYS A 41 13.91 -7.18 5.36
CA LYS A 41 15.01 -6.22 5.36
C LYS A 41 14.64 -5.01 4.52
N TYR A 42 14.28 -3.91 5.17
CA TYR A 42 13.79 -2.74 4.46
C TYR A 42 14.50 -1.48 4.93
N LYS A 43 14.21 -0.39 4.24
CA LYS A 43 14.74 0.93 4.60
C LYS A 43 13.60 1.83 5.02
N ASP A 44 13.78 2.60 6.09
CA ASP A 44 12.72 3.46 6.61
C ASP A 44 12.61 4.75 5.80
N ASN A 45 12.81 4.60 4.50
CA ASN A 45 12.71 5.69 3.55
C ASN A 45 12.56 5.14 2.15
N GLU A 46 12.03 3.92 2.05
CA GLU A 46 11.86 3.28 0.77
C GLU A 46 10.40 3.35 0.33
N ALA A 47 10.21 3.54 -0.95
CA ALA A 47 8.88 3.64 -1.52
C ALA A 47 8.77 2.77 -2.77
N ILE A 48 7.80 1.87 -2.73
CA ILE A 48 7.58 0.92 -3.80
C ILE A 48 6.40 1.35 -4.68
N GLU A 49 6.71 1.86 -5.86
CA GLU A 49 5.69 2.31 -6.80
C GLU A 49 4.98 1.13 -7.47
N PHE A 50 3.66 1.10 -7.39
CA PHE A 50 2.88 0.04 -8.00
C PHE A 50 1.55 0.59 -8.51
N SER A 51 1.11 0.08 -9.65
CA SER A 51 -0.17 0.48 -10.20
C SER A 51 -1.28 -0.36 -9.59
N PHE A 52 -2.44 0.23 -9.35
CA PHE A 52 -3.52 -0.51 -8.74
C PHE A 52 -4.78 -0.41 -9.58
N ASP A 53 -5.19 -1.52 -10.16
CA ASP A 53 -6.45 -1.60 -10.86
C ASP A 53 -7.54 -1.91 -9.85
N LEU A 54 -8.37 -0.92 -9.58
CA LEU A 54 -9.36 -1.00 -8.52
C LEU A 54 -10.45 -2.02 -8.82
N GLU A 55 -10.47 -2.53 -10.04
CA GLU A 55 -11.43 -3.55 -10.42
C GLU A 55 -10.76 -4.92 -10.54
N ARG A 56 -9.59 -4.94 -11.15
CA ARG A 56 -8.86 -6.18 -11.38
C ARG A 56 -7.92 -6.52 -10.22
N ASP A 57 -7.09 -5.56 -9.83
CA ASP A 57 -6.06 -5.80 -8.82
C ASP A 57 -6.65 -6.00 -7.44
N VAL A 58 -5.89 -6.68 -6.61
CA VAL A 58 -6.25 -6.91 -5.22
C VAL A 58 -5.07 -6.56 -4.33
N PRO A 59 -5.27 -5.88 -3.20
CA PRO A 59 -4.17 -5.45 -2.33
C PRO A 59 -3.23 -6.59 -1.96
N GLU A 60 -3.83 -7.69 -1.50
CA GLU A 60 -3.08 -8.89 -1.15
C GLU A 60 -2.37 -9.48 -2.36
N ASP A 61 -2.96 -9.30 -3.54
CA ASP A 61 -2.38 -9.80 -4.78
C ASP A 61 -1.14 -9.00 -5.13
N VAL A 62 -1.26 -7.69 -5.04
CA VAL A 62 -0.14 -6.80 -5.29
C VAL A 62 0.99 -7.08 -4.31
N ALA A 63 0.64 -7.30 -3.05
CA ALA A 63 1.62 -7.64 -2.04
C ALA A 63 2.27 -8.98 -2.34
N GLN A 64 1.55 -9.86 -3.03
CA GLN A 64 2.12 -11.12 -3.49
C GLN A 64 3.14 -10.88 -4.58
N GLU A 65 2.78 -10.03 -5.53
CA GLU A 65 3.70 -9.62 -6.58
C GLU A 65 4.93 -8.98 -5.97
N MET A 66 4.70 -8.18 -4.93
CA MET A 66 5.78 -7.54 -4.19
C MET A 66 6.78 -8.58 -3.68
N VAL A 67 6.26 -9.69 -3.19
CA VAL A 67 7.08 -10.77 -2.68
C VAL A 67 7.88 -11.42 -3.82
N GLU A 68 7.18 -11.79 -4.88
CA GLU A 68 7.78 -12.48 -6.02
C GLU A 68 8.82 -11.62 -6.71
N SER A 69 8.64 -10.31 -6.65
CA SER A 69 9.53 -9.39 -7.32
C SER A 69 10.76 -9.08 -6.46
N GLY A 70 10.69 -9.44 -5.17
CA GLY A 70 11.82 -9.23 -4.29
C GLY A 70 11.69 -7.96 -3.46
N TYR A 71 10.55 -7.31 -3.54
CA TYR A 71 10.31 -6.09 -2.76
C TYR A 71 9.97 -6.44 -1.32
N VAL A 72 9.00 -7.32 -1.16
CA VAL A 72 8.45 -7.66 0.14
C VAL A 72 8.71 -9.13 0.48
N CYS A 73 8.81 -9.43 1.77
CA CYS A 73 8.97 -10.78 2.23
C CYS A 73 7.60 -11.36 2.54
N GLU A 74 7.41 -12.63 2.23
CA GLU A 74 6.12 -13.29 2.34
C GLU A 74 5.61 -13.33 3.78
N GLY A 75 6.50 -13.06 4.74
CA GLY A 75 6.11 -13.02 6.13
C GLY A 75 5.48 -11.70 6.51
N ASP A 76 5.70 -10.68 5.69
CA ASP A 76 5.13 -9.35 5.92
C ASP A 76 4.14 -9.02 4.82
N HIS A 77 3.64 -10.07 4.17
CA HIS A 77 2.75 -9.94 3.02
C HIS A 77 1.45 -9.21 3.38
N LYS A 78 0.79 -9.65 4.45
CA LYS A 78 -0.49 -9.07 4.85
C LYS A 78 -0.31 -7.65 5.35
N THR A 79 0.85 -7.37 5.94
CA THR A 79 1.18 -6.05 6.43
C THR A 79 1.14 -5.03 5.28
N MET A 80 1.80 -5.38 4.18
CA MET A 80 1.86 -4.50 3.03
C MET A 80 0.48 -4.34 2.42
N ALA A 81 -0.23 -5.45 2.29
CA ALA A 81 -1.56 -5.45 1.69
C ALA A 81 -2.53 -4.61 2.49
N LYS A 82 -2.34 -4.57 3.81
CA LYS A 82 -3.16 -3.74 4.67
C LYS A 82 -2.93 -2.28 4.37
N ALA A 83 -1.67 -1.92 4.16
CA ALA A 83 -1.32 -0.56 3.77
C ALA A 83 -1.97 -0.20 2.44
N ILE A 84 -1.89 -1.14 1.51
CA ILE A 84 -2.47 -0.95 0.19
C ILE A 84 -3.98 -0.81 0.30
N LYS A 85 -4.61 -1.72 1.02
CA LYS A 85 -6.05 -1.77 1.14
C LYS A 85 -6.58 -0.52 1.84
N ASP A 86 -5.80 0.01 2.78
CA ASP A 86 -6.21 1.22 3.50
C ASP A 86 -6.32 2.40 2.55
N ARG A 87 -5.32 2.55 1.68
CA ARG A 87 -5.31 3.62 0.72
C ARG A 87 -6.41 3.42 -0.30
N VAL A 88 -6.52 2.20 -0.79
CA VAL A 88 -7.50 1.85 -1.79
C VAL A 88 -8.92 2.06 -1.28
N SER A 89 -9.14 1.84 0.01
CA SER A 89 -10.46 2.04 0.60
C SER A 89 -10.89 3.50 0.49
N LEU A 90 -9.95 4.40 0.76
CA LEU A 90 -10.20 5.84 0.62
C LEU A 90 -10.42 6.19 -0.84
N ILE A 91 -9.57 5.61 -1.69
CA ILE A 91 -9.62 5.83 -3.12
C ILE A 91 -10.95 5.37 -3.72
N LYS A 92 -11.37 4.18 -3.34
CA LYS A 92 -12.62 3.61 -3.83
C LYS A 92 -13.82 4.39 -3.32
N ARG A 93 -13.64 5.10 -2.21
CA ARG A 93 -14.70 5.95 -1.68
C ARG A 93 -15.10 7.00 -2.71
N LYS A 94 -14.14 7.43 -3.52
CA LYS A 94 -14.40 8.38 -4.60
C LYS A 94 -15.20 7.71 -5.72
N ARG A 95 -14.97 6.41 -5.88
CA ARG A 95 -15.69 5.62 -6.86
C ARG A 95 -17.10 5.30 -6.38
N GLU A 96 -17.38 5.61 -5.12
CA GLU A 96 -18.70 5.40 -4.54
C GLU A 96 -19.66 6.49 -4.99
N GLN A 97 -19.78 6.60 -6.31
CA GLN A 97 -20.64 7.57 -6.94
C GLN A 97 -21.44 6.87 -8.03
N ARG A 98 -22.50 7.48 -8.51
CA ARG A 98 -23.25 6.93 -9.62
C ARG A 98 -22.78 7.54 -10.93
N GLY A 1 -5.61 3.69 15.27
CA GLY A 1 -5.80 4.81 16.22
C GLY A 1 -4.57 5.05 17.05
N ALA A 2 -4.04 6.26 16.98
CA ALA A 2 -2.84 6.62 17.75
C ALA A 2 -2.81 8.11 18.01
N MET A 3 -2.53 8.48 19.26
CA MET A 3 -2.42 9.88 19.63
C MET A 3 -1.01 10.38 19.36
N ASP A 4 -0.02 9.54 19.67
CA ASP A 4 1.36 9.86 19.36
C ASP A 4 1.65 9.56 17.90
N PRO A 5 2.54 10.36 17.29
CA PRO A 5 2.97 10.21 15.88
C PRO A 5 3.30 8.76 15.50
N GLN A 6 2.27 8.01 15.14
CA GLN A 6 2.37 6.62 14.76
C GLN A 6 1.01 6.14 14.32
N GLU A 7 0.89 4.86 13.97
CA GLU A 7 -0.39 4.29 13.59
C GLU A 7 -0.35 2.78 13.77
N GLU A 8 0.68 2.31 14.48
CA GLU A 8 0.92 0.88 14.69
C GLU A 8 1.32 0.18 13.39
N THR A 9 0.47 0.26 12.38
CA THR A 9 0.77 -0.28 11.07
C THR A 9 1.96 0.48 10.47
N GLY A 10 3.05 -0.23 10.25
CA GLY A 10 4.28 0.41 9.82
C GLY A 10 4.39 0.56 8.32
N VAL A 11 3.30 0.97 7.68
CA VAL A 11 3.26 1.17 6.24
C VAL A 11 2.15 2.14 5.86
N ARG A 12 2.27 2.74 4.70
CA ARG A 12 1.27 3.66 4.18
C ARG A 12 1.49 3.89 2.69
N VAL A 13 0.41 3.93 1.94
CA VAL A 13 0.49 4.08 0.49
C VAL A 13 -0.06 5.44 0.06
N GLU A 14 0.55 6.02 -0.96
CA GLU A 14 0.15 7.32 -1.46
C GLU A 14 0.03 7.31 -2.98
N LEU A 15 -0.61 8.35 -3.50
CA LEU A 15 -0.83 8.48 -4.94
C LEU A 15 0.37 9.12 -5.61
N ALA A 16 0.86 8.49 -6.66
CA ALA A 16 1.93 9.05 -7.48
C ALA A 16 1.39 10.14 -8.38
N GLU A 17 0.08 10.17 -8.47
CA GLU A 17 -0.64 11.09 -9.32
C GLU A 17 -1.86 11.59 -8.57
N GLU A 18 -2.45 12.67 -9.03
CA GLU A 18 -3.63 13.20 -8.39
C GLU A 18 -4.85 12.43 -8.86
N ASP A 19 -5.49 11.72 -7.95
CA ASP A 19 -6.63 10.89 -8.30
C ASP A 19 -7.90 11.42 -7.66
N ASP A 20 -8.73 12.04 -8.48
CA ASP A 20 -10.03 12.51 -8.02
C ASP A 20 -11.07 11.42 -8.25
N GLY A 21 -10.82 10.60 -9.26
CA GLY A 21 -11.66 9.45 -9.53
C GLY A 21 -12.26 9.48 -10.91
N GLU A 22 -11.88 8.50 -11.72
CA GLU A 22 -12.32 8.38 -13.10
C GLU A 22 -11.61 7.20 -13.75
N LYS A 23 -10.37 7.01 -13.33
CA LYS A 23 -9.51 5.96 -13.85
C LYS A 23 -9.45 4.81 -12.86
N ILE A 24 -9.69 3.61 -13.36
CA ILE A 24 -9.78 2.44 -12.51
C ILE A 24 -8.41 2.03 -12.03
N ALA A 25 -7.42 2.27 -12.86
CA ALA A 25 -6.07 1.91 -12.56
C ALA A 25 -5.24 3.14 -12.24
N ILE A 26 -4.63 3.14 -11.06
CA ILE A 26 -3.89 4.28 -10.58
C ILE A 26 -2.44 3.92 -10.32
N LYS A 27 -1.69 4.88 -9.79
CA LYS A 27 -0.29 4.66 -9.48
C LYS A 27 -0.01 5.00 -8.03
N LEU A 28 0.35 4.00 -7.25
CA LEU A 28 0.56 4.16 -5.82
C LEU A 28 2.02 3.90 -5.44
N TRP A 29 2.45 4.46 -4.32
CA TRP A 29 3.76 4.13 -3.77
C TRP A 29 3.59 3.60 -2.35
N LEU A 30 4.12 2.41 -2.12
CA LEU A 30 4.10 1.80 -0.79
C LEU A 30 5.26 2.31 0.04
N ARG A 31 4.97 3.32 0.84
CA ARG A 31 5.97 3.89 1.72
C ARG A 31 6.01 3.14 3.04
N ILE A 32 7.17 2.58 3.35
CA ILE A 32 7.33 1.81 4.57
C ILE A 32 7.55 2.75 5.75
N GLU A 33 6.72 2.60 6.78
CA GLU A 33 6.74 3.49 7.92
C GLU A 33 7.62 2.95 9.04
N ASP A 34 7.49 1.66 9.34
CA ASP A 34 8.23 1.07 10.45
C ASP A 34 8.78 -0.29 10.06
N ILE A 35 10.04 -0.29 9.64
CA ILE A 35 10.70 -1.50 9.17
C ILE A 35 11.08 -2.43 10.32
N LYS A 36 11.03 -1.91 11.53
CA LYS A 36 11.39 -2.68 12.71
C LYS A 36 10.29 -3.68 13.06
N LYS A 37 9.11 -3.45 12.53
CA LYS A 37 7.99 -4.36 12.71
C LYS A 37 8.02 -5.48 11.69
N LEU A 38 8.77 -5.26 10.61
CA LEU A 38 8.78 -6.18 9.48
C LEU A 38 9.88 -7.22 9.64
N LYS A 39 9.64 -8.40 9.09
CA LYS A 39 10.59 -9.49 9.20
C LYS A 39 11.28 -9.74 7.86
N GLY A 40 11.88 -8.69 7.32
CA GLY A 40 12.54 -8.78 6.04
C GLY A 40 13.53 -7.65 5.84
N LYS A 41 14.08 -7.54 4.65
CA LYS A 41 15.05 -6.49 4.34
C LYS A 41 14.35 -5.26 3.78
N TYR A 42 14.20 -4.23 4.61
CA TYR A 42 13.57 -2.99 4.20
C TYR A 42 14.37 -1.80 4.69
N LYS A 43 14.00 -0.62 4.22
CA LYS A 43 14.63 0.61 4.66
C LYS A 43 13.57 1.59 5.16
N ASP A 44 13.95 2.46 6.09
CA ASP A 44 13.01 3.40 6.70
C ASP A 44 12.77 4.61 5.79
N ASN A 45 12.86 4.37 4.51
CA ASN A 45 12.67 5.39 3.50
C ASN A 45 12.34 4.73 2.16
N GLU A 46 11.81 3.53 2.23
CA GLU A 46 11.51 2.76 1.03
C GLU A 46 10.08 3.02 0.58
N ALA A 47 9.91 3.12 -0.72
CA ALA A 47 8.60 3.31 -1.32
C ALA A 47 8.49 2.54 -2.62
N ILE A 48 7.65 1.55 -2.60
CA ILE A 48 7.43 0.69 -3.74
C ILE A 48 6.28 1.20 -4.61
N GLU A 49 6.63 1.78 -5.74
CA GLU A 49 5.65 2.28 -6.69
C GLU A 49 4.97 1.11 -7.43
N PHE A 50 3.65 1.08 -7.40
CA PHE A 50 2.89 0.04 -8.09
C PHE A 50 1.60 0.61 -8.65
N SER A 51 1.20 0.12 -9.81
CA SER A 51 -0.06 0.52 -10.42
C SER A 51 -1.18 -0.37 -9.89
N PHE A 52 -2.32 0.22 -9.55
CA PHE A 52 -3.38 -0.52 -8.93
C PHE A 52 -4.68 -0.36 -9.69
N ASP A 53 -5.17 -1.47 -10.22
CA ASP A 53 -6.50 -1.51 -10.80
C ASP A 53 -7.50 -1.70 -9.67
N LEU A 54 -8.21 -0.64 -9.33
CA LEU A 54 -9.05 -0.62 -8.15
C LEU A 54 -10.18 -1.65 -8.19
N GLU A 55 -10.45 -2.20 -9.36
CA GLU A 55 -11.53 -3.15 -9.50
C GLU A 55 -10.99 -4.57 -9.69
N ARG A 56 -9.98 -4.71 -10.54
CA ARG A 56 -9.36 -6.01 -10.80
C ARG A 56 -8.37 -6.41 -9.72
N ASP A 57 -7.43 -5.51 -9.44
CA ASP A 57 -6.32 -5.83 -8.56
C ASP A 57 -6.74 -5.88 -7.10
N VAL A 58 -6.11 -6.76 -6.36
CA VAL A 58 -6.35 -6.91 -4.94
C VAL A 58 -5.09 -6.55 -4.17
N PRO A 59 -5.21 -5.82 -3.07
CA PRO A 59 -4.06 -5.42 -2.24
C PRO A 59 -3.17 -6.61 -1.88
N GLU A 60 -3.80 -7.69 -1.45
CA GLU A 60 -3.09 -8.92 -1.13
C GLU A 60 -2.40 -9.49 -2.37
N ASP A 61 -3.04 -9.34 -3.52
CA ASP A 61 -2.50 -9.86 -4.77
C ASP A 61 -1.24 -9.10 -5.15
N VAL A 62 -1.33 -7.78 -5.05
CA VAL A 62 -0.20 -6.90 -5.36
C VAL A 62 0.95 -7.15 -4.40
N ALA A 63 0.64 -7.36 -3.14
CA ALA A 63 1.68 -7.65 -2.14
C ALA A 63 2.37 -8.97 -2.44
N GLN A 64 1.65 -9.89 -3.09
CA GLN A 64 2.25 -11.15 -3.53
C GLN A 64 3.24 -10.89 -4.65
N GLU A 65 2.87 -10.01 -5.57
CA GLU A 65 3.79 -9.57 -6.62
C GLU A 65 5.02 -8.95 -5.98
N MET A 66 4.78 -8.14 -4.96
CA MET A 66 5.85 -7.50 -4.19
C MET A 66 6.81 -8.55 -3.64
N VAL A 67 6.23 -9.61 -3.08
CA VAL A 67 7.01 -10.71 -2.52
C VAL A 67 7.82 -11.40 -3.60
N GLU A 68 7.16 -11.77 -4.69
CA GLU A 68 7.81 -12.52 -5.75
C GLU A 68 8.91 -11.69 -6.43
N SER A 69 8.67 -10.40 -6.55
CA SER A 69 9.62 -9.53 -7.22
C SER A 69 10.86 -9.28 -6.38
N GLY A 70 10.77 -9.58 -5.08
CA GLY A 70 11.92 -9.41 -4.20
C GLY A 70 11.87 -8.12 -3.41
N TYR A 71 10.72 -7.48 -3.38
CA TYR A 71 10.53 -6.26 -2.61
C TYR A 71 10.16 -6.58 -1.18
N VAL A 72 9.20 -7.48 -1.04
CA VAL A 72 8.62 -7.79 0.26
C VAL A 72 8.86 -9.25 0.60
N CYS A 73 9.04 -9.53 1.89
CA CYS A 73 9.10 -10.89 2.38
C CYS A 73 7.68 -11.40 2.57
N GLU A 74 7.46 -12.67 2.22
CA GLU A 74 6.12 -13.23 2.19
C GLU A 74 5.49 -13.25 3.59
N GLY A 75 6.31 -13.11 4.61
CA GLY A 75 5.81 -13.03 5.97
C GLY A 75 5.29 -11.66 6.32
N ASP A 76 5.60 -10.67 5.48
CA ASP A 76 5.11 -9.31 5.68
C ASP A 76 4.02 -9.00 4.68
N HIS A 77 3.54 -10.05 4.01
CA HIS A 77 2.54 -9.94 2.96
C HIS A 77 1.30 -9.17 3.44
N LYS A 78 0.77 -9.57 4.59
CA LYS A 78 -0.44 -8.95 5.11
C LYS A 78 -0.21 -7.48 5.44
N THR A 79 0.95 -7.18 5.99
CA THR A 79 1.29 -5.81 6.36
C THR A 79 1.28 -4.90 5.14
N MET A 80 1.88 -5.37 4.06
CA MET A 80 1.98 -4.59 2.83
C MET A 80 0.62 -4.46 2.17
N ALA A 81 -0.10 -5.58 2.11
CA ALA A 81 -1.44 -5.60 1.56
C ALA A 81 -2.36 -4.68 2.33
N LYS A 82 -2.14 -4.63 3.64
CA LYS A 82 -2.93 -3.79 4.52
C LYS A 82 -2.67 -2.33 4.23
N ALA A 83 -1.43 -1.99 3.93
CA ALA A 83 -1.06 -0.64 3.56
C ALA A 83 -1.76 -0.24 2.27
N ILE A 84 -1.71 -1.14 1.30
CA ILE A 84 -2.37 -0.95 0.03
C ILE A 84 -3.88 -0.80 0.23
N LYS A 85 -4.46 -1.73 0.98
CA LYS A 85 -5.89 -1.72 1.24
C LYS A 85 -6.28 -0.50 2.06
N ASP A 86 -5.34 -0.04 2.87
CA ASP A 86 -5.51 1.18 3.67
C ASP A 86 -5.77 2.38 2.76
N ARG A 87 -4.82 2.66 1.86
CA ARG A 87 -4.94 3.81 0.97
C ARG A 87 -6.13 3.65 0.02
N VAL A 88 -6.30 2.45 -0.53
CA VAL A 88 -7.35 2.19 -1.49
C VAL A 88 -8.73 2.42 -0.88
N SER A 89 -8.86 2.15 0.41
CA SER A 89 -10.11 2.40 1.12
C SER A 89 -10.50 3.88 1.00
N LEU A 90 -9.59 4.76 1.40
CA LEU A 90 -9.78 6.20 1.26
C LEU A 90 -10.11 6.59 -0.17
N ILE A 91 -9.37 6.01 -1.12
CA ILE A 91 -9.55 6.30 -2.54
C ILE A 91 -10.97 5.95 -2.99
N LYS A 92 -11.40 4.74 -2.68
CA LYS A 92 -12.75 4.31 -3.03
C LYS A 92 -13.80 5.07 -2.23
N ARG A 93 -13.46 5.43 -1.00
CA ARG A 93 -14.34 6.20 -0.12
C ARG A 93 -14.67 7.55 -0.73
N LYS A 94 -13.68 8.16 -1.36
CA LYS A 94 -13.88 9.43 -2.04
C LYS A 94 -14.65 9.22 -3.34
N ARG A 95 -14.46 8.05 -3.95
CA ARG A 95 -15.14 7.71 -5.19
C ARG A 95 -16.58 7.28 -4.94
N GLU A 96 -16.95 7.18 -3.67
CA GLU A 96 -18.33 6.91 -3.30
C GLU A 96 -19.17 8.15 -3.55
N GLN A 97 -18.49 9.26 -3.79
CA GLN A 97 -19.13 10.51 -4.15
C GLN A 97 -19.09 10.69 -5.66
N ARG A 98 -20.25 10.70 -6.29
CA ARG A 98 -20.35 10.85 -7.72
C ARG A 98 -21.40 11.89 -8.07
N GLY A 1 -8.58 2.46 15.08
CA GLY A 1 -7.22 2.13 15.56
C GLY A 1 -6.34 3.35 15.63
N ALA A 2 -5.05 3.16 15.33
CA ALA A 2 -4.06 4.23 15.36
C ALA A 2 -4.05 4.93 16.72
N MET A 3 -3.97 4.13 17.77
CA MET A 3 -3.93 4.66 19.12
C MET A 3 -2.62 5.41 19.36
N ASP A 4 -1.53 4.81 18.93
CA ASP A 4 -0.21 5.41 19.07
C ASP A 4 0.28 5.95 17.74
N PRO A 5 1.06 7.04 17.78
CA PRO A 5 1.68 7.62 16.59
C PRO A 5 2.40 6.58 15.73
N GLN A 6 2.26 6.73 14.41
CA GLN A 6 2.84 5.82 13.41
C GLN A 6 2.02 4.53 13.29
N GLU A 7 0.90 4.48 14.01
CA GLU A 7 -0.02 3.34 13.98
C GLU A 7 0.67 2.05 14.38
N GLU A 8 -0.03 0.94 14.22
CA GLU A 8 0.57 -0.38 14.40
C GLU A 8 1.01 -0.91 13.04
N THR A 9 0.70 -0.14 12.01
CA THR A 9 1.08 -0.49 10.65
C THR A 9 2.27 0.36 10.21
N GLY A 10 3.43 -0.27 10.10
CA GLY A 10 4.63 0.45 9.73
C GLY A 10 4.74 0.69 8.23
N VAL A 11 3.64 1.15 7.64
CA VAL A 11 3.57 1.39 6.20
C VAL A 11 2.52 2.44 5.90
N ARG A 12 2.55 2.96 4.68
CA ARG A 12 1.57 3.91 4.21
C ARG A 12 1.73 4.12 2.71
N VAL A 13 0.63 4.18 1.99
CA VAL A 13 0.68 4.29 0.55
C VAL A 13 0.26 5.68 0.08
N GLU A 14 0.97 6.18 -0.92
CA GLU A 14 0.70 7.50 -1.49
C GLU A 14 0.46 7.39 -2.98
N LEU A 15 -0.26 8.35 -3.51
CA LEU A 15 -0.50 8.44 -4.94
C LEU A 15 0.70 9.04 -5.64
N ALA A 16 1.20 8.34 -6.65
CA ALA A 16 2.26 8.89 -7.50
C ALA A 16 1.67 9.99 -8.37
N GLU A 17 0.36 9.88 -8.56
CA GLU A 17 -0.40 10.85 -9.31
C GLU A 17 -1.73 11.06 -8.59
N GLU A 18 -2.16 12.30 -8.56
CA GLU A 18 -3.32 12.68 -7.76
C GLU A 18 -4.61 12.17 -8.40
N ASP A 19 -5.43 11.53 -7.59
CA ASP A 19 -6.73 11.05 -8.05
C ASP A 19 -7.86 11.82 -7.38
N ASP A 20 -8.54 12.65 -8.16
CA ASP A 20 -9.70 13.39 -7.67
C ASP A 20 -10.78 13.40 -8.74
N GLY A 21 -10.77 12.40 -9.62
CA GLY A 21 -11.71 12.38 -10.72
C GLY A 21 -12.31 11.02 -10.95
N GLU A 22 -11.86 10.37 -12.02
CA GLU A 22 -12.46 9.14 -12.48
C GLU A 22 -11.41 8.05 -12.71
N LYS A 23 -10.29 8.17 -12.00
CA LYS A 23 -9.19 7.25 -12.14
C LYS A 23 -9.58 5.86 -11.66
N ILE A 24 -9.49 4.91 -12.56
CA ILE A 24 -9.76 3.52 -12.23
C ILE A 24 -8.45 2.85 -11.87
N ALA A 25 -7.48 3.05 -12.73
CA ALA A 25 -6.18 2.48 -12.51
C ALA A 25 -5.18 3.58 -12.17
N ILE A 26 -4.59 3.45 -10.99
CA ILE A 26 -3.77 4.51 -10.44
C ILE A 26 -2.34 4.03 -10.20
N LYS A 27 -1.51 4.96 -9.76
CA LYS A 27 -0.13 4.65 -9.45
C LYS A 27 0.13 4.96 -7.97
N LEU A 28 0.48 3.94 -7.22
CA LEU A 28 0.72 4.08 -5.79
C LEU A 28 2.15 3.73 -5.45
N TRP A 29 2.67 4.31 -4.37
CA TRP A 29 3.95 3.88 -3.83
C TRP A 29 3.76 3.38 -2.40
N LEU A 30 4.16 2.14 -2.16
CA LEU A 30 4.13 1.58 -0.83
C LEU A 30 5.29 2.10 -0.01
N ARG A 31 5.00 3.04 0.87
CA ARG A 31 6.02 3.64 1.70
C ARG A 31 6.21 2.84 2.97
N ILE A 32 7.44 2.45 3.24
CA ILE A 32 7.76 1.68 4.43
C ILE A 32 8.11 2.63 5.57
N GLU A 33 7.29 2.62 6.61
CA GLU A 33 7.41 3.55 7.71
C GLU A 33 8.34 3.02 8.79
N ASP A 34 8.10 1.79 9.22
CA ASP A 34 8.85 1.20 10.31
C ASP A 34 9.25 -0.23 9.95
N ILE A 35 10.49 -0.41 9.55
CA ILE A 35 10.96 -1.71 9.11
C ILE A 35 11.20 -2.66 10.28
N LYS A 36 11.18 -2.11 11.49
CA LYS A 36 11.39 -2.91 12.69
C LYS A 36 10.10 -3.64 13.07
N LYS A 37 9.03 -3.27 12.39
CA LYS A 37 7.75 -3.91 12.56
C LYS A 37 7.65 -5.08 11.58
N LEU A 38 8.53 -5.08 10.59
CA LEU A 38 8.50 -6.05 9.52
C LEU A 38 9.51 -7.17 9.75
N LYS A 39 9.37 -8.26 9.01
CA LYS A 39 10.23 -9.43 9.17
C LYS A 39 11.08 -9.66 7.93
N GLY A 40 11.73 -8.59 7.48
CA GLY A 40 12.57 -8.69 6.30
C GLY A 40 13.56 -7.54 6.22
N LYS A 41 14.21 -7.41 5.08
CA LYS A 41 15.18 -6.35 4.87
C LYS A 41 14.53 -5.19 4.11
N TYR A 42 14.33 -4.08 4.81
CA TYR A 42 13.73 -2.90 4.23
C TYR A 42 14.48 -1.66 4.72
N LYS A 43 14.22 -0.53 4.08
CA LYS A 43 14.75 0.75 4.51
C LYS A 43 13.62 1.62 5.03
N ASP A 44 13.89 2.41 6.08
CA ASP A 44 12.84 3.21 6.73
C ASP A 44 12.52 4.47 5.95
N ASN A 45 12.54 4.33 4.63
CA ASN A 45 12.20 5.40 3.72
C ASN A 45 12.04 4.82 2.32
N GLU A 46 11.65 3.54 2.27
CA GLU A 46 11.50 2.83 1.04
C GLU A 46 10.10 3.04 0.50
N ALA A 47 9.98 3.06 -0.81
CA ALA A 47 8.69 3.21 -1.46
C ALA A 47 8.63 2.34 -2.70
N ILE A 48 7.65 1.47 -2.72
CA ILE A 48 7.47 0.52 -3.81
C ILE A 48 6.32 0.98 -4.70
N GLU A 49 6.66 1.48 -5.87
CA GLU A 49 5.68 1.95 -6.84
C GLU A 49 4.95 0.77 -7.47
N PHE A 50 3.62 0.83 -7.46
CA PHE A 50 2.80 -0.21 -8.08
C PHE A 50 1.52 0.40 -8.64
N SER A 51 0.98 -0.20 -9.67
CA SER A 51 -0.26 0.27 -10.29
C SER A 51 -1.44 -0.43 -9.66
N PHE A 52 -2.56 0.26 -9.48
CA PHE A 52 -3.72 -0.36 -8.87
C PHE A 52 -4.98 -0.03 -9.64
N ASP A 53 -5.59 -1.04 -10.21
CA ASP A 53 -6.90 -0.90 -10.81
C ASP A 53 -7.94 -1.07 -9.73
N LEU A 54 -8.62 0.02 -9.42
CA LEU A 54 -9.55 0.07 -8.29
C LEU A 54 -10.80 -0.77 -8.56
N GLU A 55 -10.89 -1.38 -9.73
CA GLU A 55 -12.00 -2.26 -10.05
C GLU A 55 -11.54 -3.71 -10.19
N ARG A 56 -10.26 -3.91 -10.49
CA ARG A 56 -9.74 -5.24 -10.79
C ARG A 56 -8.73 -5.72 -9.75
N ASP A 57 -7.73 -4.89 -9.44
CA ASP A 57 -6.60 -5.31 -8.62
C ASP A 57 -7.00 -5.62 -7.18
N VAL A 58 -6.25 -6.51 -6.57
CA VAL A 58 -6.44 -6.91 -5.19
C VAL A 58 -5.18 -6.63 -4.39
N PRO A 59 -5.32 -5.90 -3.29
CA PRO A 59 -4.19 -5.47 -2.44
C PRO A 59 -3.28 -6.61 -1.99
N GLU A 60 -3.87 -7.74 -1.60
CA GLU A 60 -3.07 -8.90 -1.20
C GLU A 60 -2.41 -9.56 -2.41
N ASP A 61 -3.02 -9.41 -3.58
CA ASP A 61 -2.44 -9.92 -4.81
C ASP A 61 -1.22 -9.10 -5.19
N VAL A 62 -1.36 -7.78 -5.06
CA VAL A 62 -0.26 -6.86 -5.30
C VAL A 62 0.87 -7.09 -4.32
N ALA A 63 0.52 -7.31 -3.04
CA ALA A 63 1.53 -7.59 -2.04
C ALA A 63 2.21 -8.92 -2.32
N GLN A 64 1.56 -9.76 -3.13
CA GLN A 64 2.15 -11.02 -3.55
C GLN A 64 3.23 -10.78 -4.59
N GLU A 65 2.93 -9.95 -5.59
CA GLU A 65 3.92 -9.63 -6.62
C GLU A 65 5.05 -8.83 -6.00
N MET A 66 4.73 -8.11 -4.93
CA MET A 66 5.75 -7.44 -4.13
C MET A 66 6.76 -8.45 -3.60
N VAL A 67 6.25 -9.57 -3.10
CA VAL A 67 7.09 -10.64 -2.59
C VAL A 67 7.85 -11.32 -3.73
N GLU A 68 7.12 -11.62 -4.81
CA GLU A 68 7.70 -12.32 -5.96
C GLU A 68 8.84 -11.52 -6.57
N SER A 69 8.71 -10.20 -6.56
CA SER A 69 9.72 -9.34 -7.17
C SER A 69 10.85 -9.04 -6.17
N GLY A 70 10.74 -9.61 -4.98
CA GLY A 70 11.82 -9.46 -4.00
C GLY A 70 11.69 -8.21 -3.15
N TYR A 71 10.71 -7.37 -3.46
CA TYR A 71 10.51 -6.13 -2.71
C TYR A 71 10.14 -6.43 -1.26
N VAL A 72 9.09 -7.21 -1.09
CA VAL A 72 8.57 -7.52 0.24
C VAL A 72 8.89 -8.96 0.62
N CYS A 73 9.17 -9.16 1.89
CA CYS A 73 9.38 -10.49 2.43
C CYS A 73 8.05 -11.19 2.61
N GLU A 74 8.03 -12.49 2.36
CA GLU A 74 6.80 -13.27 2.39
C GLU A 74 6.17 -13.32 3.78
N GLY A 75 6.87 -12.78 4.78
CA GLY A 75 6.34 -12.73 6.12
C GLY A 75 5.58 -11.45 6.40
N ASP A 76 5.68 -10.48 5.51
CA ASP A 76 5.02 -9.20 5.69
C ASP A 76 3.96 -8.97 4.62
N HIS A 77 3.55 -10.06 3.98
CA HIS A 77 2.61 -10.00 2.86
C HIS A 77 1.32 -9.26 3.23
N LYS A 78 0.66 -9.67 4.30
CA LYS A 78 -0.62 -9.09 4.67
C LYS A 78 -0.46 -7.69 5.24
N THR A 79 0.68 -7.44 5.87
CA THR A 79 0.98 -6.13 6.42
C THR A 79 1.03 -5.09 5.29
N MET A 80 1.70 -5.44 4.20
CA MET A 80 1.81 -4.55 3.05
C MET A 80 0.46 -4.38 2.38
N ALA A 81 -0.24 -5.50 2.24
CA ALA A 81 -1.54 -5.50 1.60
C ALA A 81 -2.54 -4.66 2.38
N LYS A 82 -2.41 -4.66 3.69
CA LYS A 82 -3.27 -3.85 4.54
C LYS A 82 -3.00 -2.38 4.26
N ALA A 83 -1.73 -2.03 4.11
CA ALA A 83 -1.34 -0.67 3.76
C ALA A 83 -1.98 -0.26 2.45
N ILE A 84 -1.96 -1.17 1.49
CA ILE A 84 -2.56 -0.96 0.19
C ILE A 84 -4.07 -0.80 0.35
N LYS A 85 -4.67 -1.75 1.06
CA LYS A 85 -6.12 -1.79 1.25
C LYS A 85 -6.60 -0.54 1.97
N ASP A 86 -5.83 -0.09 2.95
CA ASP A 86 -6.19 1.08 3.73
C ASP A 86 -6.22 2.32 2.85
N ARG A 87 -5.20 2.44 2.00
CA ARG A 87 -5.13 3.56 1.07
C ARG A 87 -6.26 3.48 0.05
N VAL A 88 -6.42 2.29 -0.54
CA VAL A 88 -7.43 2.07 -1.56
C VAL A 88 -8.83 2.35 -1.03
N SER A 89 -9.08 1.99 0.22
CA SER A 89 -10.36 2.26 0.85
C SER A 89 -10.62 3.77 0.87
N LEU A 90 -9.64 4.53 1.34
CA LEU A 90 -9.75 5.99 1.39
C LEU A 90 -9.92 6.56 -0.02
N ILE A 91 -9.14 6.02 -0.95
CA ILE A 91 -9.24 6.40 -2.36
C ILE A 91 -10.65 6.17 -2.88
N LYS A 92 -11.16 4.96 -2.72
CA LYS A 92 -12.48 4.61 -3.23
C LYS A 92 -13.57 5.48 -2.60
N ARG A 93 -13.37 5.88 -1.35
CA ARG A 93 -14.31 6.78 -0.68
C ARG A 93 -14.35 8.12 -1.39
N LYS A 94 -13.18 8.64 -1.75
CA LYS A 94 -13.08 9.91 -2.47
C LYS A 94 -13.52 9.73 -3.91
N ARG A 95 -13.38 8.50 -4.42
CA ARG A 95 -13.84 8.15 -5.75
C ARG A 95 -15.36 8.19 -5.84
N GLU A 96 -15.99 7.73 -4.77
CA GLU A 96 -17.45 7.72 -4.69
C GLU A 96 -18.03 9.12 -4.70
N GLN A 97 -17.63 9.95 -3.74
CA GLN A 97 -18.21 11.27 -3.55
C GLN A 97 -19.71 11.13 -3.31
N ARG A 98 -20.05 10.38 -2.25
CA ARG A 98 -21.45 10.09 -1.90
C ARG A 98 -22.10 9.24 -2.99
N GLY A 1 -1.01 10.85 8.65
CA GLY A 1 -2.34 11.30 8.16
C GLY A 1 -3.31 11.56 9.30
N ALA A 2 -3.31 10.68 10.29
CA ALA A 2 -4.20 10.81 11.42
C ALA A 2 -3.40 10.98 12.71
N MET A 3 -3.74 12.00 13.47
CA MET A 3 -3.12 12.25 14.76
C MET A 3 -3.53 11.17 15.76
N ASP A 4 -4.73 10.66 15.57
CA ASP A 4 -5.21 9.51 16.34
C ASP A 4 -4.64 8.23 15.74
N PRO A 5 -4.38 7.24 16.59
CA PRO A 5 -3.91 5.90 16.18
C PRO A 5 -4.85 5.14 15.23
N GLN A 6 -5.32 5.81 14.19
CA GLN A 6 -6.07 5.15 13.13
C GLN A 6 -5.09 4.43 12.21
N GLU A 7 -3.98 5.11 11.93
CA GLU A 7 -2.90 4.52 11.16
C GLU A 7 -2.05 3.65 12.06
N GLU A 8 -2.60 2.52 12.44
CA GLU A 8 -1.98 1.63 13.42
C GLU A 8 -1.04 0.63 12.76
N THR A 9 -1.16 0.49 11.45
CA THR A 9 -0.28 -0.40 10.71
C THR A 9 1.02 0.33 10.36
N GLY A 10 2.13 -0.38 10.38
CA GLY A 10 3.44 0.24 10.19
C GLY A 10 3.77 0.52 8.74
N VAL A 11 2.76 0.85 7.95
CA VAL A 11 2.94 1.14 6.53
C VAL A 11 1.83 2.07 6.04
N ARG A 12 2.06 2.67 4.88
CA ARG A 12 1.08 3.53 4.24
C ARG A 12 1.47 3.82 2.80
N VAL A 13 0.55 3.54 1.90
CA VAL A 13 0.75 3.78 0.48
C VAL A 13 0.33 5.19 0.11
N GLU A 14 1.06 5.81 -0.80
CA GLU A 14 0.73 7.16 -1.24
C GLU A 14 0.47 7.17 -2.74
N LEU A 15 -0.21 8.21 -3.19
CA LEU A 15 -0.52 8.39 -4.60
C LEU A 15 0.66 9.05 -5.31
N ALA A 16 1.07 8.47 -6.43
CA ALA A 16 2.08 9.07 -7.28
C ALA A 16 1.46 10.24 -8.03
N GLU A 17 0.15 10.17 -8.14
CA GLU A 17 -0.64 11.16 -8.85
C GLU A 17 -1.67 11.72 -7.88
N GLU A 18 -2.60 12.50 -8.39
CA GLU A 18 -3.67 13.02 -7.56
C GLU A 18 -4.98 12.37 -7.94
N ASP A 19 -5.73 11.92 -6.96
CA ASP A 19 -7.01 11.30 -7.21
C ASP A 19 -8.14 12.27 -6.93
N ASP A 20 -8.98 12.52 -7.93
CA ASP A 20 -10.17 13.32 -7.76
C ASP A 20 -11.08 13.18 -8.97
N GLY A 21 -11.79 12.07 -9.04
CA GLY A 21 -12.74 11.86 -10.09
C GLY A 21 -13.39 10.51 -10.01
N GLU A 22 -13.09 9.68 -10.98
CA GLU A 22 -13.69 8.36 -11.10
C GLU A 22 -12.64 7.36 -11.58
N LYS A 23 -11.40 7.60 -11.20
CA LYS A 23 -10.27 6.81 -11.67
C LYS A 23 -10.44 5.34 -11.30
N ILE A 24 -10.13 4.50 -12.27
CA ILE A 24 -10.19 3.06 -12.09
C ILE A 24 -8.81 2.50 -11.84
N ALA A 25 -7.82 3.06 -12.49
CA ALA A 25 -6.46 2.57 -12.38
C ALA A 25 -5.49 3.70 -12.10
N ILE A 26 -4.76 3.57 -11.00
CA ILE A 26 -3.90 4.63 -10.52
C ILE A 26 -2.47 4.16 -10.34
N LYS A 27 -1.61 5.08 -9.92
CA LYS A 27 -0.23 4.76 -9.64
C LYS A 27 0.10 5.05 -8.18
N LEU A 28 0.43 4.02 -7.43
CA LEU A 28 0.70 4.14 -6.00
C LEU A 28 2.16 3.86 -5.69
N TRP A 29 2.62 4.34 -4.54
CA TRP A 29 3.92 3.97 -4.01
C TRP A 29 3.78 3.44 -2.60
N LEU A 30 4.19 2.20 -2.38
CA LEU A 30 4.16 1.59 -1.07
C LEU A 30 5.29 2.13 -0.21
N ARG A 31 4.96 3.08 0.64
CA ARG A 31 5.94 3.64 1.56
C ARG A 31 5.91 2.92 2.89
N ILE A 32 7.07 2.46 3.33
CA ILE A 32 7.16 1.80 4.61
C ILE A 32 7.21 2.84 5.71
N GLU A 33 6.21 2.77 6.60
CA GLU A 33 6.07 3.73 7.66
C GLU A 33 6.99 3.36 8.82
N ASP A 34 6.94 2.10 9.23
CA ASP A 34 7.82 1.60 10.26
C ASP A 34 8.47 0.31 9.82
N ILE A 35 9.76 0.39 9.53
CA ILE A 35 10.50 -0.73 8.97
C ILE A 35 10.82 -1.82 10.00
N LYS A 36 10.80 -1.46 11.28
CA LYS A 36 11.19 -2.40 12.32
C LYS A 36 9.99 -3.18 12.86
N LYS A 37 8.79 -2.69 12.55
CA LYS A 37 7.57 -3.44 12.83
C LYS A 37 7.46 -4.62 11.88
N LEU A 38 8.16 -4.52 10.76
CA LEU A 38 8.20 -5.56 9.76
C LEU A 38 9.28 -6.58 10.12
N LYS A 39 9.17 -7.76 9.55
CA LYS A 39 10.15 -8.83 9.79
C LYS A 39 11.22 -8.77 8.72
N GLY A 40 10.92 -8.04 7.66
CA GLY A 40 11.86 -7.87 6.56
C GLY A 40 12.79 -6.70 6.80
N LYS A 41 13.68 -6.47 5.84
CA LYS A 41 14.65 -5.39 5.95
C LYS A 41 14.30 -4.27 4.97
N TYR A 42 13.87 -3.14 5.50
CA TYR A 42 13.46 -2.02 4.67
C TYR A 42 14.07 -0.74 5.17
N LYS A 43 14.18 0.23 4.27
CA LYS A 43 14.69 1.54 4.61
C LYS A 43 13.53 2.46 5.00
N ASP A 44 13.78 3.42 5.89
CA ASP A 44 12.72 4.27 6.44
C ASP A 44 12.35 5.41 5.50
N ASN A 45 12.44 5.12 4.22
CA ASN A 45 12.02 6.05 3.18
C ASN A 45 11.81 5.27 1.88
N GLU A 46 11.53 3.98 2.04
CA GLU A 46 11.36 3.07 0.93
C GLU A 46 9.95 3.18 0.38
N ALA A 47 9.85 3.36 -0.92
CA ALA A 47 8.56 3.46 -1.58
C ALA A 47 8.54 2.65 -2.86
N ILE A 48 7.66 1.67 -2.88
CA ILE A 48 7.54 0.77 -4.02
C ILE A 48 6.36 1.16 -4.91
N GLU A 49 6.66 1.72 -6.07
CA GLU A 49 5.63 2.15 -7.00
C GLU A 49 4.94 0.95 -7.65
N PHE A 50 3.62 0.99 -7.66
CA PHE A 50 2.80 -0.04 -8.30
C PHE A 50 1.48 0.58 -8.77
N SER A 51 1.03 0.16 -9.93
CA SER A 51 -0.23 0.64 -10.47
C SER A 51 -1.38 -0.18 -9.89
N PHE A 52 -2.51 0.44 -9.63
CA PHE A 52 -3.59 -0.27 -8.99
C PHE A 52 -4.92 0.00 -9.67
N ASP A 53 -5.50 -1.05 -10.21
CA ASP A 53 -6.85 -0.99 -10.71
C ASP A 53 -7.81 -1.24 -9.56
N LEU A 54 -8.57 -0.22 -9.21
CA LEU A 54 -9.42 -0.25 -8.04
C LEU A 54 -10.58 -1.23 -8.20
N GLU A 55 -10.76 -1.74 -9.41
CA GLU A 55 -11.80 -2.72 -9.67
C GLU A 55 -11.21 -4.11 -9.79
N ARG A 56 -10.14 -4.23 -10.55
CA ARG A 56 -9.51 -5.51 -10.83
C ARG A 56 -8.52 -5.91 -9.75
N ASP A 57 -7.55 -5.03 -9.48
CA ASP A 57 -6.44 -5.37 -8.61
C ASP A 57 -6.87 -5.57 -7.17
N VAL A 58 -6.18 -6.46 -6.49
CA VAL A 58 -6.45 -6.78 -5.09
C VAL A 58 -5.20 -6.55 -4.27
N PRO A 59 -5.35 -5.83 -3.14
CA PRO A 59 -4.23 -5.44 -2.26
C PRO A 59 -3.33 -6.60 -1.85
N GLU A 60 -3.92 -7.77 -1.62
CA GLU A 60 -3.15 -8.95 -1.28
C GLU A 60 -2.44 -9.52 -2.50
N ASP A 61 -3.07 -9.41 -3.66
CA ASP A 61 -2.49 -9.92 -4.90
C ASP A 61 -1.23 -9.14 -5.25
N VAL A 62 -1.32 -7.83 -5.14
CA VAL A 62 -0.19 -6.95 -5.42
C VAL A 62 0.97 -7.24 -4.46
N ALA A 63 0.66 -7.46 -3.20
CA ALA A 63 1.68 -7.74 -2.21
C ALA A 63 2.37 -9.08 -2.49
N GLN A 64 1.66 -9.97 -3.20
CA GLN A 64 2.25 -11.23 -3.63
C GLN A 64 3.29 -10.99 -4.71
N GLU A 65 2.95 -10.12 -5.65
CA GLU A 65 3.88 -9.71 -6.71
C GLU A 65 5.10 -9.07 -6.07
N MET A 66 4.85 -8.28 -5.03
CA MET A 66 5.90 -7.63 -4.27
C MET A 66 6.87 -8.65 -3.67
N VAL A 67 6.32 -9.74 -3.16
CA VAL A 67 7.13 -10.80 -2.58
C VAL A 67 7.95 -11.52 -3.65
N GLU A 68 7.33 -11.80 -4.79
CA GLU A 68 7.99 -12.51 -5.88
C GLU A 68 9.19 -11.73 -6.40
N SER A 69 9.00 -10.44 -6.63
CA SER A 69 10.04 -9.60 -7.18
C SER A 69 11.20 -9.44 -6.19
N GLY A 70 10.92 -9.65 -4.90
CA GLY A 70 11.95 -9.53 -3.90
C GLY A 70 11.79 -8.28 -3.06
N TYR A 71 10.81 -7.45 -3.39
CA TYR A 71 10.54 -6.23 -2.66
C TYR A 71 10.10 -6.55 -1.24
N VAL A 72 8.97 -7.24 -1.12
CA VAL A 72 8.38 -7.50 0.18
C VAL A 72 8.64 -8.93 0.63
N CYS A 73 8.88 -9.07 1.93
CA CYS A 73 9.06 -10.36 2.54
C CYS A 73 7.68 -11.00 2.76
N GLU A 74 7.59 -12.28 2.50
CA GLU A 74 6.33 -13.01 2.62
C GLU A 74 5.89 -13.10 4.07
N GLY A 75 6.75 -12.67 4.99
CA GLY A 75 6.39 -12.59 6.38
C GLY A 75 5.59 -11.35 6.69
N ASP A 76 5.57 -10.41 5.75
CA ASP A 76 4.82 -9.17 5.90
C ASP A 76 3.91 -8.92 4.70
N HIS A 77 3.49 -10.01 4.06
CA HIS A 77 2.58 -9.93 2.92
C HIS A 77 1.29 -9.23 3.35
N LYS A 78 0.76 -9.66 4.49
CA LYS A 78 -0.48 -9.11 5.02
C LYS A 78 -0.29 -7.64 5.42
N THR A 79 0.90 -7.33 5.91
CA THR A 79 1.23 -5.98 6.33
C THR A 79 1.15 -5.01 5.16
N MET A 80 1.78 -5.38 4.06
CA MET A 80 1.83 -4.53 2.88
C MET A 80 0.46 -4.39 2.25
N ALA A 81 -0.25 -5.52 2.18
CA ALA A 81 -1.59 -5.52 1.64
C ALA A 81 -2.51 -4.64 2.48
N LYS A 82 -2.24 -4.61 3.78
CA LYS A 82 -2.98 -3.75 4.69
C LYS A 82 -2.69 -2.28 4.40
N ALA A 83 -1.46 -1.99 4.00
CA ALA A 83 -1.09 -0.64 3.61
C ALA A 83 -1.80 -0.26 2.32
N ILE A 84 -1.82 -1.20 1.39
CA ILE A 84 -2.48 -1.02 0.12
C ILE A 84 -3.98 -0.84 0.35
N LYS A 85 -4.57 -1.78 1.08
CA LYS A 85 -6.00 -1.78 1.36
C LYS A 85 -6.38 -0.49 2.06
N ASP A 86 -5.58 -0.11 3.04
CA ASP A 86 -5.81 1.11 3.80
C ASP A 86 -6.00 2.31 2.87
N ARG A 87 -5.00 2.58 2.04
CA ARG A 87 -5.06 3.70 1.12
C ARG A 87 -6.23 3.56 0.14
N VAL A 88 -6.37 2.39 -0.43
CA VAL A 88 -7.44 2.12 -1.39
C VAL A 88 -8.81 2.40 -0.78
N SER A 89 -8.95 2.18 0.51
CA SER A 89 -10.17 2.49 1.22
C SER A 89 -10.48 3.98 1.12
N LEU A 90 -9.51 4.83 1.49
CA LEU A 90 -9.61 6.26 1.31
C LEU A 90 -9.96 6.62 -0.14
N ILE A 91 -9.23 6.03 -1.06
CA ILE A 91 -9.42 6.27 -2.48
C ILE A 91 -10.85 5.95 -2.93
N LYS A 92 -11.31 4.75 -2.61
CA LYS A 92 -12.66 4.34 -2.97
C LYS A 92 -13.71 5.19 -2.25
N ARG A 93 -13.37 5.65 -1.05
CA ARG A 93 -14.25 6.52 -0.29
C ARG A 93 -14.43 7.86 -1.01
N LYS A 94 -13.37 8.30 -1.68
CA LYS A 94 -13.42 9.53 -2.45
C LYS A 94 -14.24 9.34 -3.73
N ARG A 95 -14.28 8.10 -4.20
CA ARG A 95 -15.03 7.76 -5.40
C ARG A 95 -16.51 7.55 -5.09
N GLU A 96 -16.84 7.49 -3.81
CA GLU A 96 -18.23 7.31 -3.38
C GLU A 96 -19.05 8.54 -3.73
N GLN A 97 -18.36 9.63 -4.02
CA GLN A 97 -18.99 10.86 -4.45
C GLN A 97 -18.30 11.37 -5.72
N ARG A 98 -18.99 12.21 -6.47
CA ARG A 98 -18.43 12.76 -7.69
C ARG A 98 -17.37 13.82 -7.36
N GLY A 1 -4.87 7.01 20.11
CA GLY A 1 -4.17 7.29 21.39
C GLY A 1 -2.87 6.52 21.48
N ALA A 2 -1.78 7.15 21.06
CA ALA A 2 -0.49 6.46 21.02
C ALA A 2 0.63 7.37 21.48
N MET A 3 1.51 6.84 22.32
CA MET A 3 2.73 7.53 22.70
C MET A 3 3.85 7.07 21.78
N ASP A 4 3.56 6.03 21.02
CA ASP A 4 4.47 5.49 20.03
C ASP A 4 4.16 6.08 18.66
N PRO A 5 5.14 6.04 17.74
CA PRO A 5 4.96 6.49 16.35
C PRO A 5 3.59 6.16 15.78
N GLN A 6 2.96 7.16 15.15
CA GLN A 6 1.61 7.04 14.63
C GLN A 6 1.48 5.86 13.68
N GLU A 7 0.40 5.10 13.89
CA GLU A 7 0.07 3.94 13.07
C GLU A 7 0.97 2.75 13.41
N GLU A 8 0.34 1.71 13.94
CA GLU A 8 1.03 0.48 14.30
C GLU A 8 1.52 -0.24 13.04
N THR A 9 0.80 -0.04 11.95
CA THR A 9 1.17 -0.63 10.68
C THR A 9 2.31 0.16 10.04
N GLY A 10 3.49 -0.44 9.97
CA GLY A 10 4.67 0.28 9.52
C GLY A 10 4.73 0.47 8.01
N VAL A 11 3.62 0.91 7.43
CA VAL A 11 3.53 1.16 6.00
C VAL A 11 2.46 2.19 5.70
N ARG A 12 2.55 2.77 4.51
CA ARG A 12 1.56 3.69 4.01
C ARG A 12 1.69 3.83 2.51
N VAL A 13 0.57 3.76 1.82
CA VAL A 13 0.56 3.87 0.38
C VAL A 13 0.04 5.22 -0.07
N GLU A 14 0.84 5.89 -0.87
CA GLU A 14 0.52 7.24 -1.33
C GLU A 14 0.33 7.26 -2.84
N LEU A 15 -0.33 8.30 -3.32
CA LEU A 15 -0.66 8.41 -4.74
C LEU A 15 0.47 9.09 -5.51
N ALA A 16 0.86 8.47 -6.62
CA ALA A 16 1.88 9.03 -7.50
C ALA A 16 1.26 9.97 -8.52
N GLU A 17 -0.06 10.03 -8.49
CA GLU A 17 -0.81 10.87 -9.41
C GLU A 17 -2.05 11.40 -8.71
N GLU A 18 -2.89 12.11 -9.45
CA GLU A 18 -4.09 12.68 -8.88
C GLU A 18 -5.22 11.67 -8.90
N ASP A 19 -5.75 11.38 -7.72
CA ASP A 19 -6.88 10.46 -7.61
C ASP A 19 -8.18 11.18 -7.92
N ASP A 20 -8.52 11.21 -9.20
CA ASP A 20 -9.73 11.82 -9.69
C ASP A 20 -10.01 11.24 -11.07
N GLY A 21 -10.90 11.87 -11.79
CA GLY A 21 -11.19 11.47 -13.16
C GLY A 21 -11.94 10.15 -13.28
N GLU A 22 -12.19 9.51 -12.13
CA GLU A 22 -12.88 8.23 -12.08
C GLU A 22 -12.02 7.15 -12.72
N LYS A 23 -10.71 7.34 -12.61
CA LYS A 23 -9.73 6.43 -13.13
C LYS A 23 -9.70 5.17 -12.28
N ILE A 24 -9.79 4.03 -12.92
CA ILE A 24 -9.82 2.75 -12.23
C ILE A 24 -8.42 2.31 -11.88
N ALA A 25 -7.49 2.65 -12.73
CA ALA A 25 -6.11 2.30 -12.53
C ALA A 25 -5.30 3.50 -12.10
N ILE A 26 -4.59 3.35 -11.00
CA ILE A 26 -3.83 4.42 -10.40
C ILE A 26 -2.37 4.05 -10.25
N LYS A 27 -1.59 4.99 -9.74
CA LYS A 27 -0.18 4.75 -9.48
C LYS A 27 0.12 5.11 -8.03
N LEU A 28 0.66 4.16 -7.29
CA LEU A 28 0.89 4.33 -5.86
C LEU A 28 2.35 4.13 -5.50
N TRP A 29 2.71 4.50 -4.28
CA TRP A 29 4.02 4.17 -3.72
C TRP A 29 3.84 3.53 -2.35
N LEU A 30 4.40 2.35 -2.18
CA LEU A 30 4.37 1.67 -0.90
C LEU A 30 5.50 2.19 -0.01
N ARG A 31 5.16 3.11 0.86
CA ARG A 31 6.14 3.72 1.76
C ARG A 31 6.24 2.92 3.04
N ILE A 32 7.44 2.55 3.42
CA ILE A 32 7.65 1.82 4.67
C ILE A 32 7.77 2.79 5.82
N GLU A 33 6.81 2.74 6.73
CA GLU A 33 6.77 3.64 7.86
C GLU A 33 7.69 3.15 8.97
N ASP A 34 7.86 1.84 9.05
CA ASP A 34 8.75 1.25 10.05
C ASP A 34 9.38 -0.02 9.49
N ILE A 35 10.64 0.08 9.11
CA ILE A 35 11.34 -1.04 8.52
C ILE A 35 11.73 -2.08 9.57
N LYS A 36 11.65 -1.70 10.84
CA LYS A 36 12.03 -2.56 11.94
C LYS A 36 10.92 -3.57 12.26
N LYS A 37 9.69 -3.18 11.96
CA LYS A 37 8.53 -4.04 12.12
C LYS A 37 8.58 -5.21 11.15
N LEU A 38 9.27 -5.01 10.04
CA LEU A 38 9.25 -5.96 8.95
C LEU A 38 10.39 -6.95 9.06
N LYS A 39 10.18 -8.13 8.47
CA LYS A 39 11.19 -9.18 8.45
C LYS A 39 11.89 -9.22 7.11
N GLY A 40 12.30 -8.05 6.64
CA GLY A 40 12.93 -7.95 5.34
C GLY A 40 14.01 -6.88 5.31
N LYS A 41 14.37 -6.45 4.10
CA LYS A 41 15.42 -5.47 3.91
C LYS A 41 14.86 -4.17 3.36
N TYR A 42 14.60 -3.22 4.24
CA TYR A 42 14.02 -1.95 3.83
C TYR A 42 14.77 -0.79 4.45
N LYS A 43 14.93 0.27 3.70
CA LYS A 43 15.62 1.46 4.16
C LYS A 43 14.64 2.42 4.84
N ASP A 44 15.14 3.17 5.82
CA ASP A 44 14.32 4.12 6.60
C ASP A 44 13.96 5.35 5.78
N ASN A 45 13.69 5.12 4.50
CA ASN A 45 13.35 6.15 3.54
C ASN A 45 13.18 5.48 2.18
N GLU A 46 12.23 4.56 2.11
CA GLU A 46 12.07 3.74 0.93
C GLU A 46 10.60 3.54 0.60
N ALA A 47 10.26 3.75 -0.66
CA ALA A 47 8.89 3.59 -1.12
C ALA A 47 8.88 2.87 -2.45
N ILE A 48 7.96 1.94 -2.57
CA ILE A 48 7.87 1.10 -3.74
C ILE A 48 6.70 1.49 -4.63
N GLU A 49 7.03 2.17 -5.72
CA GLU A 49 6.05 2.65 -6.68
C GLU A 49 5.41 1.49 -7.44
N PHE A 50 4.08 1.42 -7.41
CA PHE A 50 3.35 0.35 -8.08
C PHE A 50 1.99 0.86 -8.54
N SER A 51 1.54 0.41 -9.71
CA SER A 51 0.24 0.79 -10.22
C SER A 51 -0.84 -0.13 -9.66
N PHE A 52 -2.06 0.38 -9.50
CA PHE A 52 -3.11 -0.43 -8.93
C PHE A 52 -4.40 -0.22 -9.69
N ASP A 53 -4.94 -1.30 -10.20
CA ASP A 53 -6.23 -1.26 -10.85
C ASP A 53 -7.30 -1.62 -9.84
N LEU A 54 -8.18 -0.68 -9.57
CA LEU A 54 -9.13 -0.81 -8.48
C LEU A 54 -10.17 -1.89 -8.73
N GLU A 55 -10.28 -2.36 -9.97
CA GLU A 55 -11.25 -3.40 -10.27
C GLU A 55 -10.58 -4.72 -10.64
N ARG A 56 -9.40 -4.65 -11.25
CA ARG A 56 -8.65 -5.83 -11.61
C ARG A 56 -7.76 -6.32 -10.45
N ASP A 57 -7.02 -5.40 -9.85
CA ASP A 57 -6.03 -5.77 -8.86
C ASP A 57 -6.63 -5.87 -7.46
N VAL A 58 -6.00 -6.72 -6.64
CA VAL A 58 -6.42 -6.93 -5.27
C VAL A 58 -5.24 -6.68 -4.33
N PRO A 59 -5.42 -5.88 -3.28
CA PRO A 59 -4.32 -5.46 -2.40
C PRO A 59 -3.42 -6.62 -1.96
N GLU A 60 -4.02 -7.69 -1.43
CA GLU A 60 -3.27 -8.86 -1.02
C GLU A 60 -2.62 -9.55 -2.20
N ASP A 61 -3.31 -9.58 -3.32
CA ASP A 61 -2.81 -10.21 -4.52
C ASP A 61 -1.56 -9.48 -5.00
N VAL A 62 -1.60 -8.16 -4.90
CA VAL A 62 -0.50 -7.30 -5.32
C VAL A 62 0.68 -7.42 -4.36
N ALA A 63 0.41 -7.56 -3.08
CA ALA A 63 1.47 -7.75 -2.10
C ALA A 63 2.16 -9.10 -2.34
N GLN A 64 1.45 -10.02 -2.99
CA GLN A 64 2.05 -11.28 -3.41
C GLN A 64 3.01 -11.01 -4.56
N GLU A 65 2.58 -10.19 -5.51
CA GLU A 65 3.45 -9.77 -6.61
C GLU A 65 4.68 -9.12 -6.04
N MET A 66 4.47 -8.29 -5.02
CA MET A 66 5.54 -7.61 -4.33
C MET A 66 6.58 -8.59 -3.81
N VAL A 67 6.11 -9.68 -3.21
CA VAL A 67 7.00 -10.72 -2.71
C VAL A 67 7.71 -11.42 -3.86
N GLU A 68 6.95 -11.76 -4.90
CA GLU A 68 7.49 -12.48 -6.06
C GLU A 68 8.50 -11.63 -6.81
N SER A 69 8.26 -10.33 -6.90
CA SER A 69 9.14 -9.43 -7.61
C SER A 69 10.43 -9.16 -6.83
N GLY A 70 10.44 -9.56 -5.56
CA GLY A 70 11.61 -9.35 -4.73
C GLY A 70 11.57 -8.03 -3.99
N TYR A 71 10.37 -7.51 -3.78
CA TYR A 71 10.19 -6.27 -3.05
C TYR A 71 9.93 -6.54 -1.57
N VAL A 72 8.93 -7.35 -1.31
CA VAL A 72 8.46 -7.58 0.05
C VAL A 72 8.74 -9.01 0.50
N CYS A 73 9.03 -9.16 1.79
CA CYS A 73 9.20 -10.47 2.39
C CYS A 73 7.82 -11.06 2.65
N GLU A 74 7.68 -12.35 2.33
CA GLU A 74 6.41 -13.05 2.46
C GLU A 74 5.86 -13.00 3.88
N GLY A 75 6.75 -12.79 4.84
CA GLY A 75 6.35 -12.71 6.24
C GLY A 75 5.52 -11.47 6.53
N ASP A 76 5.71 -10.43 5.74
CA ASP A 76 4.98 -9.18 5.95
C ASP A 76 4.05 -8.90 4.77
N HIS A 77 3.56 -9.97 4.15
CA HIS A 77 2.60 -9.86 3.08
C HIS A 77 1.36 -9.10 3.56
N LYS A 78 0.86 -9.47 4.73
CA LYS A 78 -0.35 -8.86 5.28
C LYS A 78 -0.11 -7.41 5.63
N THR A 79 1.10 -7.11 6.09
CA THR A 79 1.48 -5.76 6.46
C THR A 79 1.36 -4.82 5.26
N MET A 80 1.94 -5.23 4.14
CA MET A 80 1.94 -4.41 2.94
C MET A 80 0.54 -4.32 2.36
N ALA A 81 -0.14 -5.46 2.30
CA ALA A 81 -1.47 -5.52 1.74
C ALA A 81 -2.44 -4.66 2.54
N LYS A 82 -2.18 -4.55 3.84
CA LYS A 82 -2.98 -3.71 4.71
C LYS A 82 -2.82 -2.26 4.28
N ALA A 83 -1.59 -1.86 4.04
CA ALA A 83 -1.29 -0.51 3.58
C ALA A 83 -1.97 -0.23 2.26
N ILE A 84 -1.90 -1.22 1.37
CA ILE A 84 -2.54 -1.11 0.07
C ILE A 84 -4.04 -1.01 0.25
N LYS A 85 -4.59 -1.93 1.03
CA LYS A 85 -6.03 -2.01 1.25
C LYS A 85 -6.54 -0.73 1.89
N ASP A 86 -5.86 -0.29 2.94
CA ASP A 86 -6.28 0.91 3.67
C ASP A 86 -6.41 2.11 2.75
N ARG A 87 -5.43 2.29 1.88
CA ARG A 87 -5.44 3.39 0.93
C ARG A 87 -6.51 3.16 -0.14
N VAL A 88 -6.58 1.94 -0.67
CA VAL A 88 -7.54 1.62 -1.71
C VAL A 88 -8.97 1.83 -1.21
N SER A 89 -9.21 1.51 0.06
CA SER A 89 -10.52 1.71 0.65
C SER A 89 -10.91 3.19 0.59
N LEU A 90 -9.95 4.05 0.90
CA LEU A 90 -10.15 5.50 0.83
C LEU A 90 -10.37 5.95 -0.60
N ILE A 91 -9.54 5.41 -1.48
CA ILE A 91 -9.61 5.69 -2.91
C ILE A 91 -10.96 5.28 -3.49
N LYS A 92 -11.37 4.06 -3.19
CA LYS A 92 -12.64 3.53 -3.68
C LYS A 92 -13.82 4.28 -3.07
N ARG A 93 -13.65 4.76 -1.84
CA ARG A 93 -14.71 5.46 -1.13
C ARG A 93 -15.19 6.68 -1.92
N LYS A 94 -14.25 7.41 -2.50
CA LYS A 94 -14.58 8.58 -3.30
C LYS A 94 -15.34 8.18 -4.57
N ARG A 95 -15.06 6.97 -5.03
CA ARG A 95 -15.68 6.44 -6.23
C ARG A 95 -17.05 5.84 -5.95
N GLU A 96 -17.34 5.59 -4.68
CA GLU A 96 -18.65 5.11 -4.29
C GLU A 96 -19.65 6.25 -4.37
N GLN A 97 -19.11 7.47 -4.41
CA GLN A 97 -19.91 8.69 -4.54
C GLN A 97 -20.80 8.88 -3.32
N ARG A 98 -21.77 9.76 -3.43
CA ARG A 98 -22.72 9.98 -2.34
C ARG A 98 -23.93 9.07 -2.52
N GLY A 1 -0.28 -6.85 13.33
CA GLY A 1 -0.91 -5.53 13.55
C GLY A 1 -0.02 -4.62 14.36
N ALA A 2 -0.60 -3.56 14.92
CA ALA A 2 0.15 -2.62 15.72
C ALA A 2 -0.21 -2.75 17.19
N MET A 3 0.81 -2.98 18.02
CA MET A 3 0.60 -3.12 19.46
C MET A 3 0.53 -1.75 20.11
N ASP A 4 0.78 -0.73 19.30
CA ASP A 4 0.73 0.65 19.76
C ASP A 4 -0.61 1.28 19.40
N PRO A 5 -1.14 2.14 20.29
CA PRO A 5 -2.40 2.84 20.05
C PRO A 5 -2.23 4.05 19.13
N GLN A 6 -1.02 4.22 18.59
CA GLN A 6 -0.74 5.33 17.68
C GLN A 6 -1.10 4.94 16.25
N GLU A 7 -1.35 3.65 16.05
CA GLU A 7 -1.73 3.09 14.75
C GLU A 7 -0.52 3.09 13.81
N GLU A 8 0.65 2.86 14.37
CA GLU A 8 1.88 2.77 13.58
C GLU A 8 1.94 1.42 12.87
N THR A 9 1.46 1.41 11.64
CA THR A 9 1.44 0.18 10.85
C THR A 9 2.80 -0.10 10.24
N GLY A 10 3.65 0.93 10.20
CA GLY A 10 4.97 0.79 9.62
C GLY A 10 4.93 0.78 8.11
N VAL A 11 3.74 0.96 7.56
CA VAL A 11 3.55 1.04 6.12
C VAL A 11 2.40 1.98 5.81
N ARG A 12 2.42 2.49 4.59
CA ARG A 12 1.38 3.38 4.11
C ARG A 12 1.60 3.64 2.63
N VAL A 13 0.53 3.71 1.87
CA VAL A 13 0.64 3.93 0.45
C VAL A 13 0.16 5.32 0.07
N GLU A 14 0.87 5.94 -0.87
CA GLU A 14 0.53 7.28 -1.32
C GLU A 14 0.29 7.30 -2.82
N LEU A 15 -0.31 8.38 -3.30
CA LEU A 15 -0.63 8.53 -4.70
C LEU A 15 0.55 9.13 -5.46
N ALA A 16 0.80 8.60 -6.65
CA ALA A 16 1.81 9.15 -7.53
C ALA A 16 1.18 10.22 -8.42
N GLU A 17 -0.13 10.24 -8.40
CA GLU A 17 -0.91 11.22 -9.14
C GLU A 17 -1.92 11.87 -8.21
N GLU A 18 -2.84 12.64 -8.76
CA GLU A 18 -3.86 13.28 -7.94
C GLU A 18 -5.22 12.66 -8.22
N ASP A 19 -5.61 11.72 -7.38
CA ASP A 19 -6.90 11.04 -7.51
C ASP A 19 -8.04 11.96 -7.09
N ASP A 20 -8.55 12.74 -8.03
CA ASP A 20 -9.65 13.64 -7.76
C ASP A 20 -10.83 13.38 -8.71
N GLY A 21 -10.53 12.71 -9.81
CA GLY A 21 -11.54 12.42 -10.81
C GLY A 21 -12.30 11.15 -10.51
N GLU A 22 -12.13 10.18 -11.40
CA GLU A 22 -12.81 8.89 -11.29
C GLU A 22 -11.94 7.80 -11.89
N LYS A 23 -10.70 7.72 -11.43
CA LYS A 23 -9.76 6.75 -11.96
C LYS A 23 -10.17 5.34 -11.57
N ILE A 24 -10.10 4.43 -12.54
CA ILE A 24 -10.30 3.03 -12.30
C ILE A 24 -8.97 2.40 -11.96
N ALA A 25 -7.91 2.98 -12.50
CA ALA A 25 -6.57 2.52 -12.24
C ALA A 25 -5.69 3.67 -11.81
N ILE A 26 -5.09 3.53 -10.64
CA ILE A 26 -4.31 4.59 -10.05
C ILE A 26 -2.84 4.20 -10.00
N LYS A 27 -2.03 5.12 -9.53
CA LYS A 27 -0.60 4.89 -9.43
C LYS A 27 -0.14 5.21 -8.02
N LEU A 28 0.29 4.18 -7.30
CA LEU A 28 0.61 4.31 -5.89
C LEU A 28 2.09 4.05 -5.63
N TRP A 29 2.57 4.48 -4.47
CA TRP A 29 3.88 4.09 -3.99
C TRP A 29 3.74 3.47 -2.60
N LEU A 30 4.18 2.23 -2.45
CA LEU A 30 4.19 1.56 -1.15
C LEU A 30 5.31 2.13 -0.29
N ARG A 31 4.94 2.89 0.71
CA ARG A 31 5.91 3.56 1.57
C ARG A 31 6.12 2.77 2.85
N ILE A 32 7.37 2.53 3.18
CA ILE A 32 7.71 1.85 4.42
C ILE A 32 7.98 2.86 5.52
N GLU A 33 7.10 2.90 6.51
CA GLU A 33 7.19 3.85 7.59
C GLU A 33 8.18 3.38 8.65
N ASP A 34 7.97 2.17 9.13
CA ASP A 34 8.81 1.60 10.17
C ASP A 34 9.32 0.24 9.75
N ILE A 35 10.57 0.19 9.35
CA ILE A 35 11.15 -1.04 8.81
C ILE A 35 11.42 -2.05 9.91
N LYS A 36 11.49 -1.58 11.15
CA LYS A 36 11.73 -2.45 12.29
C LYS A 36 10.49 -3.27 12.61
N LYS A 37 9.34 -2.76 12.24
CA LYS A 37 8.08 -3.47 12.42
C LYS A 37 7.98 -4.62 11.44
N LEU A 38 8.77 -4.56 10.37
CA LEU A 38 8.72 -5.56 9.32
C LEU A 38 9.85 -6.56 9.48
N LYS A 39 9.61 -7.79 9.06
CA LYS A 39 10.62 -8.83 9.07
C LYS A 39 11.27 -8.93 7.69
N GLY A 40 12.12 -7.97 7.39
CA GLY A 40 12.78 -7.95 6.10
C GLY A 40 13.90 -6.93 6.05
N LYS A 41 14.16 -6.41 4.87
CA LYS A 41 15.22 -5.43 4.67
C LYS A 41 14.69 -4.25 3.87
N TYR A 42 14.42 -3.15 4.55
CA TYR A 42 13.78 -2.00 3.93
C TYR A 42 14.42 -0.71 4.40
N LYS A 43 14.31 0.32 3.59
CA LYS A 43 14.78 1.66 3.95
C LYS A 43 13.65 2.41 4.66
N ASP A 44 13.99 3.27 5.61
CA ASP A 44 12.98 3.98 6.41
C ASP A 44 12.40 5.16 5.64
N ASN A 45 12.45 5.04 4.34
CA ASN A 45 11.93 6.04 3.42
C ASN A 45 11.71 5.39 2.06
N GLU A 46 11.54 4.08 2.09
CA GLU A 46 11.43 3.30 0.88
C GLU A 46 10.02 3.38 0.33
N ALA A 47 9.92 3.62 -0.97
CA ALA A 47 8.64 3.71 -1.63
C ALA A 47 8.65 2.90 -2.92
N ILE A 48 7.79 1.91 -2.96
CA ILE A 48 7.68 1.03 -4.10
C ILE A 48 6.48 1.39 -4.96
N GLU A 49 6.75 2.01 -6.09
CA GLU A 49 5.72 2.47 -7.02
C GLU A 49 5.01 1.28 -7.69
N PHE A 50 3.69 1.30 -7.65
CA PHE A 50 2.88 0.26 -8.29
C PHE A 50 1.52 0.85 -8.66
N SER A 51 1.00 0.46 -9.82
CA SER A 51 -0.32 0.92 -10.25
C SER A 51 -1.39 -0.02 -9.71
N PHE A 52 -2.55 0.52 -9.37
CA PHE A 52 -3.60 -0.28 -8.75
C PHE A 52 -4.92 -0.03 -9.44
N ASP A 53 -5.45 -1.05 -10.09
CA ASP A 53 -6.79 -0.97 -10.65
C ASP A 53 -7.79 -1.23 -9.55
N LEU A 54 -8.57 -0.22 -9.23
CA LEU A 54 -9.48 -0.27 -8.10
C LEU A 54 -10.57 -1.33 -8.30
N GLU A 55 -10.75 -1.74 -9.54
CA GLU A 55 -11.79 -2.70 -9.86
C GLU A 55 -11.19 -4.09 -10.12
N ARG A 56 -10.05 -4.15 -10.81
CA ARG A 56 -9.44 -5.41 -11.17
C ARG A 56 -8.38 -5.88 -10.16
N ASP A 57 -7.56 -4.95 -9.66
CA ASP A 57 -6.45 -5.31 -8.79
C ASP A 57 -6.91 -5.59 -7.37
N VAL A 58 -6.14 -6.43 -6.68
CA VAL A 58 -6.41 -6.77 -5.30
C VAL A 58 -5.16 -6.50 -4.46
N PRO A 59 -5.34 -5.84 -3.29
CA PRO A 59 -4.22 -5.41 -2.44
C PRO A 59 -3.34 -6.57 -2.00
N GLU A 60 -3.95 -7.70 -1.72
CA GLU A 60 -3.22 -8.88 -1.29
C GLU A 60 -2.57 -9.58 -2.48
N ASP A 61 -3.13 -9.36 -3.66
CA ASP A 61 -2.59 -9.93 -4.88
C ASP A 61 -1.30 -9.21 -5.26
N VAL A 62 -1.35 -7.89 -5.18
CA VAL A 62 -0.21 -7.05 -5.49
C VAL A 62 0.94 -7.30 -4.53
N ALA A 63 0.60 -7.46 -3.25
CA ALA A 63 1.63 -7.72 -2.24
C ALA A 63 2.29 -9.07 -2.49
N GLN A 64 1.59 -9.98 -3.15
CA GLN A 64 2.18 -11.26 -3.56
C GLN A 64 3.28 -11.02 -4.58
N GLU A 65 2.97 -10.18 -5.57
CA GLU A 65 3.95 -9.79 -6.57
C GLU A 65 5.14 -9.12 -5.90
N MET A 66 4.82 -8.27 -4.92
CA MET A 66 5.83 -7.58 -4.14
C MET A 66 6.79 -8.57 -3.49
N VAL A 67 6.23 -9.64 -2.95
CA VAL A 67 7.02 -10.68 -2.30
C VAL A 67 7.86 -11.44 -3.31
N GLU A 68 7.22 -11.90 -4.38
CA GLU A 68 7.91 -12.72 -5.38
C GLU A 68 9.03 -11.94 -6.06
N SER A 69 8.79 -10.64 -6.27
CA SER A 69 9.76 -9.79 -6.93
C SER A 69 10.96 -9.50 -6.03
N GLY A 70 10.80 -9.76 -4.73
CA GLY A 70 11.89 -9.54 -3.79
C GLY A 70 11.75 -8.23 -3.04
N TYR A 71 10.69 -7.50 -3.31
CA TYR A 71 10.44 -6.22 -2.65
C TYR A 71 10.00 -6.44 -1.21
N VAL A 72 9.12 -7.40 -1.01
CA VAL A 72 8.54 -7.64 0.29
C VAL A 72 8.82 -9.07 0.75
N CYS A 73 8.95 -9.24 2.05
CA CYS A 73 9.08 -10.57 2.65
C CYS A 73 7.69 -11.10 2.93
N GLU A 74 7.47 -12.36 2.58
CA GLU A 74 6.16 -13.00 2.67
C GLU A 74 5.64 -13.00 4.10
N GLY A 75 6.56 -12.86 5.05
CA GLY A 75 6.18 -12.77 6.46
C GLY A 75 5.39 -11.50 6.75
N ASP A 76 5.51 -10.51 5.88
CA ASP A 76 4.79 -9.27 6.01
C ASP A 76 3.93 -8.98 4.80
N HIS A 77 3.51 -10.03 4.11
CA HIS A 77 2.58 -9.91 2.99
C HIS A 77 1.32 -9.17 3.43
N LYS A 78 0.76 -9.62 4.55
CA LYS A 78 -0.47 -9.03 5.07
C LYS A 78 -0.27 -7.57 5.45
N THR A 79 0.89 -7.28 5.97
CA THR A 79 1.25 -5.91 6.36
C THR A 79 1.22 -4.98 5.16
N MET A 80 1.84 -5.41 4.07
CA MET A 80 1.93 -4.61 2.86
C MET A 80 0.58 -4.50 2.20
N ALA A 81 -0.11 -5.63 2.09
CA ALA A 81 -1.42 -5.67 1.48
C ALA A 81 -2.40 -4.81 2.24
N LYS A 82 -2.23 -4.75 3.55
CA LYS A 82 -3.02 -3.89 4.39
C LYS A 82 -2.70 -2.45 4.06
N ALA A 83 -1.41 -2.14 3.92
CA ALA A 83 -0.98 -0.80 3.54
C ALA A 83 -1.64 -0.39 2.22
N ILE A 84 -1.63 -1.31 1.28
CA ILE A 84 -2.26 -1.10 -0.02
C ILE A 84 -3.76 -0.91 0.16
N LYS A 85 -4.37 -1.83 0.91
CA LYS A 85 -5.82 -1.83 1.09
C LYS A 85 -6.26 -0.59 1.88
N ASP A 86 -5.43 -0.17 2.80
CA ASP A 86 -5.70 1.00 3.63
C ASP A 86 -5.84 2.25 2.77
N ARG A 87 -4.89 2.45 1.88
CA ARG A 87 -4.93 3.60 0.98
C ARG A 87 -6.10 3.47 0.02
N VAL A 88 -6.21 2.30 -0.60
CA VAL A 88 -7.27 2.05 -1.56
C VAL A 88 -8.65 2.24 -0.91
N SER A 89 -8.77 1.91 0.36
CA SER A 89 -10.02 2.06 1.08
C SER A 89 -10.41 3.53 1.18
N LEU A 90 -9.48 4.37 1.59
CA LEU A 90 -9.76 5.80 1.74
C LEU A 90 -9.95 6.44 0.37
N ILE A 91 -9.23 5.92 -0.61
CA ILE A 91 -9.41 6.29 -2.00
C ILE A 91 -10.83 5.99 -2.46
N LYS A 92 -11.22 4.72 -2.35
CA LYS A 92 -12.54 4.28 -2.77
C LYS A 92 -13.64 4.99 -1.99
N ARG A 93 -13.35 5.30 -0.73
CA ARG A 93 -14.29 5.99 0.14
C ARG A 93 -14.71 7.33 -0.49
N LYS A 94 -13.77 7.97 -1.17
CA LYS A 94 -14.05 9.23 -1.85
C LYS A 94 -14.94 9.00 -3.06
N ARG A 95 -14.81 7.82 -3.66
CA ARG A 95 -15.61 7.44 -4.81
C ARG A 95 -17.03 7.07 -4.37
N GLU A 96 -17.19 6.78 -3.09
CA GLU A 96 -18.52 6.51 -2.53
C GLU A 96 -19.23 7.82 -2.30
N GLN A 97 -18.45 8.88 -2.15
CA GLN A 97 -18.99 10.21 -1.90
C GLN A 97 -19.44 10.84 -3.21
N ARG A 98 -20.62 10.47 -3.66
CA ARG A 98 -21.18 11.02 -4.88
C ARG A 98 -22.40 11.85 -4.54
N GLY A 1 -11.55 0.91 15.75
CA GLY A 1 -10.21 1.37 16.16
C GLY A 1 -9.41 0.27 16.83
N ALA A 2 -8.21 0.60 17.28
CA ALA A 2 -7.34 -0.36 17.94
C ALA A 2 -6.48 0.33 18.99
N MET A 3 -6.95 1.47 19.49
CA MET A 3 -6.18 2.34 20.38
C MET A 3 -5.01 2.96 19.63
N ASP A 4 -4.07 2.12 19.23
CA ASP A 4 -2.96 2.52 18.39
C ASP A 4 -3.42 2.63 16.95
N PRO A 5 -2.80 3.52 16.15
CA PRO A 5 -3.11 3.65 14.72
C PRO A 5 -2.59 2.46 13.93
N GLN A 6 -3.30 1.33 14.07
CA GLN A 6 -2.93 0.06 13.44
C GLN A 6 -1.42 -0.18 13.50
N GLU A 7 -0.90 -0.32 14.71
CA GLU A 7 0.53 -0.51 14.95
C GLU A 7 0.95 -1.94 14.60
N GLU A 8 0.61 -2.35 13.39
CA GLU A 8 0.98 -3.64 12.86
C GLU A 8 1.38 -3.48 11.40
N THR A 9 1.65 -2.24 11.03
CA THR A 9 1.96 -1.92 9.64
C THR A 9 3.39 -1.42 9.48
N GLY A 10 3.64 -0.17 9.86
CA GLY A 10 4.91 0.43 9.55
C GLY A 10 5.05 0.63 8.06
N VAL A 11 3.93 0.94 7.44
CA VAL A 11 3.85 1.20 6.01
C VAL A 11 2.72 2.15 5.71
N ARG A 12 2.76 2.74 4.53
CA ARG A 12 1.68 3.58 4.06
C ARG A 12 1.74 3.72 2.55
N VAL A 13 0.59 3.74 1.93
CA VAL A 13 0.51 3.87 0.49
C VAL A 13 -0.14 5.19 0.12
N GLU A 14 0.46 5.87 -0.83
CA GLU A 14 -0.03 7.17 -1.26
C GLU A 14 -0.16 7.22 -2.77
N LEU A 15 -0.94 8.18 -3.24
CA LEU A 15 -1.16 8.37 -4.65
C LEU A 15 -0.02 9.15 -5.28
N ALA A 16 0.52 8.62 -6.36
CA ALA A 16 1.57 9.29 -7.12
C ALA A 16 0.98 10.43 -7.94
N GLU A 17 -0.34 10.41 -8.05
CA GLU A 17 -1.06 11.32 -8.91
C GLU A 17 -2.41 11.67 -8.28
N GLU A 18 -3.19 12.48 -8.97
CA GLU A 18 -4.50 12.87 -8.48
C GLU A 18 -5.52 11.80 -8.85
N ASP A 19 -6.22 11.29 -7.85
CA ASP A 19 -7.18 10.22 -8.04
C ASP A 19 -8.52 10.76 -8.53
N ASP A 20 -8.64 10.87 -9.85
CA ASP A 20 -9.86 11.27 -10.50
C ASP A 20 -9.80 10.70 -11.91
N GLY A 21 -10.49 11.32 -12.84
CA GLY A 21 -10.39 10.92 -14.24
C GLY A 21 -11.09 9.61 -14.57
N GLU A 22 -11.65 8.95 -13.56
CA GLU A 22 -12.34 7.66 -13.72
C GLU A 22 -11.38 6.55 -14.18
N LYS A 23 -10.10 6.86 -14.13
CA LYS A 23 -9.07 5.89 -14.45
C LYS A 23 -9.06 4.78 -13.42
N ILE A 24 -9.24 3.56 -13.89
CA ILE A 24 -9.36 2.41 -13.01
C ILE A 24 -8.00 2.00 -12.49
N ALA A 25 -6.99 2.18 -13.31
CA ALA A 25 -5.65 1.83 -12.95
C ALA A 25 -4.84 3.05 -12.57
N ILE A 26 -4.40 3.06 -11.33
CA ILE A 26 -3.70 4.20 -10.76
C ILE A 26 -2.26 3.85 -10.45
N LYS A 27 -1.55 4.80 -9.87
CA LYS A 27 -0.16 4.60 -9.52
C LYS A 27 0.08 5.00 -8.06
N LEU A 28 0.42 4.01 -7.26
CA LEU A 28 0.61 4.21 -5.82
C LEU A 28 2.07 4.01 -5.44
N TRP A 29 2.46 4.50 -4.29
CA TRP A 29 3.79 4.22 -3.75
C TRP A 29 3.70 3.60 -2.36
N LEU A 30 4.34 2.45 -2.20
CA LEU A 30 4.40 1.77 -0.90
C LEU A 30 5.51 2.36 -0.05
N ARG A 31 5.13 3.26 0.83
CA ARG A 31 6.07 3.88 1.74
C ARG A 31 6.36 2.97 2.92
N ILE A 32 7.62 2.59 3.06
CA ILE A 32 8.03 1.76 4.18
C ILE A 32 8.36 2.65 5.37
N GLU A 33 7.54 2.56 6.40
CA GLU A 33 7.62 3.46 7.54
C GLU A 33 8.47 2.90 8.67
N ASP A 34 8.31 1.62 8.98
CA ASP A 34 9.03 1.02 10.09
C ASP A 34 9.42 -0.42 9.76
N ILE A 35 10.66 -0.59 9.33
CA ILE A 35 11.14 -1.90 8.89
C ILE A 35 11.41 -2.83 10.08
N LYS A 36 11.21 -2.34 11.30
CA LYS A 36 11.39 -3.15 12.48
C LYS A 36 10.17 -4.06 12.66
N LYS A 37 9.06 -3.66 12.07
CA LYS A 37 7.86 -4.45 12.07
C LYS A 37 7.96 -5.54 11.02
N LEU A 38 8.71 -5.23 9.97
CA LEU A 38 8.81 -6.10 8.81
C LEU A 38 9.90 -7.14 9.02
N LYS A 39 9.66 -8.33 8.52
CA LYS A 39 10.61 -9.42 8.65
C LYS A 39 11.41 -9.58 7.36
N GLY A 40 11.93 -8.47 6.88
CA GLY A 40 12.72 -8.46 5.66
C GLY A 40 13.76 -7.38 5.68
N LYS A 41 14.60 -7.33 4.64
CA LYS A 41 15.65 -6.33 4.57
C LYS A 41 15.23 -5.16 3.70
N TYR A 42 14.38 -4.32 4.25
CA TYR A 42 13.88 -3.15 3.54
C TYR A 42 14.72 -1.93 3.87
N LYS A 43 14.39 -0.81 3.27
CA LYS A 43 14.99 0.47 3.62
C LYS A 43 13.96 1.33 4.34
N ASP A 44 14.33 1.83 5.50
CA ASP A 44 13.40 2.57 6.36
C ASP A 44 13.25 4.01 5.89
N ASN A 45 13.24 4.18 4.58
CA ASN A 45 13.12 5.49 3.96
C ASN A 45 12.86 5.33 2.47
N GLU A 46 12.21 4.23 2.10
CA GLU A 46 11.97 3.93 0.69
C GLU A 46 10.48 3.74 0.42
N ALA A 47 10.08 4.09 -0.79
CA ALA A 47 8.72 3.89 -1.24
C ALA A 47 8.71 3.18 -2.58
N ILE A 48 7.88 2.15 -2.67
CA ILE A 48 7.83 1.31 -3.85
C ILE A 48 6.59 1.63 -4.69
N GLU A 49 6.82 2.29 -5.81
CA GLU A 49 5.74 2.66 -6.73
C GLU A 49 5.15 1.41 -7.42
N PHE A 50 3.84 1.25 -7.31
CA PHE A 50 3.14 0.14 -7.96
C PHE A 50 1.81 0.64 -8.53
N SER A 51 1.42 0.12 -9.66
CA SER A 51 0.17 0.50 -10.29
C SER A 51 -0.97 -0.39 -9.81
N PHE A 52 -2.15 0.17 -9.62
CA PHE A 52 -3.25 -0.59 -9.07
C PHE A 52 -4.49 -0.44 -9.92
N ASP A 53 -4.94 -1.54 -10.50
CA ASP A 53 -6.20 -1.59 -11.21
C ASP A 53 -7.31 -1.80 -10.18
N LEU A 54 -8.08 -0.75 -9.94
CA LEU A 54 -9.06 -0.75 -8.85
C LEU A 54 -10.18 -1.76 -9.06
N GLU A 55 -10.27 -2.36 -10.24
CA GLU A 55 -11.31 -3.35 -10.49
C GLU A 55 -10.73 -4.76 -10.60
N ARG A 56 -9.53 -4.87 -11.16
CA ARG A 56 -8.91 -6.16 -11.36
C ARG A 56 -7.93 -6.52 -10.24
N ASP A 57 -7.15 -5.55 -9.77
CA ASP A 57 -6.13 -5.83 -8.77
C ASP A 57 -6.71 -5.91 -7.38
N VAL A 58 -6.03 -6.65 -6.53
CA VAL A 58 -6.39 -6.80 -5.13
C VAL A 58 -5.18 -6.48 -4.27
N PRO A 59 -5.35 -5.74 -3.17
CA PRO A 59 -4.23 -5.34 -2.31
C PRO A 59 -3.34 -6.53 -1.93
N GLU A 60 -3.97 -7.62 -1.48
CA GLU A 60 -3.26 -8.84 -1.15
C GLU A 60 -2.53 -9.43 -2.36
N ASP A 61 -3.13 -9.25 -3.53
CA ASP A 61 -2.55 -9.79 -4.77
C ASP A 61 -1.28 -9.03 -5.12
N VAL A 62 -1.34 -7.71 -5.00
CA VAL A 62 -0.20 -6.86 -5.27
C VAL A 62 0.93 -7.15 -4.30
N ALA A 63 0.59 -7.38 -3.04
CA ALA A 63 1.58 -7.74 -2.04
C ALA A 63 2.23 -9.08 -2.37
N GLN A 64 1.49 -9.94 -3.08
CA GLN A 64 2.05 -11.19 -3.57
C GLN A 64 3.09 -10.92 -4.64
N GLU A 65 2.75 -10.03 -5.57
CA GLU A 65 3.70 -9.57 -6.59
C GLU A 65 4.94 -9.03 -5.92
N MET A 66 4.71 -8.21 -4.90
CA MET A 66 5.78 -7.62 -4.12
C MET A 66 6.74 -8.67 -3.57
N VAL A 67 6.18 -9.75 -3.05
CA VAL A 67 6.99 -10.84 -2.50
C VAL A 67 7.72 -11.58 -3.61
N GLU A 68 7.02 -11.87 -4.70
CA GLU A 68 7.60 -12.66 -5.79
C GLU A 68 8.67 -11.87 -6.54
N SER A 69 8.41 -10.59 -6.77
CA SER A 69 9.34 -9.75 -7.52
C SER A 69 10.56 -9.38 -6.68
N GLY A 70 10.50 -9.64 -5.38
CA GLY A 70 11.66 -9.43 -4.54
C GLY A 70 11.66 -8.09 -3.84
N TYR A 71 10.48 -7.55 -3.59
CA TYR A 71 10.35 -6.29 -2.85
C TYR A 71 10.00 -6.55 -1.40
N VAL A 72 9.07 -7.47 -1.19
CA VAL A 72 8.53 -7.73 0.12
C VAL A 72 8.76 -9.19 0.54
N CYS A 73 8.94 -9.38 1.82
CA CYS A 73 9.06 -10.71 2.40
C CYS A 73 7.67 -11.30 2.61
N GLU A 74 7.55 -12.60 2.41
CA GLU A 74 6.27 -13.31 2.46
C GLU A 74 5.60 -13.16 3.83
N GLY A 75 6.41 -12.90 4.85
CA GLY A 75 5.87 -12.71 6.19
C GLY A 75 5.23 -11.34 6.34
N ASP A 76 5.59 -10.41 5.47
CA ASP A 76 5.06 -9.06 5.53
C ASP A 76 3.96 -8.86 4.50
N HIS A 77 3.57 -9.96 3.87
CA HIS A 77 2.51 -9.95 2.85
C HIS A 77 1.24 -9.30 3.42
N LYS A 78 0.87 -9.72 4.62
CA LYS A 78 -0.32 -9.21 5.29
C LYS A 78 -0.16 -7.73 5.61
N THR A 79 1.04 -7.39 6.06
CA THR A 79 1.37 -6.03 6.44
C THR A 79 1.26 -5.07 5.25
N MET A 80 1.86 -5.45 4.13
CA MET A 80 1.87 -4.62 2.94
C MET A 80 0.49 -4.46 2.36
N ALA A 81 -0.23 -5.56 2.27
CA ALA A 81 -1.59 -5.55 1.73
C ALA A 81 -2.48 -4.63 2.55
N LYS A 82 -2.23 -4.58 3.85
CA LYS A 82 -2.99 -3.73 4.74
C LYS A 82 -2.67 -2.27 4.46
N ALA A 83 -1.41 -2.00 4.13
CA ALA A 83 -0.99 -0.67 3.73
C ALA A 83 -1.67 -0.28 2.43
N ILE A 84 -1.71 -1.23 1.50
CA ILE A 84 -2.34 -1.04 0.21
C ILE A 84 -3.84 -0.79 0.37
N LYS A 85 -4.49 -1.67 1.12
CA LYS A 85 -5.94 -1.60 1.29
C LYS A 85 -6.34 -0.33 2.03
N ASP A 86 -5.47 0.12 2.94
CA ASP A 86 -5.73 1.36 3.67
C ASP A 86 -5.94 2.52 2.71
N ARG A 87 -5.11 2.57 1.68
CA ARG A 87 -5.21 3.60 0.67
C ARG A 87 -6.38 3.33 -0.28
N VAL A 88 -6.46 2.11 -0.80
CA VAL A 88 -7.47 1.75 -1.78
C VAL A 88 -8.88 1.93 -1.23
N SER A 89 -9.06 1.65 0.05
CA SER A 89 -10.34 1.85 0.72
C SER A 89 -10.73 3.33 0.67
N LEU A 90 -9.75 4.18 0.94
CA LEU A 90 -9.96 5.63 0.89
C LEU A 90 -10.23 6.08 -0.55
N ILE A 91 -9.43 5.56 -1.46
CA ILE A 91 -9.57 5.85 -2.88
C ILE A 91 -10.98 5.59 -3.37
N LYS A 92 -11.44 4.37 -3.19
CA LYS A 92 -12.79 3.99 -3.61
C LYS A 92 -13.83 4.83 -2.89
N ARG A 93 -13.58 5.10 -1.61
CA ARG A 93 -14.50 5.89 -0.80
C ARG A 93 -14.63 7.31 -1.35
N LYS A 94 -13.50 7.91 -1.70
CA LYS A 94 -13.49 9.26 -2.27
C LYS A 94 -14.19 9.29 -3.62
N ARG A 95 -14.13 8.17 -4.31
CA ARG A 95 -14.79 8.03 -5.60
C ARG A 95 -16.30 7.86 -5.45
N GLU A 96 -16.71 7.43 -4.25
CA GLU A 96 -18.13 7.23 -3.96
C GLU A 96 -18.81 8.56 -3.65
N GLN A 97 -18.64 9.51 -4.55
CA GLN A 97 -19.26 10.82 -4.43
C GLN A 97 -19.79 11.25 -5.78
N ARG A 98 -21.03 11.71 -5.81
CA ARG A 98 -21.65 12.14 -7.05
C ARG A 98 -21.54 13.66 -7.18
N GLY A 1 -9.50 11.69 16.56
CA GLY A 1 -8.48 11.55 15.49
C GLY A 1 -7.18 10.98 16.04
N ALA A 2 -6.43 10.30 15.18
CA ALA A 2 -5.17 9.69 15.58
C ALA A 2 -4.10 9.86 14.51
N MET A 3 -4.44 10.63 13.46
CA MET A 3 -3.58 10.80 12.29
C MET A 3 -3.57 9.53 11.43
N ASP A 4 -3.47 8.39 12.08
CA ASP A 4 -3.60 7.10 11.41
C ASP A 4 -5.07 6.85 11.06
N PRO A 5 -5.32 6.40 9.83
CA PRO A 5 -6.67 6.01 9.39
C PRO A 5 -7.22 4.87 10.23
N GLN A 6 -6.33 4.01 10.69
CA GLN A 6 -6.68 2.90 11.57
C GLN A 6 -5.42 2.19 12.04
N GLU A 7 -4.82 2.71 13.12
CA GLU A 7 -3.63 2.14 13.74
C GLU A 7 -2.37 2.48 12.94
N GLU A 8 -1.36 2.99 13.65
CA GLU A 8 -0.08 3.31 13.04
C GLU A 8 0.65 2.04 12.64
N THR A 9 0.36 1.58 11.43
CA THR A 9 1.04 0.43 10.88
C THR A 9 2.32 0.89 10.21
N GLY A 10 3.35 0.05 10.21
CA GLY A 10 4.65 0.46 9.69
C GLY A 10 4.71 0.54 8.18
N VAL A 11 3.61 0.95 7.57
CA VAL A 11 3.51 1.08 6.13
C VAL A 11 2.52 2.17 5.77
N ARG A 12 2.68 2.73 4.59
CA ARG A 12 1.77 3.75 4.09
C ARG A 12 1.94 3.92 2.59
N VAL A 13 0.82 3.97 1.89
CA VAL A 13 0.83 4.06 0.46
C VAL A 13 0.41 5.45 -0.01
N GLU A 14 1.18 5.99 -0.93
CA GLU A 14 0.94 7.33 -1.45
C GLU A 14 0.57 7.26 -2.92
N LEU A 15 -0.06 8.32 -3.40
CA LEU A 15 -0.44 8.42 -4.79
C LEU A 15 0.65 9.09 -5.59
N ALA A 16 0.99 8.52 -6.74
CA ALA A 16 2.00 9.09 -7.62
C ALA A 16 1.39 10.18 -8.50
N GLU A 17 0.09 10.37 -8.35
CA GLU A 17 -0.64 11.33 -9.15
C GLU A 17 -1.92 11.75 -8.41
N GLU A 18 -2.57 12.77 -8.93
CA GLU A 18 -3.79 13.28 -8.32
C GLU A 18 -4.94 12.33 -8.59
N ASP A 19 -5.50 11.76 -7.52
CA ASP A 19 -6.58 10.80 -7.66
C ASP A 19 -7.92 11.50 -7.81
N ASP A 20 -8.34 11.66 -9.06
CA ASP A 20 -9.65 12.18 -9.40
C ASP A 20 -9.86 11.98 -10.89
N GLY A 21 -11.02 11.47 -11.24
CA GLY A 21 -11.32 11.20 -12.64
C GLY A 21 -11.82 9.78 -12.85
N GLU A 22 -12.14 9.12 -11.74
CA GLU A 22 -12.69 7.76 -11.76
C GLU A 22 -11.68 6.81 -12.40
N LYS A 23 -10.43 7.01 -12.02
CA LYS A 23 -9.32 6.25 -12.54
C LYS A 23 -9.38 4.83 -12.01
N ILE A 24 -9.58 3.88 -12.89
CA ILE A 24 -9.75 2.49 -12.48
C ILE A 24 -8.42 1.93 -12.07
N ALA A 25 -7.39 2.39 -12.73
CA ALA A 25 -6.05 1.96 -12.43
C ALA A 25 -5.18 3.15 -12.08
N ILE A 26 -4.59 3.09 -10.90
CA ILE A 26 -3.81 4.20 -10.38
C ILE A 26 -2.36 3.80 -10.18
N LYS A 27 -1.56 4.77 -9.77
CA LYS A 27 -0.15 4.53 -9.52
C LYS A 27 0.17 4.92 -8.08
N LEU A 28 0.56 3.94 -7.28
CA LEU A 28 0.81 4.13 -5.87
C LEU A 28 2.29 3.92 -5.55
N TRP A 29 2.72 4.44 -4.42
CA TRP A 29 4.04 4.11 -3.88
C TRP A 29 3.90 3.58 -2.46
N LEU A 30 4.43 2.39 -2.22
CA LEU A 30 4.43 1.80 -0.89
C LEU A 30 5.61 2.28 -0.09
N ARG A 31 5.37 3.10 0.91
CA ARG A 31 6.43 3.54 1.80
C ARG A 31 6.37 2.78 3.11
N ILE A 32 7.53 2.37 3.58
CA ILE A 32 7.62 1.71 4.87
C ILE A 32 7.78 2.74 5.97
N GLU A 33 6.86 2.73 6.91
CA GLU A 33 6.86 3.69 8.01
C GLU A 33 7.72 3.20 9.16
N ASP A 34 7.82 1.88 9.29
CA ASP A 34 8.62 1.27 10.35
C ASP A 34 9.19 -0.05 9.87
N ILE A 35 10.45 -0.01 9.44
CA ILE A 35 11.06 -1.17 8.80
C ILE A 35 11.42 -2.28 9.79
N LYS A 36 11.62 -1.93 11.06
CA LYS A 36 12.10 -2.90 12.03
C LYS A 36 10.95 -3.66 12.68
N LYS A 37 9.73 -3.17 12.51
CA LYS A 37 8.56 -3.86 12.99
C LYS A 37 8.13 -4.94 11.99
N LEU A 38 8.68 -4.86 10.78
CA LEU A 38 8.30 -5.77 9.71
C LEU A 38 9.23 -6.96 9.64
N LYS A 39 8.75 -8.01 8.99
CA LYS A 39 9.56 -9.18 8.70
C LYS A 39 10.18 -9.06 7.31
N GLY A 40 11.33 -8.41 7.24
CA GLY A 40 12.01 -8.23 5.98
C GLY A 40 13.02 -7.09 6.04
N LYS A 41 13.88 -7.01 5.03
CA LYS A 41 14.88 -5.96 4.98
C LYS A 41 14.37 -4.77 4.17
N TYR A 42 14.03 -3.69 4.86
CA TYR A 42 13.52 -2.50 4.22
C TYR A 42 14.31 -1.28 4.67
N LYS A 43 14.42 -0.30 3.80
CA LYS A 43 15.12 0.93 4.13
C LYS A 43 14.16 1.91 4.77
N ASP A 44 14.69 2.68 5.72
CA ASP A 44 13.87 3.49 6.62
C ASP A 44 13.37 4.77 5.96
N ASN A 45 13.12 4.71 4.67
CA ASN A 45 12.58 5.85 3.93
C ASN A 45 12.42 5.52 2.44
N GLU A 46 12.25 4.24 2.11
CA GLU A 46 12.13 3.85 0.73
C GLU A 46 10.68 3.70 0.35
N ALA A 47 10.41 3.87 -0.93
CA ALA A 47 9.06 3.72 -1.47
C ALA A 47 9.08 2.76 -2.64
N ILE A 48 7.99 2.05 -2.79
CA ILE A 48 7.84 1.07 -3.85
C ILE A 48 6.65 1.41 -4.73
N GLU A 49 6.93 1.96 -5.90
CA GLU A 49 5.89 2.35 -6.84
C GLU A 49 5.20 1.11 -7.43
N PHE A 50 3.89 1.05 -7.29
CA PHE A 50 3.10 -0.04 -7.84
C PHE A 50 1.76 0.48 -8.33
N SER A 51 1.31 -0.01 -9.46
CA SER A 51 0.05 0.42 -10.04
C SER A 51 -1.08 -0.46 -9.52
N PHE A 52 -2.26 0.12 -9.31
CA PHE A 52 -3.35 -0.64 -8.73
C PHE A 52 -4.63 -0.45 -9.53
N ASP A 53 -5.13 -1.55 -10.08
CA ASP A 53 -6.45 -1.54 -10.68
C ASP A 53 -7.47 -1.74 -9.58
N LEU A 54 -8.15 -0.67 -9.24
CA LEU A 54 -9.01 -0.63 -8.07
C LEU A 54 -10.15 -1.65 -8.13
N GLU A 55 -10.45 -2.13 -9.32
CA GLU A 55 -11.55 -3.06 -9.48
C GLU A 55 -11.05 -4.49 -9.69
N ARG A 56 -9.99 -4.64 -10.47
CA ARG A 56 -9.44 -5.96 -10.76
C ARG A 56 -8.44 -6.41 -9.69
N ASP A 57 -7.50 -5.54 -9.37
CA ASP A 57 -6.40 -5.91 -8.47
C ASP A 57 -6.87 -6.04 -7.03
N VAL A 58 -6.28 -6.99 -6.33
CA VAL A 58 -6.54 -7.22 -4.93
C VAL A 58 -5.28 -6.87 -4.13
N PRO A 59 -5.43 -6.12 -3.03
CA PRO A 59 -4.32 -5.71 -2.17
C PRO A 59 -3.41 -6.88 -1.78
N GLU A 60 -4.00 -8.04 -1.50
CA GLU A 60 -3.23 -9.23 -1.17
C GLU A 60 -2.55 -9.79 -2.41
N ASP A 61 -3.22 -9.68 -3.55
CA ASP A 61 -2.67 -10.12 -4.83
C ASP A 61 -1.45 -9.31 -5.20
N VAL A 62 -1.57 -8.01 -5.02
CA VAL A 62 -0.51 -7.08 -5.34
C VAL A 62 0.65 -7.20 -4.36
N ALA A 63 0.33 -7.45 -3.09
CA ALA A 63 1.37 -7.69 -2.09
C ALA A 63 2.12 -8.96 -2.42
N GLN A 64 1.47 -9.88 -3.12
CA GLN A 64 2.13 -11.07 -3.65
C GLN A 64 3.14 -10.66 -4.71
N GLU A 65 2.71 -9.81 -5.65
CA GLU A 65 3.60 -9.26 -6.65
C GLU A 65 4.80 -8.59 -5.99
N MET A 66 4.52 -7.90 -4.90
CA MET A 66 5.56 -7.25 -4.11
C MET A 66 6.60 -8.25 -3.63
N VAL A 67 6.13 -9.38 -3.12
CA VAL A 67 7.01 -10.42 -2.64
C VAL A 67 7.73 -11.10 -3.80
N GLU A 68 6.98 -11.46 -4.83
CA GLU A 68 7.53 -12.17 -5.98
C GLU A 68 8.61 -11.35 -6.68
N SER A 69 8.44 -10.04 -6.70
CA SER A 69 9.38 -9.18 -7.41
C SER A 69 10.58 -8.83 -6.52
N GLY A 70 10.55 -9.27 -5.27
CA GLY A 70 11.69 -9.06 -4.39
C GLY A 70 11.64 -7.75 -3.63
N TYR A 71 10.46 -7.15 -3.56
CA TYR A 71 10.29 -5.90 -2.82
C TYR A 71 9.97 -6.22 -1.36
N VAL A 72 8.94 -7.02 -1.17
CA VAL A 72 8.48 -7.38 0.17
C VAL A 72 8.88 -8.81 0.50
N CYS A 73 9.17 -9.06 1.76
CA CYS A 73 9.42 -10.41 2.24
C CYS A 73 8.09 -11.06 2.57
N GLU A 74 8.00 -12.37 2.33
CA GLU A 74 6.74 -13.10 2.46
C GLU A 74 6.21 -13.12 3.89
N GLY A 75 6.97 -12.56 4.82
CA GLY A 75 6.54 -12.51 6.19
C GLY A 75 5.67 -11.30 6.50
N ASP A 76 5.61 -10.35 5.58
CA ASP A 76 4.82 -9.13 5.80
C ASP A 76 3.80 -8.94 4.68
N HIS A 77 3.39 -10.04 4.07
CA HIS A 77 2.43 -10.01 2.97
C HIS A 77 1.12 -9.34 3.39
N LYS A 78 0.57 -9.78 4.52
CA LYS A 78 -0.72 -9.27 4.98
C LYS A 78 -0.62 -7.81 5.40
N THR A 79 0.55 -7.44 5.90
CA THR A 79 0.83 -6.08 6.33
C THR A 79 0.82 -5.12 5.14
N MET A 80 1.55 -5.49 4.09
CA MET A 80 1.63 -4.69 2.89
C MET A 80 0.27 -4.57 2.23
N ALA A 81 -0.44 -5.69 2.19
CA ALA A 81 -1.79 -5.74 1.65
C ALA A 81 -2.71 -4.78 2.39
N LYS A 82 -2.49 -4.66 3.70
CA LYS A 82 -3.28 -3.77 4.51
C LYS A 82 -2.97 -2.32 4.18
N ALA A 83 -1.70 -2.02 3.95
CA ALA A 83 -1.29 -0.69 3.55
C ALA A 83 -1.98 -0.30 2.25
N ILE A 84 -1.93 -1.23 1.30
CA ILE A 84 -2.60 -1.07 0.03
C ILE A 84 -4.11 -0.88 0.22
N LYS A 85 -4.72 -1.81 0.94
CA LYS A 85 -6.16 -1.79 1.16
C LYS A 85 -6.60 -0.55 1.92
N ASP A 86 -5.78 -0.13 2.88
CA ASP A 86 -6.09 1.07 3.68
C ASP A 86 -6.17 2.29 2.78
N ARG A 87 -5.15 2.44 1.93
CA ARG A 87 -5.08 3.55 1.01
C ARG A 87 -6.20 3.47 -0.03
N VAL A 88 -6.37 2.28 -0.60
CA VAL A 88 -7.42 2.05 -1.59
C VAL A 88 -8.79 2.36 -1.02
N SER A 89 -9.00 2.01 0.26
CA SER A 89 -10.25 2.29 0.93
C SER A 89 -10.48 3.80 1.04
N LEU A 90 -9.42 4.52 1.39
CA LEU A 90 -9.49 5.98 1.49
C LEU A 90 -9.72 6.60 0.10
N ILE A 91 -9.05 6.02 -0.88
CA ILE A 91 -9.20 6.42 -2.27
C ILE A 91 -10.64 6.26 -2.72
N LYS A 92 -11.20 5.09 -2.51
CA LYS A 92 -12.57 4.82 -2.90
C LYS A 92 -13.56 5.61 -2.03
N ARG A 93 -13.15 5.90 -0.79
CA ARG A 93 -13.95 6.70 0.13
C ARG A 93 -14.16 8.11 -0.44
N LYS A 94 -13.10 8.69 -0.97
CA LYS A 94 -13.18 9.99 -1.61
C LYS A 94 -14.04 9.93 -2.86
N ARG A 95 -14.03 8.76 -3.49
CA ARG A 95 -14.76 8.54 -4.73
C ARG A 95 -16.23 8.22 -4.46
N GLU A 96 -16.63 8.25 -3.20
CA GLU A 96 -18.02 8.13 -2.84
C GLU A 96 -18.66 9.52 -2.84
N GLN A 97 -17.89 10.47 -3.36
CA GLN A 97 -18.32 11.85 -3.47
C GLN A 97 -17.93 12.37 -4.85
N ARG A 98 -18.35 11.65 -5.88
CA ARG A 98 -18.03 12.00 -7.26
C ARG A 98 -18.83 13.21 -7.70
#